data_7DVN
# 
_entry.id   7DVN 
# 
_audit_conform.dict_name       mmcif_pdbx.dic 
_audit_conform.dict_version    5.392 
_audit_conform.dict_location   http://mmcif.pdb.org/dictionaries/ascii/mmcif_pdbx.dic 
# 
loop_
_database_2.database_id 
_database_2.database_code 
_database_2.pdbx_database_accession 
_database_2.pdbx_DOI 
PDB   7DVN         pdb_00007dvn 10.2210/pdb7dvn/pdb 
WWPDB D_1300020268 ?            ?                   
# 
loop_
_pdbx_audit_revision_history.ordinal 
_pdbx_audit_revision_history.data_content_type 
_pdbx_audit_revision_history.major_revision 
_pdbx_audit_revision_history.minor_revision 
_pdbx_audit_revision_history.revision_date 
1 'Structure model' 1 0 2021-11-24 
2 'Structure model' 1 1 2024-05-29 
# 
_pdbx_audit_revision_details.ordinal             1 
_pdbx_audit_revision_details.revision_ordinal    1 
_pdbx_audit_revision_details.data_content_type   'Structure model' 
_pdbx_audit_revision_details.provider            repository 
_pdbx_audit_revision_details.type                'Initial release' 
_pdbx_audit_revision_details.description         ? 
_pdbx_audit_revision_details.details             ? 
# 
_pdbx_audit_revision_group.ordinal             1 
_pdbx_audit_revision_group.revision_ordinal    2 
_pdbx_audit_revision_group.data_content_type   'Structure model' 
_pdbx_audit_revision_group.group               'Data collection' 
# 
loop_
_pdbx_audit_revision_category.ordinal 
_pdbx_audit_revision_category.revision_ordinal 
_pdbx_audit_revision_category.data_content_type 
_pdbx_audit_revision_category.category 
1 2 'Structure model' chem_comp_atom 
2 2 'Structure model' chem_comp_bond 
# 
_pdbx_database_status.status_code                     REL 
_pdbx_database_status.status_code_sf                  REL 
_pdbx_database_status.status_code_mr                  ? 
_pdbx_database_status.entry_id                        7DVN 
_pdbx_database_status.recvd_initial_deposition_date   2021-01-14 
_pdbx_database_status.SG_entry                        N 
_pdbx_database_status.deposit_site                    PDBJ 
_pdbx_database_status.process_site                    PDBJ 
_pdbx_database_status.status_code_cs                  ? 
_pdbx_database_status.status_code_nmr_data            ? 
_pdbx_database_status.methods_development_category    ? 
_pdbx_database_status.pdb_format_compatible           Y 
# 
loop_
_audit_author.name 
_audit_author.pdbx_ordinal 
_audit_author.identifier_ORCID 
'Lee, C.W.' 1 0000-0001-9447-0916 
'Hwang, J.' 2 0000-0002-9835-5912 
'Do, H.'    3 0000-0001-7663-2010 
'Lee, J.H.' 4 0000-0002-4831-2228 
# 
_citation.abstract                  ? 
_citation.abstract_id_CAS           ? 
_citation.book_id_ISBN              ? 
_citation.book_publisher            ? 
_citation.book_publisher_city       ? 
_citation.book_title                ? 
_citation.coordinate_linkage        ? 
_citation.country                   UK 
_citation.database_id_Medline       ? 
_citation.details                   ? 
_citation.id                        primary 
_citation.journal_abbrev            Iucrj 
_citation.journal_id_ASTM           ? 
_citation.journal_id_CSD            ? 
_citation.journal_id_ISSN           2052-2525 
_citation.journal_full              ? 
_citation.journal_issue             ? 
_citation.journal_volume            8 
_citation.language                  ? 
_citation.page_first                842 
_citation.page_last                 852 
_citation.title                     
;Crystal structure of a MarR family protein from the psychrophilic bacterium Paenisporosarcina sp. TG-14 in complex with a lipid-like molecule.
;
_citation.year                      2021 
_citation.database_id_CSD           ? 
_citation.pdbx_database_id_DOI      10.1107/S2052252521005704 
_citation.pdbx_database_id_PubMed   34584745 
_citation.unpublished_flag          ? 
# 
loop_
_citation_author.citation_id 
_citation_author.name 
_citation_author.ordinal 
_citation_author.identifier_ORCID 
primary 'Hwang, J.'  1  0000-0002-9835-5912 
primary 'Park, S.H.' 2  ?                   
primary 'Lee, C.W.'  3  ?                   
primary 'Do, H.'     4  ?                   
primary 'Shin, S.C.' 5  ?                   
primary 'Kim, H.W.'  6  ?                   
primary 'Lee, S.G.'  7  ?                   
primary 'Park, H.H.' 8  0000-0001-9928-0847 
primary 'Kwon, S.'   9  ?                   
primary 'Lee, J.H.'  10 0000-0002-4831-2228 
# 
loop_
_entity.id 
_entity.type 
_entity.src_method 
_entity.pdbx_description 
_entity.formula_weight 
_entity.pdbx_number_of_molecules 
_entity.pdbx_ec 
_entity.pdbx_mutation 
_entity.pdbx_fragment 
_entity.details 
1 polymer     man 'MarR family transcriptional regulator' 16937.818 1   ? ? ? 'complex with palmitic acid' 
2 non-polymer syn 'PALMITIC ACID'                         256.424   1   ? ? ? ?                            
3 water       nat water                                   18.015    143 ? ? ? ?                            
# 
_entity_poly.entity_id                      1 
_entity_poly.type                           'polypeptide(L)' 
_entity_poly.nstd_linkage                   no 
_entity_poly.nstd_monomer                   no 
_entity_poly.pdbx_seq_one_letter_code       
;MDKRIQEAVSLFEEVLIYGTERVIRSVDDPLWREYSPEQMQVLKLIYKEGEITSGRLAILQGVHKSAISNRLKKLIEKEV
ISIKPSGDKREKILVLTALGETVIKQSDAVLHEYIGKLMTNKVDDQEIEQFLVTFRKLKEILKMNGV
;
_entity_poly.pdbx_seq_one_letter_code_can   
;MDKRIQEAVSLFEEVLIYGTERVIRSVDDPLWREYSPEQMQVLKLIYKEGEITSGRLAILQGVHKSAISNRLKKLIEKEV
ISIKPSGDKREKILVLTALGETVIKQSDAVLHEYIGKLMTNKVDDQEIEQFLVTFRKLKEILKMNGV
;
_entity_poly.pdbx_strand_id                 A 
_entity_poly.pdbx_target_identifier         ? 
# 
loop_
_pdbx_entity_nonpoly.entity_id 
_pdbx_entity_nonpoly.name 
_pdbx_entity_nonpoly.comp_id 
2 'PALMITIC ACID' PLM 
3 water           HOH 
# 
loop_
_entity_poly_seq.entity_id 
_entity_poly_seq.num 
_entity_poly_seq.mon_id 
_entity_poly_seq.hetero 
1 1   MET n 
1 2   ASP n 
1 3   LYS n 
1 4   ARG n 
1 5   ILE n 
1 6   GLN n 
1 7   GLU n 
1 8   ALA n 
1 9   VAL n 
1 10  SER n 
1 11  LEU n 
1 12  PHE n 
1 13  GLU n 
1 14  GLU n 
1 15  VAL n 
1 16  LEU n 
1 17  ILE n 
1 18  TYR n 
1 19  GLY n 
1 20  THR n 
1 21  GLU n 
1 22  ARG n 
1 23  VAL n 
1 24  ILE n 
1 25  ARG n 
1 26  SER n 
1 27  VAL n 
1 28  ASP n 
1 29  ASP n 
1 30  PRO n 
1 31  LEU n 
1 32  TRP n 
1 33  ARG n 
1 34  GLU n 
1 35  TYR n 
1 36  SER n 
1 37  PRO n 
1 38  GLU n 
1 39  GLN n 
1 40  MET n 
1 41  GLN n 
1 42  VAL n 
1 43  LEU n 
1 44  LYS n 
1 45  LEU n 
1 46  ILE n 
1 47  TYR n 
1 48  LYS n 
1 49  GLU n 
1 50  GLY n 
1 51  GLU n 
1 52  ILE n 
1 53  THR n 
1 54  SER n 
1 55  GLY n 
1 56  ARG n 
1 57  LEU n 
1 58  ALA n 
1 59  ILE n 
1 60  LEU n 
1 61  GLN n 
1 62  GLY n 
1 63  VAL n 
1 64  HIS n 
1 65  LYS n 
1 66  SER n 
1 67  ALA n 
1 68  ILE n 
1 69  SER n 
1 70  ASN n 
1 71  ARG n 
1 72  LEU n 
1 73  LYS n 
1 74  LYS n 
1 75  LEU n 
1 76  ILE n 
1 77  GLU n 
1 78  LYS n 
1 79  GLU n 
1 80  VAL n 
1 81  ILE n 
1 82  SER n 
1 83  ILE n 
1 84  LYS n 
1 85  PRO n 
1 86  SER n 
1 87  GLY n 
1 88  ASP n 
1 89  LYS n 
1 90  ARG n 
1 91  GLU n 
1 92  LYS n 
1 93  ILE n 
1 94  LEU n 
1 95  VAL n 
1 96  LEU n 
1 97  THR n 
1 98  ALA n 
1 99  LEU n 
1 100 GLY n 
1 101 GLU n 
1 102 THR n 
1 103 VAL n 
1 104 ILE n 
1 105 LYS n 
1 106 GLN n 
1 107 SER n 
1 108 ASP n 
1 109 ALA n 
1 110 VAL n 
1 111 LEU n 
1 112 HIS n 
1 113 GLU n 
1 114 TYR n 
1 115 ILE n 
1 116 GLY n 
1 117 LYS n 
1 118 LEU n 
1 119 MET n 
1 120 THR n 
1 121 ASN n 
1 122 LYS n 
1 123 VAL n 
1 124 ASP n 
1 125 ASP n 
1 126 GLN n 
1 127 GLU n 
1 128 ILE n 
1 129 GLU n 
1 130 GLN n 
1 131 PHE n 
1 132 LEU n 
1 133 VAL n 
1 134 THR n 
1 135 PHE n 
1 136 ARG n 
1 137 LYS n 
1 138 LEU n 
1 139 LYS n 
1 140 GLU n 
1 141 ILE n 
1 142 LEU n 
1 143 LYS n 
1 144 MET n 
1 145 ASN n 
1 146 GLY n 
1 147 VAL n 
# 
_entity_src_gen.entity_id                          1 
_entity_src_gen.pdbx_src_id                        1 
_entity_src_gen.pdbx_alt_source_flag               sample 
_entity_src_gen.pdbx_seq_type                      'Biological sequence' 
_entity_src_gen.pdbx_beg_seq_num                   1 
_entity_src_gen.pdbx_end_seq_num                   147 
_entity_src_gen.gene_src_common_name               ? 
_entity_src_gen.gene_src_genus                     ? 
_entity_src_gen.pdbx_gene_src_gene                 E2636_00495 
_entity_src_gen.gene_src_species                   ? 
_entity_src_gen.gene_src_strain                    ? 
_entity_src_gen.gene_src_tissue                    ? 
_entity_src_gen.gene_src_tissue_fraction           ? 
_entity_src_gen.gene_src_details                   ? 
_entity_src_gen.pdbx_gene_src_fragment             ? 
_entity_src_gen.pdbx_gene_src_scientific_name      'Paenisporosarcina sp. TG-14' 
_entity_src_gen.pdbx_gene_src_ncbi_taxonomy_id     1231057 
_entity_src_gen.pdbx_gene_src_variant              ? 
_entity_src_gen.pdbx_gene_src_cell_line            ? 
_entity_src_gen.pdbx_gene_src_atcc                 ? 
_entity_src_gen.pdbx_gene_src_organ                ? 
_entity_src_gen.pdbx_gene_src_organelle            ? 
_entity_src_gen.pdbx_gene_src_cell                 ? 
_entity_src_gen.pdbx_gene_src_cellular_location    ? 
_entity_src_gen.host_org_common_name               ? 
_entity_src_gen.pdbx_host_org_scientific_name      'Escherichia coli' 
_entity_src_gen.pdbx_host_org_ncbi_taxonomy_id     562 
_entity_src_gen.host_org_genus                     ? 
_entity_src_gen.pdbx_host_org_gene                 ? 
_entity_src_gen.pdbx_host_org_organ                ? 
_entity_src_gen.host_org_species                   ? 
_entity_src_gen.pdbx_host_org_tissue               ? 
_entity_src_gen.pdbx_host_org_tissue_fraction      ? 
_entity_src_gen.pdbx_host_org_strain               ? 
_entity_src_gen.pdbx_host_org_variant              ? 
_entity_src_gen.pdbx_host_org_cell_line            ? 
_entity_src_gen.pdbx_host_org_atcc                 ? 
_entity_src_gen.pdbx_host_org_culture_collection   ? 
_entity_src_gen.pdbx_host_org_cell                 ? 
_entity_src_gen.pdbx_host_org_organelle            ? 
_entity_src_gen.pdbx_host_org_cellular_location    ? 
_entity_src_gen.pdbx_host_org_vector_type          ? 
_entity_src_gen.pdbx_host_org_vector               ? 
_entity_src_gen.host_org_details                   ? 
_entity_src_gen.expression_system_id               ? 
_entity_src_gen.plasmid_name                       ? 
_entity_src_gen.plasmid_details                    ? 
_entity_src_gen.pdbx_description                   ? 
# 
loop_
_chem_comp.id 
_chem_comp.type 
_chem_comp.mon_nstd_flag 
_chem_comp.name 
_chem_comp.pdbx_synonyms 
_chem_comp.formula 
_chem_comp.formula_weight 
ALA 'L-peptide linking' y ALANINE         ? 'C3 H7 N O2'     89.093  
ARG 'L-peptide linking' y ARGININE        ? 'C6 H15 N4 O2 1' 175.209 
ASN 'L-peptide linking' y ASPARAGINE      ? 'C4 H8 N2 O3'    132.118 
ASP 'L-peptide linking' y 'ASPARTIC ACID' ? 'C4 H7 N O4'     133.103 
GLN 'L-peptide linking' y GLUTAMINE       ? 'C5 H10 N2 O3'   146.144 
GLU 'L-peptide linking' y 'GLUTAMIC ACID' ? 'C5 H9 N O4'     147.129 
GLY 'peptide linking'   y GLYCINE         ? 'C2 H5 N O2'     75.067  
HIS 'L-peptide linking' y HISTIDINE       ? 'C6 H10 N3 O2 1' 156.162 
HOH non-polymer         . WATER           ? 'H2 O'           18.015  
ILE 'L-peptide linking' y ISOLEUCINE      ? 'C6 H13 N O2'    131.173 
LEU 'L-peptide linking' y LEUCINE         ? 'C6 H13 N O2'    131.173 
LYS 'L-peptide linking' y LYSINE          ? 'C6 H15 N2 O2 1' 147.195 
MET 'L-peptide linking' y METHIONINE      ? 'C5 H11 N O2 S'  149.211 
PHE 'L-peptide linking' y PHENYLALANINE   ? 'C9 H11 N O2'    165.189 
PLM non-polymer         . 'PALMITIC ACID' ? 'C16 H32 O2'     256.424 
PRO 'L-peptide linking' y PROLINE         ? 'C5 H9 N O2'     115.130 
SER 'L-peptide linking' y SERINE          ? 'C3 H7 N O3'     105.093 
THR 'L-peptide linking' y THREONINE       ? 'C4 H9 N O3'     119.119 
TRP 'L-peptide linking' y TRYPTOPHAN      ? 'C11 H12 N2 O2'  204.225 
TYR 'L-peptide linking' y TYROSINE        ? 'C9 H11 N O3'    181.189 
VAL 'L-peptide linking' y VALINE          ? 'C5 H11 N O2'    117.146 
# 
loop_
_pdbx_poly_seq_scheme.asym_id 
_pdbx_poly_seq_scheme.entity_id 
_pdbx_poly_seq_scheme.seq_id 
_pdbx_poly_seq_scheme.mon_id 
_pdbx_poly_seq_scheme.ndb_seq_num 
_pdbx_poly_seq_scheme.pdb_seq_num 
_pdbx_poly_seq_scheme.auth_seq_num 
_pdbx_poly_seq_scheme.pdb_mon_id 
_pdbx_poly_seq_scheme.auth_mon_id 
_pdbx_poly_seq_scheme.pdb_strand_id 
_pdbx_poly_seq_scheme.pdb_ins_code 
_pdbx_poly_seq_scheme.hetero 
A 1 1   MET 1   1   1   MET MET A . n 
A 1 2   ASP 2   2   2   ASP ASP A . n 
A 1 3   LYS 3   3   3   LYS LYS A . n 
A 1 4   ARG 4   4   4   ARG ARG A . n 
A 1 5   ILE 5   5   5   ILE ILE A . n 
A 1 6   GLN 6   6   6   GLN GLN A . n 
A 1 7   GLU 7   7   7   GLU GLU A . n 
A 1 8   ALA 8   8   8   ALA ALA A . n 
A 1 9   VAL 9   9   9   VAL VAL A . n 
A 1 10  SER 10  10  10  SER SER A . n 
A 1 11  LEU 11  11  11  LEU LEU A . n 
A 1 12  PHE 12  12  12  PHE PHE A . n 
A 1 13  GLU 13  13  13  GLU GLU A . n 
A 1 14  GLU 14  14  14  GLU GLU A . n 
A 1 15  VAL 15  15  15  VAL VAL A . n 
A 1 16  LEU 16  16  16  LEU LEU A . n 
A 1 17  ILE 17  17  17  ILE ILE A . n 
A 1 18  TYR 18  18  18  TYR TYR A . n 
A 1 19  GLY 19  19  19  GLY GLY A . n 
A 1 20  THR 20  20  20  THR THR A . n 
A 1 21  GLU 21  21  21  GLU GLU A . n 
A 1 22  ARG 22  22  22  ARG ARG A . n 
A 1 23  VAL 23  23  23  VAL VAL A . n 
A 1 24  ILE 24  24  24  ILE ILE A . n 
A 1 25  ARG 25  25  25  ARG ARG A . n 
A 1 26  SER 26  26  26  SER SER A . n 
A 1 27  VAL 27  27  27  VAL VAL A . n 
A 1 28  ASP 28  28  28  ASP ASP A . n 
A 1 29  ASP 29  29  29  ASP ASP A . n 
A 1 30  PRO 30  30  30  PRO PRO A . n 
A 1 31  LEU 31  31  31  LEU LEU A . n 
A 1 32  TRP 32  32  32  TRP TRP A . n 
A 1 33  ARG 33  33  33  ARG ARG A . n 
A 1 34  GLU 34  34  34  GLU GLU A . n 
A 1 35  TYR 35  35  35  TYR TYR A . n 
A 1 36  SER 36  36  36  SER SER A . n 
A 1 37  PRO 37  37  37  PRO PRO A . n 
A 1 38  GLU 38  38  38  GLU GLU A . n 
A 1 39  GLN 39  39  39  GLN GLN A . n 
A 1 40  MET 40  40  40  MET MET A . n 
A 1 41  GLN 41  41  41  GLN GLN A . n 
A 1 42  VAL 42  42  42  VAL VAL A . n 
A 1 43  LEU 43  43  43  LEU LEU A . n 
A 1 44  LYS 44  44  44  LYS LYS A . n 
A 1 45  LEU 45  45  45  LEU LEU A . n 
A 1 46  ILE 46  46  46  ILE ILE A . n 
A 1 47  TYR 47  47  47  TYR TYR A . n 
A 1 48  LYS 48  48  48  LYS LYS A . n 
A 1 49  GLU 49  49  49  GLU GLU A . n 
A 1 50  GLY 50  50  ?   ?   ?   A . n 
A 1 51  GLU 51  51  ?   ?   ?   A . n 
A 1 52  ILE 52  52  52  ILE ILE A . n 
A 1 53  THR 53  53  53  THR THR A . n 
A 1 54  SER 54  54  54  SER SER A . n 
A 1 55  GLY 55  55  55  GLY GLY A . n 
A 1 56  ARG 56  56  56  ARG ARG A . n 
A 1 57  LEU 57  57  57  LEU LEU A . n 
A 1 58  ALA 58  58  58  ALA ALA A . n 
A 1 59  ILE 59  59  59  ILE ILE A . n 
A 1 60  LEU 60  60  60  LEU LEU A . n 
A 1 61  GLN 61  61  61  GLN GLN A . n 
A 1 62  GLY 62  62  62  GLY GLY A . n 
A 1 63  VAL 63  63  63  VAL VAL A . n 
A 1 64  HIS 64  64  64  HIS HIS A . n 
A 1 65  LYS 65  65  65  LYS LYS A . n 
A 1 66  SER 66  66  66  SER SER A . n 
A 1 67  ALA 67  67  67  ALA ALA A . n 
A 1 68  ILE 68  68  68  ILE ILE A . n 
A 1 69  SER 69  69  69  SER SER A . n 
A 1 70  ASN 70  70  70  ASN ASN A . n 
A 1 71  ARG 71  71  71  ARG ARG A . n 
A 1 72  LEU 72  72  72  LEU LEU A . n 
A 1 73  LYS 73  73  73  LYS LYS A . n 
A 1 74  LYS 74  74  74  LYS LYS A . n 
A 1 75  LEU 75  75  75  LEU LEU A . n 
A 1 76  ILE 76  76  76  ILE ILE A . n 
A 1 77  GLU 77  77  77  GLU GLU A . n 
A 1 78  LYS 78  78  78  LYS LYS A . n 
A 1 79  GLU 79  79  79  GLU GLU A . n 
A 1 80  VAL 80  80  80  VAL VAL A . n 
A 1 81  ILE 81  81  81  ILE ILE A . n 
A 1 82  SER 82  82  82  SER SER A . n 
A 1 83  ILE 83  83  83  ILE ILE A . n 
A 1 84  LYS 84  84  84  LYS LYS A . n 
A 1 85  PRO 85  85  ?   ?   ?   A . n 
A 1 86  SER 86  86  ?   ?   ?   A . n 
A 1 87  GLY 87  87  ?   ?   ?   A . n 
A 1 88  ASP 88  88  ?   ?   ?   A . n 
A 1 89  LYS 89  89  ?   ?   ?   A . n 
A 1 90  ARG 90  90  ?   ?   ?   A . n 
A 1 91  GLU 91  91  ?   ?   ?   A . n 
A 1 92  LYS 92  92  ?   ?   ?   A . n 
A 1 93  ILE 93  93  93  ILE ILE A . n 
A 1 94  LEU 94  94  94  LEU LEU A . n 
A 1 95  VAL 95  95  95  VAL VAL A . n 
A 1 96  LEU 96  96  96  LEU LEU A . n 
A 1 97  THR 97  97  97  THR THR A . n 
A 1 98  ALA 98  98  98  ALA ALA A . n 
A 1 99  LEU 99  99  99  LEU LEU A . n 
A 1 100 GLY 100 100 100 GLY GLY A . n 
A 1 101 GLU 101 101 101 GLU GLU A . n 
A 1 102 THR 102 102 102 THR THR A . n 
A 1 103 VAL 103 103 103 VAL VAL A . n 
A 1 104 ILE 104 104 104 ILE ILE A . n 
A 1 105 LYS 105 105 105 LYS LYS A . n 
A 1 106 GLN 106 106 106 GLN GLN A . n 
A 1 107 SER 107 107 107 SER SER A . n 
A 1 108 ASP 108 108 108 ASP ASP A . n 
A 1 109 ALA 109 109 109 ALA ALA A . n 
A 1 110 VAL 110 110 110 VAL VAL A . n 
A 1 111 LEU 111 111 111 LEU LEU A . n 
A 1 112 HIS 112 112 112 HIS HIS A . n 
A 1 113 GLU 113 113 113 GLU GLU A . n 
A 1 114 TYR 114 114 114 TYR TYR A . n 
A 1 115 ILE 115 115 115 ILE ILE A . n 
A 1 116 GLY 116 116 116 GLY GLY A . n 
A 1 117 LYS 117 117 117 LYS LYS A . n 
A 1 118 LEU 118 118 118 LEU LEU A . n 
A 1 119 MET 119 119 119 MET MET A . n 
A 1 120 THR 120 120 120 THR THR A . n 
A 1 121 ASN 121 121 121 ASN ASN A . n 
A 1 122 LYS 122 122 122 LYS LYS A . n 
A 1 123 VAL 123 123 123 VAL VAL A . n 
A 1 124 ASP 124 124 124 ASP ASP A . n 
A 1 125 ASP 125 125 125 ASP ASP A . n 
A 1 126 GLN 126 126 126 GLN GLN A . n 
A 1 127 GLU 127 127 127 GLU GLU A . n 
A 1 128 ILE 128 128 128 ILE ILE A . n 
A 1 129 GLU 129 129 129 GLU GLU A . n 
A 1 130 GLN 130 130 130 GLN GLN A . n 
A 1 131 PHE 131 131 131 PHE PHE A . n 
A 1 132 LEU 132 132 132 LEU LEU A . n 
A 1 133 VAL 133 133 133 VAL VAL A . n 
A 1 134 THR 134 134 134 THR THR A . n 
A 1 135 PHE 135 135 135 PHE PHE A . n 
A 1 136 ARG 136 136 136 ARG ARG A . n 
A 1 137 LYS 137 137 137 LYS LYS A . n 
A 1 138 LEU 138 138 138 LEU LEU A . n 
A 1 139 LYS 139 139 139 LYS LYS A . n 
A 1 140 GLU 140 140 140 GLU GLU A . n 
A 1 141 ILE 141 141 141 ILE ILE A . n 
A 1 142 LEU 142 142 142 LEU LEU A . n 
A 1 143 LYS 143 143 143 LYS LYS A . n 
A 1 144 MET 144 144 144 MET MET A . n 
A 1 145 ASN 145 145 145 ASN ASN A . n 
A 1 146 GLY 146 146 ?   ?   ?   A . n 
A 1 147 VAL 147 147 ?   ?   ?   A . n 
# 
loop_
_pdbx_nonpoly_scheme.asym_id 
_pdbx_nonpoly_scheme.entity_id 
_pdbx_nonpoly_scheme.mon_id 
_pdbx_nonpoly_scheme.ndb_seq_num 
_pdbx_nonpoly_scheme.pdb_seq_num 
_pdbx_nonpoly_scheme.auth_seq_num 
_pdbx_nonpoly_scheme.pdb_mon_id 
_pdbx_nonpoly_scheme.auth_mon_id 
_pdbx_nonpoly_scheme.pdb_strand_id 
_pdbx_nonpoly_scheme.pdb_ins_code 
B 2 PLM 1   201 1   PLM PLM A . 
C 3 HOH 1   301 38  HOH HOH A . 
C 3 HOH 2   302 59  HOH HOH A . 
C 3 HOH 3   303 10  HOH HOH A . 
C 3 HOH 4   304 3   HOH HOH A . 
C 3 HOH 5   305 32  HOH HOH A . 
C 3 HOH 6   306 49  HOH HOH A . 
C 3 HOH 7   307 160 HOH HOH A . 
C 3 HOH 8   308 9   HOH HOH A . 
C 3 HOH 9   309 134 HOH HOH A . 
C 3 HOH 10  310 41  HOH HOH A . 
C 3 HOH 11  311 83  HOH HOH A . 
C 3 HOH 12  312 114 HOH HOH A . 
C 3 HOH 13  313 100 HOH HOH A . 
C 3 HOH 14  314 99  HOH HOH A . 
C 3 HOH 15  315 77  HOH HOH A . 
C 3 HOH 16  316 126 HOH HOH A . 
C 3 HOH 17  317 64  HOH HOH A . 
C 3 HOH 18  318 85  HOH HOH A . 
C 3 HOH 19  319 54  HOH HOH A . 
C 3 HOH 20  320 40  HOH HOH A . 
C 3 HOH 21  321 125 HOH HOH A . 
C 3 HOH 22  322 110 HOH HOH A . 
C 3 HOH 23  323 151 HOH HOH A . 
C 3 HOH 24  324 89  HOH HOH A . 
C 3 HOH 25  325 28  HOH HOH A . 
C 3 HOH 26  326 72  HOH HOH A . 
C 3 HOH 27  327 21  HOH HOH A . 
C 3 HOH 28  328 92  HOH HOH A . 
C 3 HOH 29  329 75  HOH HOH A . 
C 3 HOH 30  330 45  HOH HOH A . 
C 3 HOH 31  331 29  HOH HOH A . 
C 3 HOH 32  332 18  HOH HOH A . 
C 3 HOH 33  333 139 HOH HOH A . 
C 3 HOH 34  334 44  HOH HOH A . 
C 3 HOH 35  335 56  HOH HOH A . 
C 3 HOH 36  336 65  HOH HOH A . 
C 3 HOH 37  337 17  HOH HOH A . 
C 3 HOH 38  338 42  HOH HOH A . 
C 3 HOH 39  339 82  HOH HOH A . 
C 3 HOH 40  340 55  HOH HOH A . 
C 3 HOH 41  341 31  HOH HOH A . 
C 3 HOH 42  342 66  HOH HOH A . 
C 3 HOH 43  343 53  HOH HOH A . 
C 3 HOH 44  344 105 HOH HOH A . 
C 3 HOH 45  345 94  HOH HOH A . 
C 3 HOH 46  346 4   HOH HOH A . 
C 3 HOH 47  347 16  HOH HOH A . 
C 3 HOH 48  348 35  HOH HOH A . 
C 3 HOH 49  349 37  HOH HOH A . 
C 3 HOH 50  350 87  HOH HOH A . 
C 3 HOH 51  351 13  HOH HOH A . 
C 3 HOH 52  352 36  HOH HOH A . 
C 3 HOH 53  353 7   HOH HOH A . 
C 3 HOH 54  354 67  HOH HOH A . 
C 3 HOH 55  355 73  HOH HOH A . 
C 3 HOH 56  356 91  HOH HOH A . 
C 3 HOH 57  357 153 HOH HOH A . 
C 3 HOH 58  358 39  HOH HOH A . 
C 3 HOH 59  359 51  HOH HOH A . 
C 3 HOH 60  360 26  HOH HOH A . 
C 3 HOH 61  361 2   HOH HOH A . 
C 3 HOH 62  362 5   HOH HOH A . 
C 3 HOH 63  363 68  HOH HOH A . 
C 3 HOH 64  364 124 HOH HOH A . 
C 3 HOH 65  365 23  HOH HOH A . 
C 3 HOH 66  366 112 HOH HOH A . 
C 3 HOH 67  367 24  HOH HOH A . 
C 3 HOH 68  368 8   HOH HOH A . 
C 3 HOH 69  369 60  HOH HOH A . 
C 3 HOH 70  370 22  HOH HOH A . 
C 3 HOH 71  371 12  HOH HOH A . 
C 3 HOH 72  372 95  HOH HOH A . 
C 3 HOH 73  373 123 HOH HOH A . 
C 3 HOH 74  374 14  HOH HOH A . 
C 3 HOH 75  375 133 HOH HOH A . 
C 3 HOH 76  376 129 HOH HOH A . 
C 3 HOH 77  377 1   HOH HOH A . 
C 3 HOH 78  378 33  HOH HOH A . 
C 3 HOH 79  379 116 HOH HOH A . 
C 3 HOH 80  380 101 HOH HOH A . 
C 3 HOH 81  381 69  HOH HOH A . 
C 3 HOH 82  382 58  HOH HOH A . 
C 3 HOH 83  383 80  HOH HOH A . 
C 3 HOH 84  384 6   HOH HOH A . 
C 3 HOH 85  385 62  HOH HOH A . 
C 3 HOH 86  386 61  HOH HOH A . 
C 3 HOH 87  387 143 HOH HOH A . 
C 3 HOH 88  388 27  HOH HOH A . 
C 3 HOH 89  389 106 HOH HOH A . 
C 3 HOH 90  390 19  HOH HOH A . 
C 3 HOH 91  391 108 HOH HOH A . 
C 3 HOH 92  392 70  HOH HOH A . 
C 3 HOH 93  393 30  HOH HOH A . 
C 3 HOH 94  394 11  HOH HOH A . 
C 3 HOH 95  395 98  HOH HOH A . 
C 3 HOH 96  396 20  HOH HOH A . 
C 3 HOH 97  397 46  HOH HOH A . 
C 3 HOH 98  398 34  HOH HOH A . 
C 3 HOH 99  399 138 HOH HOH A . 
C 3 HOH 100 400 47  HOH HOH A . 
C 3 HOH 101 401 102 HOH HOH A . 
C 3 HOH 102 402 48  HOH HOH A . 
C 3 HOH 103 403 81  HOH HOH A . 
C 3 HOH 104 404 128 HOH HOH A . 
C 3 HOH 105 405 74  HOH HOH A . 
C 3 HOH 106 406 146 HOH HOH A . 
C 3 HOH 107 407 131 HOH HOH A . 
C 3 HOH 108 408 15  HOH HOH A . 
C 3 HOH 109 409 127 HOH HOH A . 
C 3 HOH 110 410 148 HOH HOH A . 
C 3 HOH 111 411 43  HOH HOH A . 
C 3 HOH 112 412 145 HOH HOH A . 
C 3 HOH 113 413 79  HOH HOH A . 
C 3 HOH 114 414 107 HOH HOH A . 
C 3 HOH 115 415 86  HOH HOH A . 
C 3 HOH 116 416 78  HOH HOH A . 
C 3 HOH 117 417 104 HOH HOH A . 
C 3 HOH 118 418 103 HOH HOH A . 
C 3 HOH 119 419 150 HOH HOH A . 
C 3 HOH 120 420 137 HOH HOH A . 
C 3 HOH 121 421 132 HOH HOH A . 
C 3 HOH 122 422 149 HOH HOH A . 
C 3 HOH 123 423 155 HOH HOH A . 
C 3 HOH 124 424 141 HOH HOH A . 
C 3 HOH 125 425 157 HOH HOH A . 
C 3 HOH 126 426 25  HOH HOH A . 
C 3 HOH 127 427 76  HOH HOH A . 
C 3 HOH 128 428 140 HOH HOH A . 
C 3 HOH 129 429 142 HOH HOH A . 
C 3 HOH 130 430 119 HOH HOH A . 
C 3 HOH 131 431 135 HOH HOH A . 
C 3 HOH 132 432 115 HOH HOH A . 
C 3 HOH 133 433 117 HOH HOH A . 
C 3 HOH 134 434 90  HOH HOH A . 
C 3 HOH 135 435 71  HOH HOH A . 
C 3 HOH 136 436 88  HOH HOH A . 
C 3 HOH 137 437 109 HOH HOH A . 
C 3 HOH 138 438 136 HOH HOH A . 
C 3 HOH 139 439 118 HOH HOH A . 
C 3 HOH 140 440 63  HOH HOH A . 
C 3 HOH 141 441 121 HOH HOH A . 
C 3 HOH 142 442 93  HOH HOH A . 
C 3 HOH 143 443 50  HOH HOH A . 
# 
loop_
_software.citation_id 
_software.classification 
_software.compiler_name 
_software.compiler_version 
_software.contact_author 
_software.contact_author_email 
_software.date 
_software.description 
_software.dependencies 
_software.hardware 
_software.language 
_software.location 
_software.mods 
_software.name 
_software.os 
_software.os_version 
_software.type 
_software.version 
_software.pdbx_ordinal 
? refinement       ? ? ? ? ? ? ? ? ? ? ? REFMAC   ? ? ? 1.14_3260 1 
? refinement       ? ? ? ? ? ? ? ? ? ? ? PHENIX   ? ? ? 1.14_3260 2 
? 'data reduction' ? ? ? ? ? ? ? ? ? ? ? HKL-2000 ? ? ? .         3 
? 'data scaling'   ? ? ? ? ? ? ? ? ? ? ? HKL-2000 ? ? ? .         4 
? phasing          ? ? ? ? ? ? ? ? ? ? ? AutoSol  ? ? ? .         5 
# 
_cell.angle_alpha                  90.000 
_cell.angle_alpha_esd              ? 
_cell.angle_beta                   90.000 
_cell.angle_beta_esd               ? 
_cell.angle_gamma                  90.000 
_cell.angle_gamma_esd              ? 
_cell.entry_id                     7DVN 
_cell.details                      ? 
_cell.formula_units_Z              ? 
_cell.length_a                     65.524 
_cell.length_a_esd                 ? 
_cell.length_b                     65.524 
_cell.length_b_esd                 ? 
_cell.length_c                     90.310 
_cell.length_c_esd                 ? 
_cell.volume                       387736.464 
_cell.volume_esd                   ? 
_cell.Z_PDB                        8 
_cell.reciprocal_angle_alpha       ? 
_cell.reciprocal_angle_beta        ? 
_cell.reciprocal_angle_gamma       ? 
_cell.reciprocal_angle_alpha_esd   ? 
_cell.reciprocal_angle_beta_esd    ? 
_cell.reciprocal_angle_gamma_esd   ? 
_cell.reciprocal_length_a          ? 
_cell.reciprocal_length_b          ? 
_cell.reciprocal_length_c          ? 
_cell.reciprocal_length_a_esd      ? 
_cell.reciprocal_length_b_esd      ? 
_cell.reciprocal_length_c_esd      ? 
_cell.pdbx_unique_axis             ? 
# 
_symmetry.entry_id                         7DVN 
_symmetry.cell_setting                     ? 
_symmetry.Int_Tables_number                92 
_symmetry.space_group_name_Hall            'P 4abw 2nw' 
_symmetry.space_group_name_H-M             'P 41 21 2' 
_symmetry.pdbx_full_space_group_name_H-M   ? 
# 
_exptl.absorpt_coefficient_mu     ? 
_exptl.absorpt_correction_T_max   ? 
_exptl.absorpt_correction_T_min   ? 
_exptl.absorpt_correction_type    ? 
_exptl.absorpt_process_details    ? 
_exptl.entry_id                   7DVN 
_exptl.crystals_number            1 
_exptl.details                    ? 
_exptl.method                     'X-RAY DIFFRACTION' 
_exptl.method_details             ? 
# 
_exptl_crystal.colour                      ? 
_exptl_crystal.density_diffrn              ? 
_exptl_crystal.density_Matthews            2.86 
_exptl_crystal.density_method              ? 
_exptl_crystal.density_percent_sol         57.02 
_exptl_crystal.description                 ? 
_exptl_crystal.F_000                       ? 
_exptl_crystal.id                          1 
_exptl_crystal.preparation                 ? 
_exptl_crystal.size_max                    ? 
_exptl_crystal.size_mid                    ? 
_exptl_crystal.size_min                    ? 
_exptl_crystal.size_rad                    ? 
_exptl_crystal.colour_lustre               ? 
_exptl_crystal.colour_modifier             ? 
_exptl_crystal.colour_primary              ? 
_exptl_crystal.density_meas                ? 
_exptl_crystal.density_meas_esd            ? 
_exptl_crystal.density_meas_gt             ? 
_exptl_crystal.density_meas_lt             ? 
_exptl_crystal.density_meas_temp           ? 
_exptl_crystal.density_meas_temp_esd       ? 
_exptl_crystal.density_meas_temp_gt        ? 
_exptl_crystal.density_meas_temp_lt        ? 
_exptl_crystal.pdbx_crystal_image_url      ? 
_exptl_crystal.pdbx_crystal_image_format   ? 
_exptl_crystal.pdbx_mosaicity              ? 
_exptl_crystal.pdbx_mosaicity_esd          ? 
# 
_exptl_crystal_grow.apparatus       ? 
_exptl_crystal_grow.atmosphere      ? 
_exptl_crystal_grow.crystal_id      1 
_exptl_crystal_grow.details         ? 
_exptl_crystal_grow.method          'VAPOR DIFFUSION, HANGING DROP' 
_exptl_crystal_grow.method_ref      ? 
_exptl_crystal_grow.pH              7.0 
_exptl_crystal_grow.pressure        ? 
_exptl_crystal_grow.pressure_esd    ? 
_exptl_crystal_grow.seeding         ? 
_exptl_crystal_grow.seeding_ref     ? 
_exptl_crystal_grow.temp            296 
_exptl_crystal_grow.temp_details    ? 
_exptl_crystal_grow.temp_esd        ? 
_exptl_crystal_grow.time            ? 
_exptl_crystal_grow.pdbx_details    '1.6M ammonium citrate tribasic' 
_exptl_crystal_grow.pdbx_pH_range   ? 
# 
_diffrn.ambient_environment              ? 
_diffrn.ambient_temp                     95 
_diffrn.ambient_temp_details             ? 
_diffrn.ambient_temp_esd                 ? 
_diffrn.crystal_id                       1 
_diffrn.crystal_support                  ? 
_diffrn.crystal_treatment                ? 
_diffrn.details                          ? 
_diffrn.id                               1 
_diffrn.ambient_pressure                 ? 
_diffrn.ambient_pressure_esd             ? 
_diffrn.ambient_pressure_gt              ? 
_diffrn.ambient_pressure_lt              ? 
_diffrn.ambient_temp_gt                  ? 
_diffrn.ambient_temp_lt                  ? 
_diffrn.pdbx_serial_crystal_experiment   N 
# 
_diffrn_detector.details                      ? 
_diffrn_detector.detector                     PIXEL 
_diffrn_detector.diffrn_id                    1 
_diffrn_detector.type                         'DECTRIS EIGER2 X 9M' 
_diffrn_detector.area_resol_mean              ? 
_diffrn_detector.dtime                        ? 
_diffrn_detector.pdbx_frames_total            ? 
_diffrn_detector.pdbx_collection_time_total   ? 
_diffrn_detector.pdbx_collection_date         2018-11-21 
_diffrn_detector.pdbx_frequency               ? 
# 
_diffrn_radiation.collimation                      ? 
_diffrn_radiation.diffrn_id                        1 
_diffrn_radiation.filter_edge                      ? 
_diffrn_radiation.inhomogeneity                    ? 
_diffrn_radiation.monochromator                    ? 
_diffrn_radiation.polarisn_norm                    ? 
_diffrn_radiation.polarisn_ratio                   ? 
_diffrn_radiation.probe                            ? 
_diffrn_radiation.type                             ? 
_diffrn_radiation.xray_symbol                      ? 
_diffrn_radiation.wavelength_id                    1 
_diffrn_radiation.pdbx_monochromatic_or_laue_m_l   M 
_diffrn_radiation.pdbx_wavelength_list             ? 
_diffrn_radiation.pdbx_wavelength                  ? 
_diffrn_radiation.pdbx_diffrn_protocol             'SINGLE WAVELENGTH' 
_diffrn_radiation.pdbx_analyzer                    ? 
_diffrn_radiation.pdbx_scattering_type             x-ray 
# 
_diffrn_radiation_wavelength.id           1 
_diffrn_radiation_wavelength.wavelength   0.9794 
_diffrn_radiation_wavelength.wt           1.0 
# 
_diffrn_source.current                     ? 
_diffrn_source.details                     ? 
_diffrn_source.diffrn_id                   1 
_diffrn_source.power                       ? 
_diffrn_source.size                        ? 
_diffrn_source.source                      SYNCHROTRON 
_diffrn_source.target                      ? 
_diffrn_source.type                        'PAL/PLS BEAMLINE 5C (4A)' 
_diffrn_source.voltage                     ? 
_diffrn_source.take-off_angle              ? 
_diffrn_source.pdbx_wavelength_list        0.9794 
_diffrn_source.pdbx_wavelength             ? 
_diffrn_source.pdbx_synchrotron_beamline   '5C (4A)' 
_diffrn_source.pdbx_synchrotron_site       PAL/PLS 
# 
_reflns.B_iso_Wilson_estimate            23.63 
_reflns.entry_id                         7DVN 
_reflns.data_reduction_details           ? 
_reflns.data_reduction_method            ? 
_reflns.d_resolution_high                1.6 
_reflns.d_resolution_low                 50.0 
_reflns.details                          ? 
_reflns.limit_h_max                      ? 
_reflns.limit_h_min                      ? 
_reflns.limit_k_max                      ? 
_reflns.limit_k_min                      ? 
_reflns.limit_l_max                      ? 
_reflns.limit_l_min                      ? 
_reflns.number_all                       ? 
_reflns.number_obs                       26268 
_reflns.observed_criterion               ? 
_reflns.observed_criterion_F_max         ? 
_reflns.observed_criterion_F_min         ? 
_reflns.observed_criterion_I_max         ? 
_reflns.observed_criterion_I_min         ? 
_reflns.observed_criterion_sigma_F       ? 
_reflns.observed_criterion_sigma_I       ? 
_reflns.percent_possible_obs             98.0 
_reflns.R_free_details                   ? 
_reflns.Rmerge_F_all                     ? 
_reflns.Rmerge_F_obs                     ? 
_reflns.Friedel_coverage                 ? 
_reflns.number_gt                        ? 
_reflns.threshold_expression             ? 
_reflns.pdbx_redundancy                  26.4 
_reflns.pdbx_Rmerge_I_obs                0.074 
_reflns.pdbx_Rmerge_I_all                ? 
_reflns.pdbx_Rsym_value                  ? 
_reflns.pdbx_netI_over_av_sigmaI         ? 
_reflns.pdbx_netI_over_sigmaI            82.4 
_reflns.pdbx_res_netI_over_av_sigmaI_2   ? 
_reflns.pdbx_res_netI_over_sigmaI_2      ? 
_reflns.pdbx_chi_squared                 ? 
_reflns.pdbx_scaling_rejects             ? 
_reflns.pdbx_d_res_high_opt              ? 
_reflns.pdbx_d_res_low_opt               ? 
_reflns.pdbx_d_res_opt_method            ? 
_reflns.phase_calculation_details        ? 
_reflns.pdbx_Rrim_I_all                  ? 
_reflns.pdbx_Rpim_I_all                  ? 
_reflns.pdbx_d_opt                       ? 
_reflns.pdbx_number_measured_all         ? 
_reflns.pdbx_diffrn_id                   1 
_reflns.pdbx_ordinal                     1 
_reflns.pdbx_CC_half                     ? 
_reflns.pdbx_CC_star                     ? 
_reflns.pdbx_R_split                     ? 
# 
_reflns_shell.d_res_high                  1.60 
_reflns_shell.d_res_low                   1.63 
_reflns_shell.meanI_over_sigI_all         ? 
_reflns_shell.meanI_over_sigI_obs         ? 
_reflns_shell.number_measured_all         ? 
_reflns_shell.number_measured_obs         ? 
_reflns_shell.number_possible             ? 
_reflns_shell.number_unique_all           ? 
_reflns_shell.number_unique_obs           1300 
_reflns_shell.percent_possible_all        ? 
_reflns_shell.percent_possible_obs        ? 
_reflns_shell.Rmerge_F_all                ? 
_reflns_shell.Rmerge_F_obs                ? 
_reflns_shell.Rmerge_I_all                ? 
_reflns_shell.Rmerge_I_obs                0.422 
_reflns_shell.meanI_over_sigI_gt          ? 
_reflns_shell.meanI_over_uI_all           ? 
_reflns_shell.meanI_over_uI_gt            ? 
_reflns_shell.number_measured_gt          ? 
_reflns_shell.number_unique_gt            ? 
_reflns_shell.percent_possible_gt         ? 
_reflns_shell.Rmerge_F_gt                 ? 
_reflns_shell.Rmerge_I_gt                 ? 
_reflns_shell.pdbx_redundancy             ? 
_reflns_shell.pdbx_Rsym_value             ? 
_reflns_shell.pdbx_chi_squared            ? 
_reflns_shell.pdbx_netI_over_sigmaI_all   ? 
_reflns_shell.pdbx_netI_over_sigmaI_obs   ? 
_reflns_shell.pdbx_Rrim_I_all             ? 
_reflns_shell.pdbx_Rpim_I_all             ? 
_reflns_shell.pdbx_rejects                ? 
_reflns_shell.pdbx_ordinal                1 
_reflns_shell.pdbx_diffrn_id              1 
_reflns_shell.pdbx_CC_half                ? 
_reflns_shell.pdbx_CC_star                ? 
_reflns_shell.pdbx_R_split                ? 
# 
_refine.aniso_B[1][1]                            ? 
_refine.aniso_B[1][2]                            ? 
_refine.aniso_B[1][3]                            ? 
_refine.aniso_B[2][2]                            ? 
_refine.aniso_B[2][3]                            ? 
_refine.aniso_B[3][3]                            ? 
_refine.B_iso_max                                ? 
_refine.B_iso_mean                               28.78 
_refine.B_iso_min                                ? 
_refine.correlation_coeff_Fo_to_Fc               ? 
_refine.correlation_coeff_Fo_to_Fc_free          ? 
_refine.details                                  ? 
_refine.diff_density_max                         ? 
_refine.diff_density_max_esd                     ? 
_refine.diff_density_min                         ? 
_refine.diff_density_min_esd                     ? 
_refine.diff_density_rms                         ? 
_refine.diff_density_rms_esd                     ? 
_refine.entry_id                                 7DVN 
_refine.pdbx_refine_id                           'X-RAY DIFFRACTION' 
_refine.ls_abs_structure_details                 ? 
_refine.ls_abs_structure_Flack                   ? 
_refine.ls_abs_structure_Flack_esd               ? 
_refine.ls_abs_structure_Rogers                  ? 
_refine.ls_abs_structure_Rogers_esd              ? 
_refine.ls_d_res_high                            1.60 
_refine.ls_d_res_low                             32.34 
_refine.ls_extinction_coef                       ? 
_refine.ls_extinction_coef_esd                   ? 
_refine.ls_extinction_expression                 ? 
_refine.ls_extinction_method                     ? 
_refine.ls_goodness_of_fit_all                   ? 
_refine.ls_goodness_of_fit_all_esd               ? 
_refine.ls_goodness_of_fit_obs                   ? 
_refine.ls_goodness_of_fit_obs_esd               ? 
_refine.ls_hydrogen_treatment                    ? 
_refine.ls_matrix_type                           ? 
_refine.ls_number_constraints                    ? 
_refine.ls_number_parameters                     ? 
_refine.ls_number_reflns_all                     ? 
_refine.ls_number_reflns_obs                     26203 
_refine.ls_number_reflns_R_free                  1285 
_refine.ls_number_reflns_R_work                  24918 
_refine.ls_number_restraints                     ? 
_refine.ls_percent_reflns_obs                    97.96 
_refine.ls_percent_reflns_R_free                 4.90 
_refine.ls_R_factor_all                          ? 
_refine.ls_R_factor_obs                          0.2265 
_refine.ls_R_factor_R_free                       0.2547 
_refine.ls_R_factor_R_free_error                 ? 
_refine.ls_R_factor_R_free_error_details         ? 
_refine.ls_R_factor_R_work                       0.2250 
_refine.ls_R_Fsqd_factor_obs                     ? 
_refine.ls_R_I_factor_obs                        ? 
_refine.ls_redundancy_reflns_all                 ? 
_refine.ls_redundancy_reflns_obs                 ? 
_refine.ls_restrained_S_all                      ? 
_refine.ls_restrained_S_obs                      ? 
_refine.ls_shift_over_esd_max                    ? 
_refine.ls_shift_over_esd_mean                   ? 
_refine.ls_structure_factor_coef                 ? 
_refine.ls_weighting_details                     ? 
_refine.ls_weighting_scheme                      ? 
_refine.ls_wR_factor_all                         ? 
_refine.ls_wR_factor_obs                         ? 
_refine.ls_wR_factor_R_free                      ? 
_refine.ls_wR_factor_R_work                      ? 
_refine.occupancy_max                            ? 
_refine.occupancy_min                            ? 
_refine.solvent_model_details                    'FLAT BULK SOLVENT MODEL' 
_refine.solvent_model_param_bsol                 ? 
_refine.solvent_model_param_ksol                 ? 
_refine.pdbx_R_complete                          ? 
_refine.ls_R_factor_gt                           ? 
_refine.ls_goodness_of_fit_gt                    ? 
_refine.ls_goodness_of_fit_ref                   ? 
_refine.ls_shift_over_su_max                     ? 
_refine.ls_shift_over_su_max_lt                  ? 
_refine.ls_shift_over_su_mean                    ? 
_refine.ls_shift_over_su_mean_lt                 ? 
_refine.pdbx_ls_sigma_I                          ? 
_refine.pdbx_ls_sigma_F                          1.37 
_refine.pdbx_ls_sigma_Fsqd                       ? 
_refine.pdbx_data_cutoff_high_absF               ? 
_refine.pdbx_data_cutoff_high_rms_absF           ? 
_refine.pdbx_data_cutoff_low_absF                ? 
_refine.pdbx_isotropic_thermal_model             ? 
_refine.pdbx_ls_cross_valid_method               'FREE R-VALUE' 
_refine.pdbx_method_to_determine_struct          SAD 
_refine.pdbx_starting_model                      ? 
_refine.pdbx_stereochemistry_target_values       'CDL v1.2' 
_refine.pdbx_R_Free_selection_details            ? 
_refine.pdbx_stereochem_target_val_spec_case     ? 
_refine.pdbx_overall_ESU_R                       ? 
_refine.pdbx_overall_ESU_R_Free                  ? 
_refine.pdbx_solvent_vdw_probe_radii             1.1100 
_refine.pdbx_solvent_ion_probe_radii             ? 
_refine.pdbx_solvent_shrinkage_radii             0.9000 
_refine.pdbx_real_space_R                        ? 
_refine.pdbx_density_correlation                 ? 
_refine.pdbx_pd_number_of_powder_patterns        ? 
_refine.pdbx_pd_number_of_points                 ? 
_refine.pdbx_pd_meas_number_of_points            ? 
_refine.pdbx_pd_proc_ls_prof_R_factor            ? 
_refine.pdbx_pd_proc_ls_prof_wR_factor           ? 
_refine.pdbx_pd_Marquardt_correlation_coeff      ? 
_refine.pdbx_pd_Fsqrd_R_factor                   ? 
_refine.pdbx_pd_ls_matrix_band_width             ? 
_refine.pdbx_overall_phase_error                 23.1222 
_refine.pdbx_overall_SU_R_free_Cruickshank_DPI   ? 
_refine.pdbx_overall_SU_R_free_Blow_DPI          ? 
_refine.pdbx_overall_SU_R_Blow_DPI               ? 
_refine.pdbx_TLS_residual_ADP_flag               ? 
_refine.pdbx_diffrn_id                           1 
_refine.overall_SU_B                             ? 
_refine.overall_SU_ML                            0.1657 
_refine.overall_SU_R_Cruickshank_DPI             ? 
_refine.overall_SU_R_free                        ? 
_refine.overall_FOM_free_R_set                   ? 
_refine.overall_FOM_work_R_set                   ? 
_refine.pdbx_average_fsc_overall                 ? 
_refine.pdbx_average_fsc_work                    ? 
_refine.pdbx_average_fsc_free                    ? 
# 
_refine_hist.pdbx_refine_id                   'X-RAY DIFFRACTION' 
_refine_hist.cycle_id                         LAST 
_refine_hist.details                          ? 
_refine_hist.d_res_high                       1.60 
_refine_hist.d_res_low                        32.34 
_refine_hist.number_atoms_solvent             143 
_refine_hist.number_atoms_total               1261 
_refine_hist.number_reflns_all                ? 
_refine_hist.number_reflns_obs                ? 
_refine_hist.number_reflns_R_free             ? 
_refine_hist.number_reflns_R_work             ? 
_refine_hist.R_factor_all                     ? 
_refine_hist.R_factor_obs                     ? 
_refine_hist.R_factor_R_free                  ? 
_refine_hist.R_factor_R_work                  ? 
_refine_hist.pdbx_number_residues_total       ? 
_refine_hist.pdbx_B_iso_mean_ligand           ? 
_refine_hist.pdbx_B_iso_mean_solvent          ? 
_refine_hist.pdbx_number_atoms_protein        1100 
_refine_hist.pdbx_number_atoms_nucleic_acid   0 
_refine_hist.pdbx_number_atoms_ligand         18 
_refine_hist.pdbx_number_atoms_lipid          ? 
_refine_hist.pdbx_number_atoms_carb           ? 
_refine_hist.pdbx_pseudo_atom_details         ? 
# 
loop_
_refine_ls_restr.pdbx_refine_id 
_refine_ls_restr.criterion 
_refine_ls_restr.dev_ideal 
_refine_ls_restr.dev_ideal_target 
_refine_ls_restr.number 
_refine_ls_restr.rejects 
_refine_ls_restr.type 
_refine_ls_restr.weight 
_refine_ls_restr.pdbx_restraint_function 
'X-RAY DIFFRACTION' ? 0.0170  ? 1127 ? f_bond_d           ? ? 
'X-RAY DIFFRACTION' ? 1.8711  ? 1504 ? f_angle_d          ? ? 
'X-RAY DIFFRACTION' ? 0.1061  ? 180  ? f_chiral_restr     ? ? 
'X-RAY DIFFRACTION' ? 0.0142  ? 182  ? f_plane_restr      ? ? 
'X-RAY DIFFRACTION' ? 24.8523 ? 450  ? f_dihedral_angle_d ? ? 
# 
loop_
_refine_ls_shell.pdbx_refine_id 
_refine_ls_shell.d_res_high 
_refine_ls_shell.d_res_low 
_refine_ls_shell.number_reflns_all 
_refine_ls_shell.number_reflns_obs 
_refine_ls_shell.number_reflns_R_free 
_refine_ls_shell.number_reflns_R_work 
_refine_ls_shell.percent_reflns_obs 
_refine_ls_shell.percent_reflns_R_free 
_refine_ls_shell.R_factor_all 
_refine_ls_shell.R_factor_obs 
_refine_ls_shell.R_factor_R_free 
_refine_ls_shell.R_factor_R_free_error 
_refine_ls_shell.R_factor_R_work 
_refine_ls_shell.redundancy_reflns_all 
_refine_ls_shell.redundancy_reflns_obs 
_refine_ls_shell.wR_factor_all 
_refine_ls_shell.wR_factor_obs 
_refine_ls_shell.wR_factor_R_free 
_refine_ls_shell.wR_factor_R_work 
_refine_ls_shell.pdbx_R_complete 
_refine_ls_shell.pdbx_total_number_of_bins_used 
_refine_ls_shell.pdbx_phase_error 
_refine_ls_shell.pdbx_fsc_work 
_refine_ls_shell.pdbx_fsc_free 
'X-RAY DIFFRACTION' 1.60 1.66  . . 133 2750 99.69  . . . 0.2694 . 0.2321 . . . . . . . . . . . 
'X-RAY DIFFRACTION' 1.66 1.74  . . 148 2762 100.00 . . . 0.2558 . 0.2197 . . . . . . . . . . . 
'X-RAY DIFFRACTION' 1.74 1.83  . . 146 2784 100.00 . . . 0.2494 . 0.2180 . . . . . . . . . . . 
'X-RAY DIFFRACTION' 1.83 1.94  . . 140 2785 100.00 . . . 0.2484 . 0.2207 . . . . . . . . . . . 
'X-RAY DIFFRACTION' 1.94 2.09  . . 142 2804 100.00 . . . 0.2605 . 0.2130 . . . . . . . . . . . 
'X-RAY DIFFRACTION' 2.09 2.30  . . 162 2792 100.00 . . . 0.2500 . 0.2043 . . . . . . . . . . . 
'X-RAY DIFFRACTION' 2.30 2.64  . . 143 2847 99.93  . . . 0.2606 . 0.2202 . . . . . . . . . . . 
'X-RAY DIFFRACTION' 2.64 3.32  . . 131 2847 98.77  . . . 0.2251 . 0.2247 . . . . . . . . . . . 
'X-RAY DIFFRACTION' 3.32 32.34 . . 140 2547 84.39  . . . 0.2727 . 0.2406 . . . . . . . . . . . 
# 
_struct.entry_id                     7DVN 
_struct.title                        
;Crystal structure of a MarR family protein in complex with a lipid-like effector molecule from the psychrophilic bacterium Paenisporosarcina sp. TG-14
;
_struct.pdbx_model_details           ? 
_struct.pdbx_formula_weight          ? 
_struct.pdbx_formula_weight_method   ? 
_struct.pdbx_model_type_details      ? 
_struct.pdbx_CASP_flag               N 
# 
_struct_keywords.entry_id        7DVN 
_struct_keywords.text            'Transcription regulator DNA-binding Complex Lipid-like effector MarR family, DNA BINDING PROTEIN' 
_struct_keywords.pdbx_keywords   'DNA BINDING PROTEIN' 
# 
loop_
_struct_asym.id 
_struct_asym.pdbx_blank_PDB_chainid_flag 
_struct_asym.pdbx_modified 
_struct_asym.entity_id 
_struct_asym.details 
A N N 1 ? 
B N N 2 ? 
C N N 3 ? 
# 
_struct_ref.id                         1 
_struct_ref.db_name                    PDB 
_struct_ref.db_code                    7DVN 
_struct_ref.pdbx_db_accession          7DVN 
_struct_ref.pdbx_db_isoform            ? 
_struct_ref.entity_id                  1 
_struct_ref.pdbx_seq_one_letter_code   ? 
_struct_ref.pdbx_align_begin           1 
# 
_struct_ref_seq.align_id                      1 
_struct_ref_seq.ref_id                        1 
_struct_ref_seq.pdbx_PDB_id_code              7DVN 
_struct_ref_seq.pdbx_strand_id                A 
_struct_ref_seq.seq_align_beg                 1 
_struct_ref_seq.pdbx_seq_align_beg_ins_code   ? 
_struct_ref_seq.seq_align_end                 147 
_struct_ref_seq.pdbx_seq_align_end_ins_code   ? 
_struct_ref_seq.pdbx_db_accession             7DVN 
_struct_ref_seq.db_align_beg                  1 
_struct_ref_seq.pdbx_db_align_beg_ins_code    ? 
_struct_ref_seq.db_align_end                  147 
_struct_ref_seq.pdbx_db_align_end_ins_code    ? 
_struct_ref_seq.pdbx_auth_seq_align_beg       1 
_struct_ref_seq.pdbx_auth_seq_align_end       147 
# 
_pdbx_struct_assembly.id                   1 
_pdbx_struct_assembly.details              author_and_software_defined_assembly 
_pdbx_struct_assembly.method_details       PISA 
_pdbx_struct_assembly.oligomeric_details   dimeric 
_pdbx_struct_assembly.oligomeric_count     2 
# 
loop_
_pdbx_struct_assembly_prop.biol_id 
_pdbx_struct_assembly_prop.type 
_pdbx_struct_assembly_prop.value 
_pdbx_struct_assembly_prop.details 
1 'ABSA (A^2)' 8710  ? 
1 MORE         -50   ? 
1 'SSA (A^2)'  13270 ? 
# 
_pdbx_struct_assembly_gen.assembly_id       1 
_pdbx_struct_assembly_gen.oper_expression   1,2 
_pdbx_struct_assembly_gen.asym_id_list      A,B,C 
# 
_pdbx_struct_assembly_auth_evidence.id                     1 
_pdbx_struct_assembly_auth_evidence.assembly_id            1 
_pdbx_struct_assembly_auth_evidence.experimental_support   'equilibrium centrifugation' 
_pdbx_struct_assembly_auth_evidence.details                'Dimer in solution' 
# 
loop_
_pdbx_struct_oper_list.id 
_pdbx_struct_oper_list.type 
_pdbx_struct_oper_list.name 
_pdbx_struct_oper_list.symmetry_operation 
_pdbx_struct_oper_list.matrix[1][1] 
_pdbx_struct_oper_list.matrix[1][2] 
_pdbx_struct_oper_list.matrix[1][3] 
_pdbx_struct_oper_list.vector[1] 
_pdbx_struct_oper_list.matrix[2][1] 
_pdbx_struct_oper_list.matrix[2][2] 
_pdbx_struct_oper_list.matrix[2][3] 
_pdbx_struct_oper_list.vector[2] 
_pdbx_struct_oper_list.matrix[3][1] 
_pdbx_struct_oper_list.matrix[3][2] 
_pdbx_struct_oper_list.matrix[3][3] 
_pdbx_struct_oper_list.vector[3] 
1 'identity operation'         1_555 x,y,z        1.0000000000  0.0000000000 0.0000000000  0.0000000000   0.0000000000 1.0000000000  0.0000000000  0.0000000000  0.0000000000  0.0000000000  1.0000000000 0.0000000000  
2 'crystal symmetry operation' 8_554 -y,-x,-z-1/2 -0.6968764964 0.4170826728 -0.5834425360 -12.1125727160 0.4170826728 -0.4261152505 -0.8027875419 -0.0899467181 -0.5834425360 -0.8027875419 0.1229917468 -6.3573025075 
# 
loop_
_struct_conf.conf_type_id 
_struct_conf.id 
_struct_conf.pdbx_PDB_helix_id 
_struct_conf.beg_label_comp_id 
_struct_conf.beg_label_asym_id 
_struct_conf.beg_label_seq_id 
_struct_conf.pdbx_beg_PDB_ins_code 
_struct_conf.end_label_comp_id 
_struct_conf.end_label_asym_id 
_struct_conf.end_label_seq_id 
_struct_conf.pdbx_end_PDB_ins_code 
_struct_conf.beg_auth_comp_id 
_struct_conf.beg_auth_asym_id 
_struct_conf.beg_auth_seq_id 
_struct_conf.end_auth_comp_id 
_struct_conf.end_auth_asym_id 
_struct_conf.end_auth_seq_id 
_struct_conf.pdbx_PDB_helix_class 
_struct_conf.details 
_struct_conf.pdbx_PDB_helix_length 
HELX_P HELX_P1 AA1 ASP A 2   ? VAL A 27  ? ASP A 2   VAL A 27  1 ? 26 
HELX_P HELX_P2 AA2 PRO A 30  ? TYR A 35  ? PRO A 30  TYR A 35  1 ? 6  
HELX_P HELX_P3 AA3 SER A 36  ? LYS A 48  ? SER A 36  LYS A 48  1 ? 13 
HELX_P HELX_P4 AA4 THR A 53  ? GLY A 62  ? THR A 53  GLY A 62  1 ? 10 
HELX_P HELX_P5 AA5 HIS A 64  ? LYS A 78  ? HIS A 64  LYS A 78  1 ? 15 
HELX_P HELX_P6 AA6 THR A 97  ? THR A 120 ? THR A 97  THR A 120 1 ? 24 
HELX_P HELX_P7 AA7 ASP A 124 ? LYS A 143 ? ASP A 124 LYS A 143 1 ? 20 
# 
_struct_conf_type.id          HELX_P 
_struct_conf_type.criteria    ? 
_struct_conf_type.reference   ? 
# 
_struct_sheet.id               AA1 
_struct_sheet.type             ? 
_struct_sheet.number_strands   2 
_struct_sheet.details          ? 
# 
_struct_sheet_order.sheet_id     AA1 
_struct_sheet_order.range_id_1   1 
_struct_sheet_order.range_id_2   2 
_struct_sheet_order.offset       ? 
_struct_sheet_order.sense        anti-parallel 
# 
loop_
_struct_sheet_range.sheet_id 
_struct_sheet_range.id 
_struct_sheet_range.beg_label_comp_id 
_struct_sheet_range.beg_label_asym_id 
_struct_sheet_range.beg_label_seq_id 
_struct_sheet_range.pdbx_beg_PDB_ins_code 
_struct_sheet_range.end_label_comp_id 
_struct_sheet_range.end_label_asym_id 
_struct_sheet_range.end_label_seq_id 
_struct_sheet_range.pdbx_end_PDB_ins_code 
_struct_sheet_range.beg_auth_comp_id 
_struct_sheet_range.beg_auth_asym_id 
_struct_sheet_range.beg_auth_seq_id 
_struct_sheet_range.end_auth_comp_id 
_struct_sheet_range.end_auth_asym_id 
_struct_sheet_range.end_auth_seq_id 
AA1 1 ILE A 81 ? SER A 82 ? ILE A 81 SER A 82 
AA1 2 VAL A 95 ? LEU A 96 ? VAL A 95 LEU A 96 
# 
_pdbx_struct_sheet_hbond.sheet_id                AA1 
_pdbx_struct_sheet_hbond.range_id_1              1 
_pdbx_struct_sheet_hbond.range_id_2              2 
_pdbx_struct_sheet_hbond.range_1_label_atom_id   N 
_pdbx_struct_sheet_hbond.range_1_label_comp_id   SER 
_pdbx_struct_sheet_hbond.range_1_label_asym_id   A 
_pdbx_struct_sheet_hbond.range_1_label_seq_id    82 
_pdbx_struct_sheet_hbond.range_1_PDB_ins_code    ? 
_pdbx_struct_sheet_hbond.range_1_auth_atom_id    N 
_pdbx_struct_sheet_hbond.range_1_auth_comp_id    SER 
_pdbx_struct_sheet_hbond.range_1_auth_asym_id    A 
_pdbx_struct_sheet_hbond.range_1_auth_seq_id     82 
_pdbx_struct_sheet_hbond.range_2_label_atom_id   O 
_pdbx_struct_sheet_hbond.range_2_label_comp_id   VAL 
_pdbx_struct_sheet_hbond.range_2_label_asym_id   A 
_pdbx_struct_sheet_hbond.range_2_label_seq_id    95 
_pdbx_struct_sheet_hbond.range_2_PDB_ins_code    ? 
_pdbx_struct_sheet_hbond.range_2_auth_atom_id    O 
_pdbx_struct_sheet_hbond.range_2_auth_comp_id    VAL 
_pdbx_struct_sheet_hbond.range_2_auth_asym_id    A 
_pdbx_struct_sheet_hbond.range_2_auth_seq_id     95 
# 
_struct_site.id                   AC1 
_struct_site.pdbx_evidence_code   Software 
_struct_site.pdbx_auth_asym_id    A 
_struct_site.pdbx_auth_comp_id    PLM 
_struct_site.pdbx_auth_seq_id     201 
_struct_site.pdbx_auth_ins_code   ? 
_struct_site.pdbx_num_residues    1 
_struct_site.details              'binding site for residue PLM A 201' 
# 
_struct_site_gen.id                   1 
_struct_site_gen.site_id              AC1 
_struct_site_gen.pdbx_num_res         1 
_struct_site_gen.label_comp_id        GLU 
_struct_site_gen.label_asym_id        A 
_struct_site_gen.label_seq_id         13 
_struct_site_gen.pdbx_auth_ins_code   ? 
_struct_site_gen.auth_comp_id         GLU 
_struct_site_gen.auth_asym_id         A 
_struct_site_gen.auth_seq_id          13 
_struct_site_gen.label_atom_id        . 
_struct_site_gen.label_alt_id         ? 
_struct_site_gen.symmetry             8_554 
_struct_site_gen.details              ? 
# 
_pdbx_validate_torsion.id              1 
_pdbx_validate_torsion.PDB_model_num   1 
_pdbx_validate_torsion.auth_comp_id    LYS 
_pdbx_validate_torsion.auth_asym_id    A 
_pdbx_validate_torsion.auth_seq_id     48 
_pdbx_validate_torsion.PDB_ins_code    ? 
_pdbx_validate_torsion.label_alt_id    ? 
_pdbx_validate_torsion.phi             -81.87 
_pdbx_validate_torsion.psi             -84.94 
# 
loop_
_pdbx_struct_special_symmetry.id 
_pdbx_struct_special_symmetry.PDB_model_num 
_pdbx_struct_special_symmetry.auth_asym_id 
_pdbx_struct_special_symmetry.auth_comp_id 
_pdbx_struct_special_symmetry.auth_seq_id 
_pdbx_struct_special_symmetry.PDB_ins_code 
_pdbx_struct_special_symmetry.label_asym_id 
_pdbx_struct_special_symmetry.label_comp_id 
_pdbx_struct_special_symmetry.label_seq_id 
1 1 A HOH 393 ? C HOH . 
2 1 A HOH 441 ? C HOH . 
# 
loop_
_space_group_symop.id 
_space_group_symop.operation_xyz 
1 x,y,z               
2 -y+1/2,x+1/2,z+1/4  
3 y+1/2,-x+1/2,z+3/4  
4 x+1/2,-y+1/2,-z+3/4 
5 -x+1/2,y+1/2,-z+1/4 
6 -x,-y,z+1/2         
7 y,x,-z              
8 -y,-x,-z+1/2        
# 
_pdbx_entry_details.entry_id                 7DVN 
_pdbx_entry_details.nonpolymer_details       ? 
_pdbx_entry_details.sequence_details         ? 
_pdbx_entry_details.compound_details         ? 
_pdbx_entry_details.source_details           ? 
_pdbx_entry_details.has_ligand_of_interest   Y 
# 
loop_
_pdbx_unobs_or_zero_occ_residues.id 
_pdbx_unobs_or_zero_occ_residues.PDB_model_num 
_pdbx_unobs_or_zero_occ_residues.polymer_flag 
_pdbx_unobs_or_zero_occ_residues.occupancy_flag 
_pdbx_unobs_or_zero_occ_residues.auth_asym_id 
_pdbx_unobs_or_zero_occ_residues.auth_comp_id 
_pdbx_unobs_or_zero_occ_residues.auth_seq_id 
_pdbx_unobs_or_zero_occ_residues.PDB_ins_code 
_pdbx_unobs_or_zero_occ_residues.label_asym_id 
_pdbx_unobs_or_zero_occ_residues.label_comp_id 
_pdbx_unobs_or_zero_occ_residues.label_seq_id 
1  1 Y 1 A GLY 50  ? A GLY 50  
2  1 Y 1 A GLU 51  ? A GLU 51  
3  1 Y 1 A PRO 85  ? A PRO 85  
4  1 Y 1 A SER 86  ? A SER 86  
5  1 Y 1 A GLY 87  ? A GLY 87  
6  1 Y 1 A ASP 88  ? A ASP 88  
7  1 Y 1 A LYS 89  ? A LYS 89  
8  1 Y 1 A ARG 90  ? A ARG 90  
9  1 Y 1 A GLU 91  ? A GLU 91  
10 1 Y 1 A LYS 92  ? A LYS 92  
11 1 Y 1 A GLY 146 ? A GLY 146 
12 1 Y 1 A VAL 147 ? A VAL 147 
# 
loop_
_chem_comp_atom.comp_id 
_chem_comp_atom.atom_id 
_chem_comp_atom.type_symbol 
_chem_comp_atom.pdbx_aromatic_flag 
_chem_comp_atom.pdbx_stereo_config 
_chem_comp_atom.pdbx_ordinal 
ALA N    N N N 1   
ALA CA   C N S 2   
ALA C    C N N 3   
ALA O    O N N 4   
ALA CB   C N N 5   
ALA OXT  O N N 6   
ALA H    H N N 7   
ALA H2   H N N 8   
ALA HA   H N N 9   
ALA HB1  H N N 10  
ALA HB2  H N N 11  
ALA HB3  H N N 12  
ALA HXT  H N N 13  
ARG N    N N N 14  
ARG CA   C N S 15  
ARG C    C N N 16  
ARG O    O N N 17  
ARG CB   C N N 18  
ARG CG   C N N 19  
ARG CD   C N N 20  
ARG NE   N N N 21  
ARG CZ   C N N 22  
ARG NH1  N N N 23  
ARG NH2  N N N 24  
ARG OXT  O N N 25  
ARG H    H N N 26  
ARG H2   H N N 27  
ARG HA   H N N 28  
ARG HB2  H N N 29  
ARG HB3  H N N 30  
ARG HG2  H N N 31  
ARG HG3  H N N 32  
ARG HD2  H N N 33  
ARG HD3  H N N 34  
ARG HE   H N N 35  
ARG HH11 H N N 36  
ARG HH12 H N N 37  
ARG HH21 H N N 38  
ARG HH22 H N N 39  
ARG HXT  H N N 40  
ASN N    N N N 41  
ASN CA   C N S 42  
ASN C    C N N 43  
ASN O    O N N 44  
ASN CB   C N N 45  
ASN CG   C N N 46  
ASN OD1  O N N 47  
ASN ND2  N N N 48  
ASN OXT  O N N 49  
ASN H    H N N 50  
ASN H2   H N N 51  
ASN HA   H N N 52  
ASN HB2  H N N 53  
ASN HB3  H N N 54  
ASN HD21 H N N 55  
ASN HD22 H N N 56  
ASN HXT  H N N 57  
ASP N    N N N 58  
ASP CA   C N S 59  
ASP C    C N N 60  
ASP O    O N N 61  
ASP CB   C N N 62  
ASP CG   C N N 63  
ASP OD1  O N N 64  
ASP OD2  O N N 65  
ASP OXT  O N N 66  
ASP H    H N N 67  
ASP H2   H N N 68  
ASP HA   H N N 69  
ASP HB2  H N N 70  
ASP HB3  H N N 71  
ASP HD2  H N N 72  
ASP HXT  H N N 73  
GLN N    N N N 74  
GLN CA   C N S 75  
GLN C    C N N 76  
GLN O    O N N 77  
GLN CB   C N N 78  
GLN CG   C N N 79  
GLN CD   C N N 80  
GLN OE1  O N N 81  
GLN NE2  N N N 82  
GLN OXT  O N N 83  
GLN H    H N N 84  
GLN H2   H N N 85  
GLN HA   H N N 86  
GLN HB2  H N N 87  
GLN HB3  H N N 88  
GLN HG2  H N N 89  
GLN HG3  H N N 90  
GLN HE21 H N N 91  
GLN HE22 H N N 92  
GLN HXT  H N N 93  
GLU N    N N N 94  
GLU CA   C N S 95  
GLU C    C N N 96  
GLU O    O N N 97  
GLU CB   C N N 98  
GLU CG   C N N 99  
GLU CD   C N N 100 
GLU OE1  O N N 101 
GLU OE2  O N N 102 
GLU OXT  O N N 103 
GLU H    H N N 104 
GLU H2   H N N 105 
GLU HA   H N N 106 
GLU HB2  H N N 107 
GLU HB3  H N N 108 
GLU HG2  H N N 109 
GLU HG3  H N N 110 
GLU HE2  H N N 111 
GLU HXT  H N N 112 
GLY N    N N N 113 
GLY CA   C N N 114 
GLY C    C N N 115 
GLY O    O N N 116 
GLY OXT  O N N 117 
GLY H    H N N 118 
GLY H2   H N N 119 
GLY HA2  H N N 120 
GLY HA3  H N N 121 
GLY HXT  H N N 122 
HIS N    N N N 123 
HIS CA   C N S 124 
HIS C    C N N 125 
HIS O    O N N 126 
HIS CB   C N N 127 
HIS CG   C Y N 128 
HIS ND1  N Y N 129 
HIS CD2  C Y N 130 
HIS CE1  C Y N 131 
HIS NE2  N Y N 132 
HIS OXT  O N N 133 
HIS H    H N N 134 
HIS H2   H N N 135 
HIS HA   H N N 136 
HIS HB2  H N N 137 
HIS HB3  H N N 138 
HIS HD1  H N N 139 
HIS HD2  H N N 140 
HIS HE1  H N N 141 
HIS HE2  H N N 142 
HIS HXT  H N N 143 
HOH O    O N N 144 
HOH H1   H N N 145 
HOH H2   H N N 146 
ILE N    N N N 147 
ILE CA   C N S 148 
ILE C    C N N 149 
ILE O    O N N 150 
ILE CB   C N S 151 
ILE CG1  C N N 152 
ILE CG2  C N N 153 
ILE CD1  C N N 154 
ILE OXT  O N N 155 
ILE H    H N N 156 
ILE H2   H N N 157 
ILE HA   H N N 158 
ILE HB   H N N 159 
ILE HG12 H N N 160 
ILE HG13 H N N 161 
ILE HG21 H N N 162 
ILE HG22 H N N 163 
ILE HG23 H N N 164 
ILE HD11 H N N 165 
ILE HD12 H N N 166 
ILE HD13 H N N 167 
ILE HXT  H N N 168 
LEU N    N N N 169 
LEU CA   C N S 170 
LEU C    C N N 171 
LEU O    O N N 172 
LEU CB   C N N 173 
LEU CG   C N N 174 
LEU CD1  C N N 175 
LEU CD2  C N N 176 
LEU OXT  O N N 177 
LEU H    H N N 178 
LEU H2   H N N 179 
LEU HA   H N N 180 
LEU HB2  H N N 181 
LEU HB3  H N N 182 
LEU HG   H N N 183 
LEU HD11 H N N 184 
LEU HD12 H N N 185 
LEU HD13 H N N 186 
LEU HD21 H N N 187 
LEU HD22 H N N 188 
LEU HD23 H N N 189 
LEU HXT  H N N 190 
LYS N    N N N 191 
LYS CA   C N S 192 
LYS C    C N N 193 
LYS O    O N N 194 
LYS CB   C N N 195 
LYS CG   C N N 196 
LYS CD   C N N 197 
LYS CE   C N N 198 
LYS NZ   N N N 199 
LYS OXT  O N N 200 
LYS H    H N N 201 
LYS H2   H N N 202 
LYS HA   H N N 203 
LYS HB2  H N N 204 
LYS HB3  H N N 205 
LYS HG2  H N N 206 
LYS HG3  H N N 207 
LYS HD2  H N N 208 
LYS HD3  H N N 209 
LYS HE2  H N N 210 
LYS HE3  H N N 211 
LYS HZ1  H N N 212 
LYS HZ2  H N N 213 
LYS HZ3  H N N 214 
LYS HXT  H N N 215 
MET N    N N N 216 
MET CA   C N S 217 
MET C    C N N 218 
MET O    O N N 219 
MET CB   C N N 220 
MET CG   C N N 221 
MET SD   S N N 222 
MET CE   C N N 223 
MET OXT  O N N 224 
MET H    H N N 225 
MET H2   H N N 226 
MET HA   H N N 227 
MET HB2  H N N 228 
MET HB3  H N N 229 
MET HG2  H N N 230 
MET HG3  H N N 231 
MET HE1  H N N 232 
MET HE2  H N N 233 
MET HE3  H N N 234 
MET HXT  H N N 235 
PHE N    N N N 236 
PHE CA   C N S 237 
PHE C    C N N 238 
PHE O    O N N 239 
PHE CB   C N N 240 
PHE CG   C Y N 241 
PHE CD1  C Y N 242 
PHE CD2  C Y N 243 
PHE CE1  C Y N 244 
PHE CE2  C Y N 245 
PHE CZ   C Y N 246 
PHE OXT  O N N 247 
PHE H    H N N 248 
PHE H2   H N N 249 
PHE HA   H N N 250 
PHE HB2  H N N 251 
PHE HB3  H N N 252 
PHE HD1  H N N 253 
PHE HD2  H N N 254 
PHE HE1  H N N 255 
PHE HE2  H N N 256 
PHE HZ   H N N 257 
PHE HXT  H N N 258 
PLM C1   C N N 259 
PLM O1   O N N 260 
PLM O2   O N N 261 
PLM C2   C N N 262 
PLM C3   C N N 263 
PLM C4   C N N 264 
PLM C5   C N N 265 
PLM C6   C N N 266 
PLM C7   C N N 267 
PLM C8   C N N 268 
PLM C9   C N N 269 
PLM CA   C N N 270 
PLM CB   C N N 271 
PLM CC   C N N 272 
PLM CD   C N N 273 
PLM CE   C N N 274 
PLM CF   C N N 275 
PLM CG   C N N 276 
PLM H    H N N 277 
PLM H21  H N N 278 
PLM H22  H N N 279 
PLM H31  H N N 280 
PLM H32  H N N 281 
PLM H41  H N N 282 
PLM H42  H N N 283 
PLM H51  H N N 284 
PLM H52  H N N 285 
PLM H61  H N N 286 
PLM H62  H N N 287 
PLM H71  H N N 288 
PLM H72  H N N 289 
PLM H81  H N N 290 
PLM H82  H N N 291 
PLM H91  H N N 292 
PLM H92  H N N 293 
PLM HA1  H N N 294 
PLM HA2  H N N 295 
PLM HB1  H N N 296 
PLM HB2  H N N 297 
PLM HC1  H N N 298 
PLM HC2  H N N 299 
PLM HD1  H N N 300 
PLM HD2  H N N 301 
PLM HE1  H N N 302 
PLM HE2  H N N 303 
PLM HF1  H N N 304 
PLM HF2  H N N 305 
PLM HG1  H N N 306 
PLM HG2  H N N 307 
PLM HG3  H N N 308 
PRO N    N N N 309 
PRO CA   C N S 310 
PRO C    C N N 311 
PRO O    O N N 312 
PRO CB   C N N 313 
PRO CG   C N N 314 
PRO CD   C N N 315 
PRO OXT  O N N 316 
PRO H    H N N 317 
PRO HA   H N N 318 
PRO HB2  H N N 319 
PRO HB3  H N N 320 
PRO HG2  H N N 321 
PRO HG3  H N N 322 
PRO HD2  H N N 323 
PRO HD3  H N N 324 
PRO HXT  H N N 325 
SER N    N N N 326 
SER CA   C N S 327 
SER C    C N N 328 
SER O    O N N 329 
SER CB   C N N 330 
SER OG   O N N 331 
SER OXT  O N N 332 
SER H    H N N 333 
SER H2   H N N 334 
SER HA   H N N 335 
SER HB2  H N N 336 
SER HB3  H N N 337 
SER HG   H N N 338 
SER HXT  H N N 339 
THR N    N N N 340 
THR CA   C N S 341 
THR C    C N N 342 
THR O    O N N 343 
THR CB   C N R 344 
THR OG1  O N N 345 
THR CG2  C N N 346 
THR OXT  O N N 347 
THR H    H N N 348 
THR H2   H N N 349 
THR HA   H N N 350 
THR HB   H N N 351 
THR HG1  H N N 352 
THR HG21 H N N 353 
THR HG22 H N N 354 
THR HG23 H N N 355 
THR HXT  H N N 356 
TRP N    N N N 357 
TRP CA   C N S 358 
TRP C    C N N 359 
TRP O    O N N 360 
TRP CB   C N N 361 
TRP CG   C Y N 362 
TRP CD1  C Y N 363 
TRP CD2  C Y N 364 
TRP NE1  N Y N 365 
TRP CE2  C Y N 366 
TRP CE3  C Y N 367 
TRP CZ2  C Y N 368 
TRP CZ3  C Y N 369 
TRP CH2  C Y N 370 
TRP OXT  O N N 371 
TRP H    H N N 372 
TRP H2   H N N 373 
TRP HA   H N N 374 
TRP HB2  H N N 375 
TRP HB3  H N N 376 
TRP HD1  H N N 377 
TRP HE1  H N N 378 
TRP HE3  H N N 379 
TRP HZ2  H N N 380 
TRP HZ3  H N N 381 
TRP HH2  H N N 382 
TRP HXT  H N N 383 
TYR N    N N N 384 
TYR CA   C N S 385 
TYR C    C N N 386 
TYR O    O N N 387 
TYR CB   C N N 388 
TYR CG   C Y N 389 
TYR CD1  C Y N 390 
TYR CD2  C Y N 391 
TYR CE1  C Y N 392 
TYR CE2  C Y N 393 
TYR CZ   C Y N 394 
TYR OH   O N N 395 
TYR OXT  O N N 396 
TYR H    H N N 397 
TYR H2   H N N 398 
TYR HA   H N N 399 
TYR HB2  H N N 400 
TYR HB3  H N N 401 
TYR HD1  H N N 402 
TYR HD2  H N N 403 
TYR HE1  H N N 404 
TYR HE2  H N N 405 
TYR HH   H N N 406 
TYR HXT  H N N 407 
VAL N    N N N 408 
VAL CA   C N S 409 
VAL C    C N N 410 
VAL O    O N N 411 
VAL CB   C N N 412 
VAL CG1  C N N 413 
VAL CG2  C N N 414 
VAL OXT  O N N 415 
VAL H    H N N 416 
VAL H2   H N N 417 
VAL HA   H N N 418 
VAL HB   H N N 419 
VAL HG11 H N N 420 
VAL HG12 H N N 421 
VAL HG13 H N N 422 
VAL HG21 H N N 423 
VAL HG22 H N N 424 
VAL HG23 H N N 425 
VAL HXT  H N N 426 
# 
loop_
_chem_comp_bond.comp_id 
_chem_comp_bond.atom_id_1 
_chem_comp_bond.atom_id_2 
_chem_comp_bond.value_order 
_chem_comp_bond.pdbx_aromatic_flag 
_chem_comp_bond.pdbx_stereo_config 
_chem_comp_bond.pdbx_ordinal 
ALA N   CA   sing N N 1   
ALA N   H    sing N N 2   
ALA N   H2   sing N N 3   
ALA CA  C    sing N N 4   
ALA CA  CB   sing N N 5   
ALA CA  HA   sing N N 6   
ALA C   O    doub N N 7   
ALA C   OXT  sing N N 8   
ALA CB  HB1  sing N N 9   
ALA CB  HB2  sing N N 10  
ALA CB  HB3  sing N N 11  
ALA OXT HXT  sing N N 12  
ARG N   CA   sing N N 13  
ARG N   H    sing N N 14  
ARG N   H2   sing N N 15  
ARG CA  C    sing N N 16  
ARG CA  CB   sing N N 17  
ARG CA  HA   sing N N 18  
ARG C   O    doub N N 19  
ARG C   OXT  sing N N 20  
ARG CB  CG   sing N N 21  
ARG CB  HB2  sing N N 22  
ARG CB  HB3  sing N N 23  
ARG CG  CD   sing N N 24  
ARG CG  HG2  sing N N 25  
ARG CG  HG3  sing N N 26  
ARG CD  NE   sing N N 27  
ARG CD  HD2  sing N N 28  
ARG CD  HD3  sing N N 29  
ARG NE  CZ   sing N N 30  
ARG NE  HE   sing N N 31  
ARG CZ  NH1  sing N N 32  
ARG CZ  NH2  doub N N 33  
ARG NH1 HH11 sing N N 34  
ARG NH1 HH12 sing N N 35  
ARG NH2 HH21 sing N N 36  
ARG NH2 HH22 sing N N 37  
ARG OXT HXT  sing N N 38  
ASN N   CA   sing N N 39  
ASN N   H    sing N N 40  
ASN N   H2   sing N N 41  
ASN CA  C    sing N N 42  
ASN CA  CB   sing N N 43  
ASN CA  HA   sing N N 44  
ASN C   O    doub N N 45  
ASN C   OXT  sing N N 46  
ASN CB  CG   sing N N 47  
ASN CB  HB2  sing N N 48  
ASN CB  HB3  sing N N 49  
ASN CG  OD1  doub N N 50  
ASN CG  ND2  sing N N 51  
ASN ND2 HD21 sing N N 52  
ASN ND2 HD22 sing N N 53  
ASN OXT HXT  sing N N 54  
ASP N   CA   sing N N 55  
ASP N   H    sing N N 56  
ASP N   H2   sing N N 57  
ASP CA  C    sing N N 58  
ASP CA  CB   sing N N 59  
ASP CA  HA   sing N N 60  
ASP C   O    doub N N 61  
ASP C   OXT  sing N N 62  
ASP CB  CG   sing N N 63  
ASP CB  HB2  sing N N 64  
ASP CB  HB3  sing N N 65  
ASP CG  OD1  doub N N 66  
ASP CG  OD2  sing N N 67  
ASP OD2 HD2  sing N N 68  
ASP OXT HXT  sing N N 69  
GLN N   CA   sing N N 70  
GLN N   H    sing N N 71  
GLN N   H2   sing N N 72  
GLN CA  C    sing N N 73  
GLN CA  CB   sing N N 74  
GLN CA  HA   sing N N 75  
GLN C   O    doub N N 76  
GLN C   OXT  sing N N 77  
GLN CB  CG   sing N N 78  
GLN CB  HB2  sing N N 79  
GLN CB  HB3  sing N N 80  
GLN CG  CD   sing N N 81  
GLN CG  HG2  sing N N 82  
GLN CG  HG3  sing N N 83  
GLN CD  OE1  doub N N 84  
GLN CD  NE2  sing N N 85  
GLN NE2 HE21 sing N N 86  
GLN NE2 HE22 sing N N 87  
GLN OXT HXT  sing N N 88  
GLU N   CA   sing N N 89  
GLU N   H    sing N N 90  
GLU N   H2   sing N N 91  
GLU CA  C    sing N N 92  
GLU CA  CB   sing N N 93  
GLU CA  HA   sing N N 94  
GLU C   O    doub N N 95  
GLU C   OXT  sing N N 96  
GLU CB  CG   sing N N 97  
GLU CB  HB2  sing N N 98  
GLU CB  HB3  sing N N 99  
GLU CG  CD   sing N N 100 
GLU CG  HG2  sing N N 101 
GLU CG  HG3  sing N N 102 
GLU CD  OE1  doub N N 103 
GLU CD  OE2  sing N N 104 
GLU OE2 HE2  sing N N 105 
GLU OXT HXT  sing N N 106 
GLY N   CA   sing N N 107 
GLY N   H    sing N N 108 
GLY N   H2   sing N N 109 
GLY CA  C    sing N N 110 
GLY CA  HA2  sing N N 111 
GLY CA  HA3  sing N N 112 
GLY C   O    doub N N 113 
GLY C   OXT  sing N N 114 
GLY OXT HXT  sing N N 115 
HIS N   CA   sing N N 116 
HIS N   H    sing N N 117 
HIS N   H2   sing N N 118 
HIS CA  C    sing N N 119 
HIS CA  CB   sing N N 120 
HIS CA  HA   sing N N 121 
HIS C   O    doub N N 122 
HIS C   OXT  sing N N 123 
HIS CB  CG   sing N N 124 
HIS CB  HB2  sing N N 125 
HIS CB  HB3  sing N N 126 
HIS CG  ND1  sing Y N 127 
HIS CG  CD2  doub Y N 128 
HIS ND1 CE1  doub Y N 129 
HIS ND1 HD1  sing N N 130 
HIS CD2 NE2  sing Y N 131 
HIS CD2 HD2  sing N N 132 
HIS CE1 NE2  sing Y N 133 
HIS CE1 HE1  sing N N 134 
HIS NE2 HE2  sing N N 135 
HIS OXT HXT  sing N N 136 
HOH O   H1   sing N N 137 
HOH O   H2   sing N N 138 
ILE N   CA   sing N N 139 
ILE N   H    sing N N 140 
ILE N   H2   sing N N 141 
ILE CA  C    sing N N 142 
ILE CA  CB   sing N N 143 
ILE CA  HA   sing N N 144 
ILE C   O    doub N N 145 
ILE C   OXT  sing N N 146 
ILE CB  CG1  sing N N 147 
ILE CB  CG2  sing N N 148 
ILE CB  HB   sing N N 149 
ILE CG1 CD1  sing N N 150 
ILE CG1 HG12 sing N N 151 
ILE CG1 HG13 sing N N 152 
ILE CG2 HG21 sing N N 153 
ILE CG2 HG22 sing N N 154 
ILE CG2 HG23 sing N N 155 
ILE CD1 HD11 sing N N 156 
ILE CD1 HD12 sing N N 157 
ILE CD1 HD13 sing N N 158 
ILE OXT HXT  sing N N 159 
LEU N   CA   sing N N 160 
LEU N   H    sing N N 161 
LEU N   H2   sing N N 162 
LEU CA  C    sing N N 163 
LEU CA  CB   sing N N 164 
LEU CA  HA   sing N N 165 
LEU C   O    doub N N 166 
LEU C   OXT  sing N N 167 
LEU CB  CG   sing N N 168 
LEU CB  HB2  sing N N 169 
LEU CB  HB3  sing N N 170 
LEU CG  CD1  sing N N 171 
LEU CG  CD2  sing N N 172 
LEU CG  HG   sing N N 173 
LEU CD1 HD11 sing N N 174 
LEU CD1 HD12 sing N N 175 
LEU CD1 HD13 sing N N 176 
LEU CD2 HD21 sing N N 177 
LEU CD2 HD22 sing N N 178 
LEU CD2 HD23 sing N N 179 
LEU OXT HXT  sing N N 180 
LYS N   CA   sing N N 181 
LYS N   H    sing N N 182 
LYS N   H2   sing N N 183 
LYS CA  C    sing N N 184 
LYS CA  CB   sing N N 185 
LYS CA  HA   sing N N 186 
LYS C   O    doub N N 187 
LYS C   OXT  sing N N 188 
LYS CB  CG   sing N N 189 
LYS CB  HB2  sing N N 190 
LYS CB  HB3  sing N N 191 
LYS CG  CD   sing N N 192 
LYS CG  HG2  sing N N 193 
LYS CG  HG3  sing N N 194 
LYS CD  CE   sing N N 195 
LYS CD  HD2  sing N N 196 
LYS CD  HD3  sing N N 197 
LYS CE  NZ   sing N N 198 
LYS CE  HE2  sing N N 199 
LYS CE  HE3  sing N N 200 
LYS NZ  HZ1  sing N N 201 
LYS NZ  HZ2  sing N N 202 
LYS NZ  HZ3  sing N N 203 
LYS OXT HXT  sing N N 204 
MET N   CA   sing N N 205 
MET N   H    sing N N 206 
MET N   H2   sing N N 207 
MET CA  C    sing N N 208 
MET CA  CB   sing N N 209 
MET CA  HA   sing N N 210 
MET C   O    doub N N 211 
MET C   OXT  sing N N 212 
MET CB  CG   sing N N 213 
MET CB  HB2  sing N N 214 
MET CB  HB3  sing N N 215 
MET CG  SD   sing N N 216 
MET CG  HG2  sing N N 217 
MET CG  HG3  sing N N 218 
MET SD  CE   sing N N 219 
MET CE  HE1  sing N N 220 
MET CE  HE2  sing N N 221 
MET CE  HE3  sing N N 222 
MET OXT HXT  sing N N 223 
PHE N   CA   sing N N 224 
PHE N   H    sing N N 225 
PHE N   H2   sing N N 226 
PHE CA  C    sing N N 227 
PHE CA  CB   sing N N 228 
PHE CA  HA   sing N N 229 
PHE C   O    doub N N 230 
PHE C   OXT  sing N N 231 
PHE CB  CG   sing N N 232 
PHE CB  HB2  sing N N 233 
PHE CB  HB3  sing N N 234 
PHE CG  CD1  doub Y N 235 
PHE CG  CD2  sing Y N 236 
PHE CD1 CE1  sing Y N 237 
PHE CD1 HD1  sing N N 238 
PHE CD2 CE2  doub Y N 239 
PHE CD2 HD2  sing N N 240 
PHE CE1 CZ   doub Y N 241 
PHE CE1 HE1  sing N N 242 
PHE CE2 CZ   sing Y N 243 
PHE CE2 HE2  sing N N 244 
PHE CZ  HZ   sing N N 245 
PHE OXT HXT  sing N N 246 
PLM C1  O1   sing N N 247 
PLM C1  O2   doub N N 248 
PLM C1  C2   sing N N 249 
PLM O1  H    sing N N 250 
PLM C2  C3   sing N N 251 
PLM C2  H21  sing N N 252 
PLM C2  H22  sing N N 253 
PLM C3  C4   sing N N 254 
PLM C3  H31  sing N N 255 
PLM C3  H32  sing N N 256 
PLM C4  C5   sing N N 257 
PLM C4  H41  sing N N 258 
PLM C4  H42  sing N N 259 
PLM C5  C6   sing N N 260 
PLM C5  H51  sing N N 261 
PLM C5  H52  sing N N 262 
PLM C6  C7   sing N N 263 
PLM C6  H61  sing N N 264 
PLM C6  H62  sing N N 265 
PLM C7  C8   sing N N 266 
PLM C7  H71  sing N N 267 
PLM C7  H72  sing N N 268 
PLM C8  C9   sing N N 269 
PLM C8  H81  sing N N 270 
PLM C8  H82  sing N N 271 
PLM C9  CA   sing N N 272 
PLM C9  H91  sing N N 273 
PLM C9  H92  sing N N 274 
PLM CA  CB   sing N N 275 
PLM CA  HA1  sing N N 276 
PLM CA  HA2  sing N N 277 
PLM CB  CC   sing N N 278 
PLM CB  HB1  sing N N 279 
PLM CB  HB2  sing N N 280 
PLM CC  CD   sing N N 281 
PLM CC  HC1  sing N N 282 
PLM CC  HC2  sing N N 283 
PLM CD  CE   sing N N 284 
PLM CD  HD1  sing N N 285 
PLM CD  HD2  sing N N 286 
PLM CE  CF   sing N N 287 
PLM CE  HE1  sing N N 288 
PLM CE  HE2  sing N N 289 
PLM CF  CG   sing N N 290 
PLM CF  HF1  sing N N 291 
PLM CF  HF2  sing N N 292 
PLM CG  HG1  sing N N 293 
PLM CG  HG2  sing N N 294 
PLM CG  HG3  sing N N 295 
PRO N   CA   sing N N 296 
PRO N   CD   sing N N 297 
PRO N   H    sing N N 298 
PRO CA  C    sing N N 299 
PRO CA  CB   sing N N 300 
PRO CA  HA   sing N N 301 
PRO C   O    doub N N 302 
PRO C   OXT  sing N N 303 
PRO CB  CG   sing N N 304 
PRO CB  HB2  sing N N 305 
PRO CB  HB3  sing N N 306 
PRO CG  CD   sing N N 307 
PRO CG  HG2  sing N N 308 
PRO CG  HG3  sing N N 309 
PRO CD  HD2  sing N N 310 
PRO CD  HD3  sing N N 311 
PRO OXT HXT  sing N N 312 
SER N   CA   sing N N 313 
SER N   H    sing N N 314 
SER N   H2   sing N N 315 
SER CA  C    sing N N 316 
SER CA  CB   sing N N 317 
SER CA  HA   sing N N 318 
SER C   O    doub N N 319 
SER C   OXT  sing N N 320 
SER CB  OG   sing N N 321 
SER CB  HB2  sing N N 322 
SER CB  HB3  sing N N 323 
SER OG  HG   sing N N 324 
SER OXT HXT  sing N N 325 
THR N   CA   sing N N 326 
THR N   H    sing N N 327 
THR N   H2   sing N N 328 
THR CA  C    sing N N 329 
THR CA  CB   sing N N 330 
THR CA  HA   sing N N 331 
THR C   O    doub N N 332 
THR C   OXT  sing N N 333 
THR CB  OG1  sing N N 334 
THR CB  CG2  sing N N 335 
THR CB  HB   sing N N 336 
THR OG1 HG1  sing N N 337 
THR CG2 HG21 sing N N 338 
THR CG2 HG22 sing N N 339 
THR CG2 HG23 sing N N 340 
THR OXT HXT  sing N N 341 
TRP N   CA   sing N N 342 
TRP N   H    sing N N 343 
TRP N   H2   sing N N 344 
TRP CA  C    sing N N 345 
TRP CA  CB   sing N N 346 
TRP CA  HA   sing N N 347 
TRP C   O    doub N N 348 
TRP C   OXT  sing N N 349 
TRP CB  CG   sing N N 350 
TRP CB  HB2  sing N N 351 
TRP CB  HB3  sing N N 352 
TRP CG  CD1  doub Y N 353 
TRP CG  CD2  sing Y N 354 
TRP CD1 NE1  sing Y N 355 
TRP CD1 HD1  sing N N 356 
TRP CD2 CE2  doub Y N 357 
TRP CD2 CE3  sing Y N 358 
TRP NE1 CE2  sing Y N 359 
TRP NE1 HE1  sing N N 360 
TRP CE2 CZ2  sing Y N 361 
TRP CE3 CZ3  doub Y N 362 
TRP CE3 HE3  sing N N 363 
TRP CZ2 CH2  doub Y N 364 
TRP CZ2 HZ2  sing N N 365 
TRP CZ3 CH2  sing Y N 366 
TRP CZ3 HZ3  sing N N 367 
TRP CH2 HH2  sing N N 368 
TRP OXT HXT  sing N N 369 
TYR N   CA   sing N N 370 
TYR N   H    sing N N 371 
TYR N   H2   sing N N 372 
TYR CA  C    sing N N 373 
TYR CA  CB   sing N N 374 
TYR CA  HA   sing N N 375 
TYR C   O    doub N N 376 
TYR C   OXT  sing N N 377 
TYR CB  CG   sing N N 378 
TYR CB  HB2  sing N N 379 
TYR CB  HB3  sing N N 380 
TYR CG  CD1  doub Y N 381 
TYR CG  CD2  sing Y N 382 
TYR CD1 CE1  sing Y N 383 
TYR CD1 HD1  sing N N 384 
TYR CD2 CE2  doub Y N 385 
TYR CD2 HD2  sing N N 386 
TYR CE1 CZ   doub Y N 387 
TYR CE1 HE1  sing N N 388 
TYR CE2 CZ   sing Y N 389 
TYR CE2 HE2  sing N N 390 
TYR CZ  OH   sing N N 391 
TYR OH  HH   sing N N 392 
TYR OXT HXT  sing N N 393 
VAL N   CA   sing N N 394 
VAL N   H    sing N N 395 
VAL N   H2   sing N N 396 
VAL CA  C    sing N N 397 
VAL CA  CB   sing N N 398 
VAL CA  HA   sing N N 399 
VAL C   O    doub N N 400 
VAL C   OXT  sing N N 401 
VAL CB  CG1  sing N N 402 
VAL CB  CG2  sing N N 403 
VAL CB  HB   sing N N 404 
VAL CG1 HG11 sing N N 405 
VAL CG1 HG12 sing N N 406 
VAL CG1 HG13 sing N N 407 
VAL CG2 HG21 sing N N 408 
VAL CG2 HG22 sing N N 409 
VAL CG2 HG23 sing N N 410 
VAL OXT HXT  sing N N 411 
# 
_pdbx_audit_support.funding_organization   'National Research Foundation (NRF, Korea)' 
_pdbx_audit_support.country                'Korea, Republic Of' 
_pdbx_audit_support.grant_number           15250103 
_pdbx_audit_support.ordinal                1 
# 
_pdbx_entity_instance_feature.ordinal        1 
_pdbx_entity_instance_feature.comp_id        PLM 
_pdbx_entity_instance_feature.asym_id        ? 
_pdbx_entity_instance_feature.seq_num        ? 
_pdbx_entity_instance_feature.auth_comp_id   PLM 
_pdbx_entity_instance_feature.auth_asym_id   ? 
_pdbx_entity_instance_feature.auth_seq_num   ? 
_pdbx_entity_instance_feature.feature_type   'SUBJECT OF INVESTIGATION' 
_pdbx_entity_instance_feature.details        ? 
# 
_space_group.name_H-M_alt     'P 41 21 2' 
_space_group.name_Hall        'P 4abw 2nw' 
_space_group.IT_number        92 
_space_group.crystal_system   tetragonal 
_space_group.id               1 
# 
_atom_sites.entry_id                    7DVN 
_atom_sites.Cartn_transf_matrix[1][1]   ? 
_atom_sites.Cartn_transf_matrix[1][2]   ? 
_atom_sites.Cartn_transf_matrix[1][3]   ? 
_atom_sites.Cartn_transf_matrix[2][1]   ? 
_atom_sites.Cartn_transf_matrix[2][2]   ? 
_atom_sites.Cartn_transf_matrix[2][3]   ? 
_atom_sites.Cartn_transf_matrix[3][1]   ? 
_atom_sites.Cartn_transf_matrix[3][2]   ? 
_atom_sites.Cartn_transf_matrix[3][3]   ? 
_atom_sites.Cartn_transf_vector[1]      ? 
_atom_sites.Cartn_transf_vector[2]      ? 
_atom_sites.Cartn_transf_vector[3]      ? 
_atom_sites.fract_transf_matrix[1][1]   0.00334126 
_atom_sites.fract_transf_matrix[1][2]   -0.01335317 
_atom_sites.fract_transf_matrix[1][3]   0.00659222 
_atom_sites.fract_transf_matrix[2][1]   0.01174400 
_atom_sites.fract_transf_matrix[2][2]   -0.00179142 
_atom_sites.fract_transf_matrix[2][3]   -0.00958112 
_atom_sites.fract_transf_matrix[3][1]   0.00664335 
_atom_sites.fract_transf_matrix[3][2]   0.00520220 
_atom_sites.fract_transf_matrix[3][3]   0.00717038 
_atom_sites.fract_transf_vector[1]      -0.038860 
_atom_sites.fract_transf_vector[2]      0.120039 
_atom_sites.fract_transf_vector[3]      -0.186741 
_atom_sites.solution_primary            ? 
_atom_sites.solution_secondary          ? 
_atom_sites.solution_hydrogens          ? 
_atom_sites.special_details             ? 
# 
loop_
_atom_type.symbol 
_atom_type.scat_dispersion_real 
_atom_type.scat_dispersion_imag 
_atom_type.scat_Cromer_Mann_a1 
_atom_type.scat_Cromer_Mann_a2 
_atom_type.scat_Cromer_Mann_a3 
_atom_type.scat_Cromer_Mann_a4 
_atom_type.scat_Cromer_Mann_b1 
_atom_type.scat_Cromer_Mann_b2 
_atom_type.scat_Cromer_Mann_b3 
_atom_type.scat_Cromer_Mann_b4 
_atom_type.scat_Cromer_Mann_c 
_atom_type.scat_source 
_atom_type.scat_dispersion_source 
C ? ? 3.54356 2.42580 ? ? 25.62398 1.50364  ? ? 0.0 
;2-Gaussian fit: Grosse-Kunstleve RW, Sauter NK, Adams PD: Newsletter of the IUCr Commission on Crystallographic Computing 2004, 3, 22-31.
;
? 
N ? ? 4.01032 2.96436 ? ? 19.97189 1.75589  ? ? 0.0 
;2-Gaussian fit: Grosse-Kunstleve RW, Sauter NK, Adams PD: Newsletter of the IUCr Commission on Crystallographic Computing 2004, 3, 22-31.
;
? 
O ? ? 4.49882 3.47563 ? ? 15.80542 1.70748  ? ? 0.0 
;2-Gaussian fit: Grosse-Kunstleve RW, Sauter NK, Adams PD: Newsletter of the IUCr Commission on Crystallographic Computing 2004, 3, 22-31.
;
? 
S ? ? 9.55732 6.39887 ? ? 1.23737  29.19336 ? ? 0.0 
;2-Gaussian fit: Grosse-Kunstleve RW, Sauter NK, Adams PD: Newsletter of the IUCr Commission on Crystallographic Computing 2004, 3, 22-31.
;
? 
# 
loop_
_atom_site.group_PDB 
_atom_site.id 
_atom_site.type_symbol 
_atom_site.label_atom_id 
_atom_site.label_alt_id 
_atom_site.label_comp_id 
_atom_site.label_asym_id 
_atom_site.label_entity_id 
_atom_site.label_seq_id 
_atom_site.pdbx_PDB_ins_code 
_atom_site.Cartn_x 
_atom_site.Cartn_y 
_atom_site.Cartn_z 
_atom_site.occupancy 
_atom_site.B_iso_or_equiv 
_atom_site.pdbx_formal_charge 
_atom_site.auth_seq_id 
_atom_site.auth_comp_id 
_atom_site.auth_asym_id 
_atom_site.auth_atom_id 
_atom_site.pdbx_PDB_model_num 
ATOM   1    N N   . MET A 1 1   ? -20.61492 13.75775  -15.58464 1.000 60.98000 ? 1   MET A N   1 
ATOM   2    C CA  . MET A 1 1   ? -20.79003 12.44634  -16.29320 1.000 58.26000 ? 1   MET A CA  1 
ATOM   3    C C   . MET A 1 1   ? -19.81385 12.33187  -17.48056 1.000 49.96000 ? 1   MET A C   1 
ATOM   4    O O   . MET A 1 1   ? -20.22241 11.87096  -18.54509 1.000 52.43000 ? 1   MET A O   1 
ATOM   5    C CB  . MET A 1 1   ? -22.23353 12.33767  -16.79339 1.000 63.87000 ? 1   MET A CB  1 
ATOM   6    C CG  . MET A 1 1   ? -22.51411 11.03280  -17.49545 1.000 67.97000 ? 1   MET A CG  1 
ATOM   7    S SD  . MET A 1 1   ? -24.08084 10.31805  -16.96612 1.000 76.04000 ? 1   MET A SD  1 
ATOM   8    C CE  . MET A 1 1   ? -23.87857 8.62064   -17.51108 1.000 74.06000 ? 1   MET A CE  1 
ATOM   9    N N   . ASP A 1 2   ? -18.54387 12.42318  -17.09425 1.000 46.12000 ? 2   ASP A N   1 
ATOM   10   C CA  . ASP A 1 2   ? -17.38329 12.45797  -18.03570 1.000 38.70000 ? 2   ASP A CA  1 
ATOM   11   C C   . ASP A 1 2   ? -16.84618 11.03700  -18.27608 1.000 32.61000 ? 2   ASP A C   1 
ATOM   12   O O   . ASP A 1 2   ? -16.31352 10.42411  -17.28717 1.000 29.28000 ? 2   ASP A O   1 
ATOM   13   C CB  . ASP A 1 2   ? -16.28863 13.31418  -17.42109 1.000 35.39000 ? 2   ASP A CB  1 
ATOM   14   C CG  . ASP A 1 2   ? -15.14904 13.63776  -18.36422 1.000 33.75000 ? 2   ASP A CG  1 
ATOM   15   O OD1 . ASP A 1 2   ? -14.94375 12.89986  -19.32861 1.000 31.25000 ? 2   ASP A OD1 1 
ATOM   16   O OD2 . ASP A 1 2   ? -14.51262 14.66780  -18.13992 1.000 38.64000 ? 2   ASP A OD2 1 
ATOM   17   N N   . LYS A 1 3   ? -16.99760 10.48751  -19.48833 1.000 31.23000 ? 3   LYS A N   1 
ATOM   18   C CA  . LYS A 1 3   ? -16.54875 9.11084   -19.81652 1.000 27.45000 ? 3   LYS A CA  1 
ATOM   19   C C   . LYS A 1 3   ? -15.06095 8.98604   -19.48757 1.000 26.18000 ? 3   LYS A C   1 
ATOM   20   O O   . LYS A 1 3   ? -14.59597 7.86093   -19.19629 1.000 26.11000 ? 3   LYS A O   1 
ATOM   21   C CB  . LYS A 1 3   ? -16.77115 8.70931   -21.27882 1.000 34.84000 ? 3   LYS A CB  1 
ATOM   22   C CG  . LYS A 1 3   ? -18.15796 8.15523   -21.55935 1.000 45.20000 ? 3   LYS A CG  1 
ATOM   23   C CD  . LYS A 1 3   ? -18.68636 7.29668   -20.43764 1.000 49.92000 ? 3   LYS A CD  1 
ATOM   24   C CE  . LYS A 1 3   ? -20.05777 6.72005   -20.72534 1.000 55.21000 ? 3   LYS A CE  1 
ATOM   25   N NZ  . LYS A 1 3   ? -20.09261 5.27413   -20.40690 1.000 58.37000 ? 3   LYS A NZ  1 
ATOM   26   N N   . ARG A 1 4   ? -14.32188 10.06292  -19.67186 1.000 22.33000 ? 4   ARG A N   1 
ATOM   27   C CA  . ARG A 1 4   ? -12.84369 9.94460   -19.50086 1.000 21.50000 ? 4   ARG A CA  1 
ATOM   28   C C   . ARG A 1 4   ? -12.53691 9.70793   -18.01970 1.000 20.87000 ? 4   ARG A C   1 
ATOM   29   O O   . ARG A 1 4   ? -11.61597 8.95326   -17.67683 1.000 20.83000 ? 4   ARG A O   1 
ATOM   30   C CB  . ARG A 1 4   ? -12.09536 11.20182  -19.94965 1.000 24.71000 ? 4   ARG A CB  1 
ATOM   31   C CG  . ARG A 1 4   ? -12.38057 11.63328  -21.38983 1.000 31.70000 ? 4   ARG A CG  1 
ATOM   32   C CD  . ARG A 1 4   ? -11.91603 13.09286  -21.62058 1.000 29.80000 ? 4   ARG A CD  1 
ATOM   33   N NE  . ARG A 1 4   ? -12.48869 14.02982  -20.65947 1.000 31.88000 ? 4   ARG A NE  1 
ATOM   34   C CZ  . ARG A 1 4   ? -12.05712 15.26391  -20.35325 1.000 34.77000 ? 4   ARG A CZ  1 
ATOM   35   N NH1 . ARG A 1 4   ? -10.97150 15.76468  -20.91938 1.000 33.92000 ? 4   ARG A NH1 1 
ATOM   36   N NH2 . ARG A 1 4   ? -12.67094 15.96446  -19.40794 1.000 37.51000 ? 4   ARG A NH2 1 
ATOM   37   N N   . ILE A 1 5   ? -13.24793 10.40701  -17.14387 1.000 22.28000 ? 5   ILE A N   1 
ATOM   38   C CA  . ILE A 1 5   ? -13.05698 10.21015  -15.68310 1.000 19.37000 ? 5   ILE A CA  1 
ATOM   39   C C   . ILE A 1 5   ? -13.50781 8.82259   -15.25786 1.000 21.15000 ? 5   ILE A C   1 
ATOM   40   O O   . ILE A 1 5   ? -12.79395 8.17560   -14.42754 1.000 19.98000 ? 5   ILE A O   1 
ATOM   41   C CB  . ILE A 1 5   ? -13.76064 11.34491  -14.88927 1.000 20.70000 ? 5   ILE A CB  1 
ATOM   42   C CG1 . ILE A 1 5   ? -13.16860 12.72669  -15.18017 1.000 22.71000 ? 5   ILE A CG1 1 
ATOM   43   C CG2 . ILE A 1 5   ? -13.80816 11.06600  -13.40439 1.000 20.27000 ? 5   ILE A CG2 1 
ATOM   44   C CD1 . ILE A 1 5   ? -11.76900 12.91975  -14.71134 1.000 24.56000 ? 5   ILE A CD1 1 
ATOM   45   N N   . GLN A 1 6   ? -14.65403 8.32608   -15.72893 1.000 21.86000 ? 6   GLN A N   1 
ATOM   46   C CA  . GLN A 1 6   ? -15.12194 6.94165   -15.44148 1.000 21.38000 ? 6   GLN A CA  1 
ATOM   47   C C   . GLN A 1 6   ? -13.97886 5.98270   -15.76620 1.000 20.41000 ? 6   GLN A C   1 
ATOM   48   O O   . GLN A 1 6   ? -13.65599 5.12398   -14.98369 1.000 20.65000 ? 6   GLN A O   1 
ATOM   49   C CB  . GLN A 1 6   ? -16.40861 6.65444   -16.23696 1.000 23.57000 ? 6   GLN A CB  1 
ATOM   50   C CG  . GLN A 1 6   ? -17.57372 7.53176   -15.81406 1.000 27.95000 ? 6   GLN A CG  1 
ATOM   51   C CD  . GLN A 1 6   ? -18.72667 7.61495   -16.79523 1.000 37.59000 ? 6   GLN A CD  1 
ATOM   52   O OE1 . GLN A 1 6   ? -18.81716 6.88649   -17.77348 1.000 42.42000 ? 6   GLN A OE1 1 
ATOM   53   N NE2 . GLN A 1 6   ? -19.59351 8.59294   -16.57194 1.000 41.49000 ? 6   GLN A NE2 1 
ATOM   54   N N   . GLU A 1 7   ? -13.39466 6.12631   -16.96141 1.000 19.41000 ? 7   GLU A N   1 
ATOM   55   C CA  . GLU A 1 7   ? -12.38111 5.15115   -17.43389 1.000 19.76000 ? 7   GLU A CA  1 
ATOM   56   C C   . GLU A 1 7   ? -11.10988 5.36721   -16.62653 1.000 17.89000 ? 7   GLU A C   1 
ATOM   57   O O   . GLU A 1 7   ? -10.49132 4.37471   -16.23710 1.000 19.70000 ? 7   GLU A O   1 
ATOM   58   C CB  . GLU A 1 7   ? -12.00085 5.28566   -18.90764 1.000 23.13000 ? 7   GLU A CB  1 
ATOM   59   C CG  . GLU A 1 7   ? -11.15472 4.12308   -19.41331 1.000 24.56000 ? 7   GLU A CG  1 
ATOM   60   C CD  . GLU A 1 7   ? -10.68070 4.24583   -20.84958 1.000 26.07000 ? 7   GLU A CD  1 
ATOM   61   O OE1 . GLU A 1 7   ? -11.04611 5.26619   -21.51693 1.000 27.40000 ? 7   GLU A OE1 1 
ATOM   62   O OE2 . GLU A 1 7   ? -9.95862  3.28003   -21.27808 1.000 26.19000 ? 7   GLU A OE2 1 
ATOM   63   N N   . ALA A 1 8   ? -10.69865 6.59682   -16.34919 1.000 17.32000 ? 8   ALA A N   1 
ATOM   64   C CA  . ALA A 1 8   ? -9.44929  6.85801   -15.58982 1.000 17.42000 ? 8   ALA A CA  1 
ATOM   65   C C   . ALA A 1 8   ? -9.53756  6.18157   -14.21117 1.000 17.46000 ? 8   ALA A C   1 
ATOM   66   O O   . ALA A 1 8   ? -8.59204  5.56120   -13.76614 1.000 18.60000 ? 8   ALA A O   1 
ATOM   67   C CB  . ALA A 1 8   ? -9.12576  8.33045   -15.43829 1.000 18.62000 ? 8   ALA A CB  1 
ATOM   68   N N   . VAL A 1 9   ? -10.64740 6.43050   -13.49632 1.000 18.08000 ? 9   VAL A N   1 
ATOM   69   C CA  . VAL A 1 9   ? -10.81221 5.89507   -12.11044 1.000 16.95000 ? 9   VAL A CA  1 
ATOM   70   C C   . VAL A 1 9   ? -10.88004 4.37217   -12.18122 1.000 17.48000 ? 9   VAL A C   1 
ATOM   71   O O   . VAL A 1 9   ? -10.22595 3.71914   -11.35137 1.000 18.85000 ? 9   VAL A O   1 
ATOM   72   C CB  . VAL A 1 9   ? -12.04903 6.53563   -11.45242 1.000 17.72000 ? 9   VAL A CB  1 
ATOM   73   C CG1 . VAL A 1 9   ? -12.38632 5.85897   -10.11933 1.000 21.57000 ? 9   VAL A CG1 1 
ATOM   74   C CG2 . VAL A 1 9   ? -11.88949 8.01512   -11.24517 1.000 18.57000 ? 9   VAL A CG2 1 
ATOM   75   N N   . SER A 1 10  ? -11.63533 3.80730   -13.12087 1.000 19.05000 ? 10  SER A N   1 
ATOM   76   C CA  . SER A 1 10  ? -11.74482 2.33338   -13.30286 1.000 19.63000 ? 10  SER A CA  1 
ATOM   77   C C   . SER A 1 10  ? -10.34733 1.74500   -13.57776 1.000 17.69000 ? 10  SER A C   1 
ATOM   78   O O   . SER A 1 10  ? -9.96583  0.74434   -12.95968 1.000 21.00000 ? 10  SER A O   1 
ATOM   79   C CB  . SER A 1 10  ? -12.68596 2.01815   -14.41822 1.000 23.82000 ? 10  SER A CB  1 
ATOM   80   O OG  . SER A 1 10  ? -12.51432 2.96361   -15.49329 1.000 37.93000 ? 10  SER A OG  1 
ATOM   81   N N   . LEU A 1 11  ? -9.57310  2.39697   -14.43916 1.000 18.19000 ? 11  LEU A N   1 
ATOM   82   C CA  . LEU A 1 11  ? -8.22035  1.88245   -14.75245 1.000 18.51000 ? 11  LEU A CA  1 
ATOM   83   C C   . LEU A 1 11  ? -7.33748  1.88423   -13.52247 1.000 17.52000 ? 11  LEU A C   1 
ATOM   84   O O   . LEU A 1 11  ? -6.50331  0.98396   -13.32405 1.000 19.04000 ? 11  LEU A O   1 
ATOM   85   C CB  . LEU A 1 11  ? -7.58569  2.68637   -15.88820 1.000 18.05000 ? 11  LEU A CB  1 
ATOM   86   C CG  . LEU A 1 11  ? -8.06186  2.33698   -17.29220 1.000 19.57000 ? 11  LEU A CG  1 
ATOM   87   C CD1 . LEU A 1 11  ? -7.59018  3.40423   -18.30739 1.000 19.60000 ? 11  LEU A CD1 1 
ATOM   88   C CD2 . LEU A 1 11  ? -7.60058  0.97439   -17.72087 1.000 21.02000 ? 11  LEU A CD2 1 
ATOM   89   N N   . PHE A 1 12  ? -7.39488  2.95025   -12.71851 1.000 17.58000 ? 12  PHE A N   1 
ATOM   90   C CA  . PHE A 1 12  ? -6.62882  3.09580   -11.47381 1.000 15.97000 ? 12  PHE A CA  1 
ATOM   91   C C   . PHE A 1 12  ? -6.95452  1.89379   -10.58102 1.000 17.82000 ? 12  PHE A C   1 
ATOM   92   O O   . PHE A 1 12  ? -6.06388  1.25037   -10.07151 1.000 18.95000 ? 12  PHE A O   1 
ATOM   93   C CB  . PHE A 1 12  ? -6.95482  4.43362   -10.81893 1.000 16.08000 ? 12  PHE A CB  1 
ATOM   94   C CG  . PHE A 1 12  ? -6.19502  4.61351   -9.55010  1.000 18.97000 ? 12  PHE A CG  1 
ATOM   95   C CD1 . PHE A 1 12  ? -4.88886  5.08219   -9.54521  1.000 19.36000 ? 12  PHE A CD1 1 
ATOM   96   C CD2 . PHE A 1 12  ? -6.73044  4.23046   -8.32520  1.000 21.32000 ? 12  PHE A CD2 1 
ATOM   97   C CE1 . PHE A 1 12  ? -4.17233  5.22041   -8.38056  1.000 21.40000 ? 12  PHE A CE1 1 
ATOM   98   C CE2 . PHE A 1 12  ? -5.99173  4.39251   -7.14897  1.000 23.53000 ? 12  PHE A CE2 1 
ATOM   99   C CZ  . PHE A 1 12  ? -4.69337  4.83179   -7.19274  1.000 21.81000 ? 12  PHE A CZ  1 
ATOM   100  N N   . GLU A 1 13  ? -8.23924  1.60479   -10.41802 1.000 18.76000 ? 13  GLU A N   1 
ATOM   101  C CA  . GLU A 1 13  ? -8.70750  0.50866   -9.53021  1.000 19.42000 ? 13  GLU A CA  1 
ATOM   102  C C   . GLU A 1 13  ? -8.23692  -0.84023  -10.08863 1.000 21.51000 ? 13  GLU A C   1 
ATOM   103  O O   . GLU A 1 13  ? -7.88499  -1.70197  -9.29224  1.000 21.95000 ? 13  GLU A O   1 
ATOM   104  C CB  . GLU A 1 13  ? -10.21816 0.55595   -9.42347  1.000 21.38000 ? 13  GLU A CB  1 
ATOM   105  C CG  . GLU A 1 13  ? -10.74407 1.75003   -8.64588  1.000 23.72000 ? 13  GLU A CG  1 
ATOM   106  C CD  . GLU A 1 13  ? -12.24918 1.96786   -8.72670  1.000 28.09000 ? 13  GLU A CD  1 
ATOM   107  O OE1 . GLU A 1 13  ? -12.84372 1.47276   -9.65279  1.000 27.60000 ? 13  GLU A OE1 1 
ATOM   108  O OE2 . GLU A 1 13  ? -12.77485 2.63871   -7.79363  1.000 29.50000 ? 13  GLU A OE2 1 
ATOM   109  N N   . GLU A 1 14  ? -8.23789  -1.01371  -11.37951 1.000 18.31000 ? 14  GLU A N   1 
ATOM   110  C CA  . GLU A 1 14  ? -7.77399  -2.26257  -12.04446 1.000 20.27000 ? 14  GLU A CA  1 
ATOM   111  C C   . GLU A 1 14  ? -6.28128  -2.41172  -11.87381 1.000 20.97000 ? 14  GLU A C   1 
ATOM   112  O O   . GLU A 1 14  ? -5.77769  -3.53992  -11.67320 1.000 21.24000 ? 14  GLU A O   1 
ATOM   113  C CB  . GLU A 1 14  ? -8.19030  -2.24066  -13.49071 1.000 20.99000 ? 14  GLU A CB  1 
ATOM   114  C CG  . GLU A 1 14  ? -9.69667  -2.47321  -13.59879 1.000 25.74000 ? 14  GLU A CG  1 
ATOM   115  C CD  . GLU A 1 14  ? -10.36557 -2.05535  -14.87435 1.000 37.25000 ? 14  GLU A CD  1 
ATOM   116  O OE1 . GLU A 1 14  ? -9.69558  -1.76290  -15.86478 1.000 30.30000 ? 14  GLU A OE1 1 
ATOM   117  O OE2 . GLU A 1 14  ? -11.61553 -1.94006  -14.81758 1.000 40.55000 ? 14  GLU A OE2 1 
ATOM   118  N N   . VAL A 1 15  ? -5.50864  -1.34865  -12.06375 1.000 18.13000 ? 15  VAL A N   1 
ATOM   119  C CA  . VAL A 1 15  ? -4.05188  -1.46594  -11.84275 1.000 16.80000 ? 15  VAL A CA  1 
ATOM   120  C C   . VAL A 1 15  ? -3.76609  -1.87981  -10.40197 1.000 17.91000 ? 15  VAL A C   1 
ATOM   121  O O   . VAL A 1 15  ? -2.90902  -2.76477  -10.19109 1.000 18.78000 ? 15  VAL A O   1 
ATOM   122  C CB  . VAL A 1 15  ? -3.34857  -0.15780  -12.25589 1.000 18.48000 ? 15  VAL A CB  1 
ATOM   123  C CG1 . VAL A 1 15  ? -1.97087  -0.01833  -11.64140 1.000 19.21000 ? 15  VAL A CG1 1 
ATOM   124  C CG2 . VAL A 1 15  ? -3.30934  -0.08356  -13.76682 1.000 19.49000 ? 15  VAL A CG2 1 
ATOM   125  N N   . LEU A 1 16  ? -4.53536  -1.38842  -9.42650  1.000 20.58000 ? 16  LEU A N   1 
ATOM   126  C CA  . LEU A 1 16  ? -4.37310  -1.83595  -8.03527  1.000 19.54000 ? 16  LEU A CA  1 
ATOM   127  C C   . LEU A 1 16  ? -4.64438  -3.36399  -7.93234  1.000 19.25000 ? 16  LEU A C   1 
ATOM   128  O O   . LEU A 1 16  ? -3.78304  -4.08401  -7.36636  1.000 20.38000 ? 16  LEU A O   1 
ATOM   129  C CB  . LEU A 1 16  ? -5.34171  -1.04712  -7.15267  1.000 20.80000 ? 16  LEU A CB  1 
ATOM   130  C CG  . LEU A 1 16  ? -5.39055  -1.54859  -5.70585  1.000 21.48000 ? 16  LEU A CG  1 
ATOM   131  C CD1 . LEU A 1 16  ? -4.06605  -1.39651  -5.02034  1.000 24.66000 ? 16  LEU A CD1 1 
ATOM   132  C CD2 . LEU A 1 16  ? -6.54426  -0.84858  -4.98575  1.000 22.67000 ? 16  LEU A CD2 1 
ATOM   133  N N   . ILE A 1 17  ? -5.76590  -3.82641  -8.44642  1.000 20.39000 ? 17  ILE A N   1 
ATOM   134  C CA  . ILE A 1 17  ? -6.14599  -5.25986  -8.25880  1.000 20.22000 ? 17  ILE A CA  1 
ATOM   135  C C   . ILE A 1 17  ? -5.17809  -6.15012  -9.00383  1.000 21.22000 ? 17  ILE A C   1 
ATOM   136  O O   . ILE A 1 17  ? -4.62092  -7.10040  -8.40285  1.000 21.03000 ? 17  ILE A O   1 
ATOM   137  C CB  . ILE A 1 17  ? -7.57250  -5.48445  -8.72924  1.000 23.56000 ? 17  ILE A CB  1 
ATOM   138  C CG1 . ILE A 1 17  ? -8.49127  -4.87068  -7.67317  1.000 23.34000 ? 17  ILE A CG1 1 
ATOM   139  C CG2 . ILE A 1 17  ? -7.86363  -6.95316  -9.01697  1.000 29.30000 ? 17  ILE A CG2 1 
ATOM   140  C CD1 . ILE A 1 17  ? -9.79300  -4.39104  -8.24818  1.000 32.95000 ? 17  ILE A CD1 1 
ATOM   141  N N   . TYR A 1 18  ? -4.92684  -5.81860  -10.26317 1.000 19.99000 ? 18  TYR A N   1 
ATOM   142  C CA  . TYR A 1 18  ? -4.08121  -6.72334  -11.08208 1.000 21.27000 ? 18  TYR A CA  1 
ATOM   143  C C   . TYR A 1 18  ? -2.63119  -6.64963  -10.66294 1.000 19.58000 ? 18  TYR A C   1 
ATOM   144  O O   . TYR A 1 18  ? -1.90238  -7.65791  -10.75028 1.000 21.02000 ? 18  TYR A O   1 
ATOM   145  C CB  . TYR A 1 18  ? -4.28430  -6.49153  -12.57702 1.000 21.37000 ? 18  TYR A CB  1 
ATOM   146  C CG  . TYR A 1 18  ? -5.67733  -6.93134  -12.94705 1.000 24.10000 ? 18  TYR A CG  1 
ATOM   147  C CD1 . TYR A 1 18  ? -6.12321  -8.20690  -12.63545 1.000 30.58000 ? 18  TYR A CD1 1 
ATOM   148  C CD2 . TYR A 1 18  ? -6.59834  -5.99572  -13.37481 1.000 27.59000 ? 18  TYR A CD2 1 
ATOM   149  C CE1 . TYR A 1 18  ? -7.44558  -8.57552  -12.84617 1.000 34.95000 ? 18  TYR A CE1 1 
ATOM   150  C CE2 . TYR A 1 18  ? -7.91380  -6.35025  -13.60678 1.000 30.91000 ? 18  TYR A CE2 1 
ATOM   151  C CZ  . TYR A 1 18  ? -8.33928  -7.63509  -13.32896 1.000 35.95000 ? 18  TYR A CZ  1 
ATOM   152  O OH  . TYR A 1 18  ? -9.64978  -7.95839  -13.55113 1.000 42.78000 ? 18  TYR A OH  1 
ATOM   153  N N   . GLY A 1 19  ? -2.12580  -5.47166  -10.27167 1.000 18.94000 ? 19  GLY A N   1 
ATOM   154  C CA  . GLY A 1 19  ? -0.78658  -5.37795  -9.71651  1.000 20.02000 ? 19  GLY A CA  1 
ATOM   155  C C   . GLY A 1 19  ? -0.66172  -6.16347  -8.40986  1.000 20.15000 ? 19  GLY A C   1 
ATOM   156  O O   . GLY A 1 19  ? 0.37858   -6.77252  -8.20756  1.000 19.78000 ? 19  GLY A O   1 
ATOM   157  N N   . THR A 1 20  ? -1.65702  -6.06859  -7.52103  1.000 19.61000 ? 20  THR A N   1 
ATOM   158  C CA  . THR A 1 20  ? -1.69590  -6.80896  -6.24831  1.000 20.16000 ? 20  THR A CA  1 
ATOM   159  C C   . THR A 1 20  ? -1.57992  -8.30632  -6.55733  1.000 21.34000 ? 20  THR A C   1 
ATOM   160  O O   . THR A 1 20  ? -0.68825  -8.93641  -6.00284  1.000 22.09000 ? 20  THR A O   1 
ATOM   161  C CB  . THR A 1 20  ? -2.92383  -6.47524  -5.44077  1.000 23.39000 ? 20  THR A CB  1 
ATOM   162  O OG1 . THR A 1 20  ? -2.89134  -5.10822  -5.04965  1.000 22.77000 ? 20  THR A OG1 1 
ATOM   163  C CG2 . THR A 1 20  ? -2.96071  -7.30261  -4.17164  1.000 24.45000 ? 20  THR A CG2 1 
ATOM   164  N N   . GLU A 1 21  ? -2.39282  -8.80489  -7.47008  1.000 19.90000 ? 21  GLU A N   1 
ATOM   165  C CA  . GLU A 1 21  ? -2.37643  -10.24445 -7.82915  1.000 20.63000 ? 21  GLU A CA  1 
ATOM   166  C C   . GLU A 1 21  ? -1.01329  -10.60377 -8.39129  1.000 22.81000 ? 21  GLU A C   1 
ATOM   167  O O   . GLU A 1 21  ? -0.44253  -11.63977 -8.01249  1.000 21.91000 ? 21  GLU A O   1 
ATOM   168  C CB  . GLU A 1 21  ? -3.48811  -10.52778 -8.82818  1.000 21.24000 ? 21  GLU A CB  1 
ATOM   169  C CG  . GLU A 1 21  ? -3.39811  -11.90229 -9.42618  1.000 25.66000 ? 21  GLU A CG  1 
ATOM   170  C CD  . GLU A 1 21  ? -4.40814  -12.23983 -10.48005 1.000 29.01000 ? 21  GLU A CD  1 
ATOM   171  O OE1 . GLU A 1 21  ? -4.74553  -11.41146 -11.33521 1.000 25.88000 ? 21  GLU A OE1 1 
ATOM   172  O OE2 . GLU A 1 21  ? -4.78928  -13.45574 -10.50644 1.000 33.92000 ? 21  GLU A OE2 1 
ATOM   173  N N   . ARG A 1 22  ? -0.49609  -9.78949  -9.31454  1.000 19.48000 ? 22  ARG A N   1 
ATOM   174  C CA  . ARG A 1 22  ? 0.81554   -10.08430 -9.93753  1.000 19.64000 ? 22  ARG A CA  1 
ATOM   175  C C   . ARG A 1 22  ? 1.87148   -10.25032 -8.85272  1.000 21.62000 ? 22  ARG A C   1 
ATOM   176  O O   . ARG A 1 22  ? 2.68552   -11.20031 -8.90225  1.000 23.26000 ? 22  ARG A O   1 
ATOM   177  C CB  . ARG A 1 22  ? 1.19220   -8.97395  -10.90523 1.000 20.86000 ? 22  ARG A CB  1 
ATOM   178  C CG  . ARG A 1 22  ? 2.57805   -9.10275  -11.48423 1.000 23.22000 ? 22  ARG A CG  1 
ATOM   179  C CD  . ARG A 1 22  ? 2.65632   -10.19052 -12.53729 1.000 22.64000 ? 22  ARG A CD  1 
ATOM   180  N NE  . ARG A 1 22  ? 2.05925   -9.81840  -13.82616 1.000 25.25000 ? 22  ARG A NE  1 
ATOM   181  C CZ  . ARG A 1 22  ? 2.27902   -10.46596 -14.97605 1.000 25.02000 ? 22  ARG A CZ  1 
ATOM   182  N NH1 . ARG A 1 22  ? 1.67146   -10.08604 -16.08172 1.000 25.53000 ? 22  ARG A NH1 1 
ATOM   183  N NH2 . ARG A 1 22  ? 3.03763   -11.53684 -14.99925 1.000 26.45000 ? 22  ARG A NH2 1 
ATOM   184  N N   . VAL A 1 23  ? 1.93147   -9.31101  -7.90189  1.000 19.52000 ? 23  VAL A N   1 
ATOM   185  C CA  . VAL A 1 23  ? 3.00912   -9.35803  -6.90191  1.000 20.55000 ? 23  VAL A CA  1 
ATOM   186  C C   . VAL A 1 23  ? 2.79778   -10.58421 -6.01416  1.000 21.76000 ? 23  VAL A C   1 
ATOM   187  O O   . VAL A 1 23  ? 3.76983   -11.33100 -5.86181  1.000 23.66000 ? 23  VAL A O   1 
ATOM   188  C CB  . VAL A 1 23  ? 3.04187   -8.05409  -6.11317  1.000 21.77000 ? 23  VAL A CB  1 
ATOM   189  C CG1 . VAL A 1 23  ? 4.03550   -8.19574  -4.99140  1.000 23.53000 ? 23  VAL A CG1 1 
ATOM   190  C CG2 . VAL A 1 23  ? 3.36613   -6.88048  -7.00718  1.000 22.30000 ? 23  VAL A CG2 1 
ATOM   191  N N   . ILE A 1 24  ? 1.60267   -10.80234 -5.48216  1.000 22.34000 ? 24  ILE A N   1 
ATOM   192  C CA  . ILE A 1 24  ? 1.35176   -11.93214 -4.53193  1.000 23.07000 ? 24  ILE A CA  1 
ATOM   193  C C   . ILE A 1 24  ? 1.73376   -13.24118 -5.22868  1.000 24.64000 ? 24  ILE A C   1 
ATOM   194  O O   . ILE A 1 24  ? 2.44567   -14.08010 -4.63566  1.000 26.21000 ? 24  ILE A O   1 
ATOM   195  C CB  . ILE A 1 24  ? -0.10342  -11.93755 -4.04149  1.000 23.15000 ? 24  ILE A CB  1 
ATOM   196  C CG1 . ILE A 1 24  ? -0.41755  -10.78132 -3.09599  1.000 26.22000 ? 24  ILE A CG1 1 
ATOM   197  C CG2 . ILE A 1 24  ? -0.45361  -13.28289 -3.39883  1.000 27.49000 ? 24  ILE A CG2 1 
ATOM   198  C CD1 . ILE A 1 24  ? -1.89172  -10.64611 -2.73476  1.000 32.53000 ? 24  ILE A CD1 1 
ATOM   199  N N   . ARG A 1 25  ? 1.37968   -13.37769 -6.49256  1.000 23.90000 ? 25  ARG A N   1 
ATOM   200  C CA  . ARG A 1 25  ? 1.61281   -14.64134 -7.24647  1.000 27.42000 ? 25  ARG A CA  1 
ATOM   201  C C   . ARG A 1 25  ? 3.05928   -14.77936 -7.71281  1.000 26.30000 ? 25  ARG A C   1 
ATOM   202  O O   . ARG A 1 25  ? 3.40063   -15.90708 -8.06797  1.000 31.03000 ? 25  ARG A O   1 
ATOM   203  C CB  . ARG A 1 25  ? 0.60979   -14.77068 -8.40076  1.000 27.26000 ? 25  ARG A CB  1 
ATOM   204  C CG  . ARG A 1 25  ? -0.83368  -14.95295 -7.94573  1.000 28.71000 ? 25  ARG A CG  1 
ATOM   205  C CD  . ARG A 1 25  ? -1.88716  -15.12537 -9.03436  1.000 33.17000 ? 25  ARG A CD  1 
ATOM   206  N NE  . ARG A 1 25  ? -1.57711  -16.16511 -10.00344 1.000 44.69000 ? 25  ARG A NE  1 
ATOM   207  C CZ  . ARG A 1 25  ? -2.22178  -16.32746 -11.16312 1.000 45.05000 ? 25  ARG A CZ  1 
ATOM   208  N NH1 . ARG A 1 25  ? -1.87346  -17.30287 -11.98424 1.000 51.35000 ? 25  ARG A NH1 1 
ATOM   209  N NH2 . ARG A 1 25  ? -3.22585  -15.53150 -11.49135 1.000 43.42000 ? 25  ARG A NH2 1 
ATOM   210  N N   . SER A 1 26  ? 3.90102   -13.73604 -7.73469  1.000 23.82000 ? 26  SER A N   1 
ATOM   211  C CA  . SER A 1 26  ? 5.19686   -13.68086 -8.44409  1.000 24.69000 ? 26  SER A CA  1 
ATOM   212  C C   . SER A 1 26  ? 6.41407   -13.54268 -7.51475  1.000 29.48000 ? 26  SER A C   1 
ATOM   213  O O   . SER A 1 26  ? 7.56185   -13.68794 -8.00177  1.000 30.38000 ? 26  SER A O   1 
ATOM   214  C CB  . SER A 1 26  ? 5.20969   -12.60992 -9.50630  1.000 24.61000 ? 26  SER A CB  1 
ATOM   215  O OG  . SER A 1 26  ? 4.21417   -12.83856 -10.47195 1.000 27.08000 ? 26  SER A OG  1 
ATOM   216  N N   . VAL A 1 27  ? 6.25029   -13.14995 -6.25654  1.000 29.79000 ? 27  VAL A N   1 
ATOM   217  C CA  . VAL A 1 27  ? 7.45112   -13.02219 -5.37241  1.000 32.42000 ? 27  VAL A CA  1 
ATOM   218  C C   . VAL A 1 27  ? 7.50395   -14.23054 -4.43659  1.000 30.66000 ? 27  VAL A C   1 
ATOM   219  O O   . VAL A 1 27  ? 6.45325   -14.81188 -4.19490  1.000 37.29000 ? 27  VAL A O   1 
ATOM   220  C CB  . VAL A 1 27  ? 7.42723   -11.68634 -4.61766  1.000 31.99000 ? 27  VAL A CB  1 
ATOM   221  C CG1 . VAL A 1 27  ? 7.30492   -10.56477 -5.61764  1.000 26.74000 ? 27  VAL A CG1 1 
ATOM   222  C CG2 . VAL A 1 27  ? 6.32766   -11.57105 -3.59762  1.000 30.38000 ? 27  VAL A CG2 1 
ATOM   223  N N   . ASP A 1 28  ? 8.67768   -14.47969 -3.85769  1.000 35.14000 ? 28  ASP A N   1 
ATOM   224  C CA  . ASP A 1 28  ? 8.96778   -15.70009 -3.05728  1.000 37.20000 ? 28  ASP A CA  1 
ATOM   225  C C   . ASP A 1 28  ? 9.04861   -15.44727 -1.53042  1.000 40.71000 ? 28  ASP A C   1 
ATOM   226  O O   . ASP A 1 28  ? 8.94813   -16.42131 -0.72757  1.000 40.51000 ? 28  ASP A O   1 
ATOM   227  C CB  . ASP A 1 28  ? 10.27607  -16.30579 -3.57208  1.000 40.00000 ? 28  ASP A CB  1 
ATOM   228  C CG  . ASP A 1 28  ? 10.51516  -17.70644 -3.05537  1.000 48.55000 ? 28  ASP A CG  1 
ATOM   229  O OD1 . ASP A 1 28  ? 9.59789   -18.25502 -2.42369  1.000 52.99000 ? 28  ASP A OD1 1 
ATOM   230  O OD2 . ASP A 1 28  ? 11.60382  -18.25001 -3.32374  1.000 59.30000 ? 28  ASP A OD2 1 
ATOM   231  N N   . ASP A 1 29  ? 9.15053   -14.19939 -1.09403  1.000 26.85000 ? 29  ASP A N   1 
ATOM   232  C CA  . ASP A 1 29  ? 9.62073   -13.84377 0.25848   1.000 25.90000 ? 29  ASP A CA  1 
ATOM   233  C C   . ASP A 1 29  ? 8.62586   -14.30441 1.30904   1.000 24.50000 ? 29  ASP A C   1 
ATOM   234  O O   . ASP A 1 29  ? 7.38894   -14.15159 1.15972   1.000 25.27000 ? 29  ASP A O   1 
ATOM   235  C CB  . ASP A 1 29  ? 9.83235   -12.31782 0.32972   1.000 25.33000 ? 29  ASP A CB  1 
ATOM   236  C CG  . ASP A 1 29  ? 10.65649  -11.90479 1.53348   1.000 23.84000 ? 29  ASP A CG  1 
ATOM   237  O OD1 . ASP A 1 29  ? 10.07854  -11.83614 2.66002   1.000 23.62000 ? 29  ASP A OD1 1 
ATOM   238  O OD2 . ASP A 1 29  ? 11.90411  -11.66400 1.36107   1.000 26.20000 ? 29  ASP A OD2 1 
ATOM   239  N N   . PRO A 1 30  ? 9.06485   -14.87467 2.46189   1.000 22.06000 ? 30  PRO A N   1 
ATOM   240  C CA  . PRO A 1 30  ? 8.12775   -15.26949 3.49611   1.000 23.06000 ? 30  PRO A CA  1 
ATOM   241  C C   . PRO A 1 30  ? 7.20719   -14.14916 3.94234   1.000 22.19000 ? 30  PRO A C   1 
ATOM   242  O O   . PRO A 1 30  ? 6.11013   -14.40891 4.34265   1.000 23.84000 ? 30  PRO A O   1 
ATOM   243  C CB  . PRO A 1 30  ? 9.05051   -15.74149 4.64215   1.000 23.19000 ? 30  PRO A CB  1 
ATOM   244  C CG  . PRO A 1 30  ? 10.20783  -16.25941 3.91632   1.000 24.57000 ? 30  PRO A CG  1 
ATOM   245  C CD  . PRO A 1 30  ? 10.44116  -15.30512 2.76071   1.000 24.18000 ? 30  PRO A CD  1 
ATOM   246  N N   . LEU A 1 31  ? 7.70468   -12.90610 3.92307   1.000 21.16000 ? 31  LEU A N   1 
ATOM   247  C CA  . LEU A 1 31  ? 6.87506   -11.80690 4.46561   1.000 21.07000 ? 31  LEU A CA  1 
ATOM   248  C C   . LEU A 1 31  ? 5.67147   -11.62958 3.54336   1.000 20.28000 ? 31  LEU A C   1 
ATOM   249  O O   . LEU A 1 31  ? 4.67747   -11.14304 4.03719   1.000 22.57000 ? 31  LEU A O   1 
ATOM   250  C CB  . LEU A 1 31  ? 7.67717   -10.51569 4.59091   1.000 20.93000 ? 31  LEU A CB  1 
ATOM   251  C CG  . LEU A 1 31  ? 8.82750   -10.54180 5.59642   1.000 20.32000 ? 31  LEU A CG  1 
ATOM   252  C CD1 . LEU A 1 31  ? 9.57440   -9.23126  5.55964   1.000 22.26000 ? 31  LEU A CD1 1 
ATOM   253  C CD2 . LEU A 1 31  ? 8.34526   -10.86250 6.98316   1.000 21.77000 ? 31  LEU A CD2 1 
ATOM   254  N N   . TRP A 1 32  ? 5.81710   -11.91266 2.24559   1.000 21.65000 ? 32  TRP A N   1 
ATOM   255  C CA  . TRP A 1 32  ? 4.67368   -11.73468 1.29184   1.000 22.42000 ? 32  TRP A CA  1 
ATOM   256  C C   . TRP A 1 32  ? 3.76090   -12.96243 1.32804   1.000 28.11000 ? 32  TRP A C   1 
ATOM   257  O O   . TRP A 1 32  ? 2.82053   -13.04459 0.50615   1.000 26.73000 ? 32  TRP A O   1 
ATOM   258  C CB  . TRP A 1 32  ? 5.20947   -11.43617 -0.12069  1.000 21.97000 ? 32  TRP A CB  1 
ATOM   259  C CG  . TRP A 1 32  ? 5.39140   -9.98348  -0.37958  1.000 22.60000 ? 32  TRP A CG  1 
ATOM   260  C CD1 . TRP A 1 32  ? 6.46046   -9.20647  -0.06986  1.000 21.48000 ? 32  TRP A CD1 1 
ATOM   261  C CD2 . TRP A 1 32  ? 4.40057   -9.08997  -0.88504  1.000 21.90000 ? 32  TRP A CD2 1 
ATOM   262  N NE1 . TRP A 1 32  ? 6.23486   -7.90350  -0.38612  1.000 22.36000 ? 32  TRP A NE1 1 
ATOM   263  C CE2 . TRP A 1 32  ? 4.96246   -7.79191  -0.88343  1.000 21.56000 ? 32  TRP A CE2 1 
ATOM   264  C CE3 . TRP A 1 32  ? 3.13014   -9.30301  -1.39729  1.000 23.79000 ? 32  TRP A CE3 1 
ATOM   265  C CZ2 . TRP A 1 32  ? 4.26623   -6.69052  -1.37409  1.000 21.95000 ? 32  TRP A CZ2 1 
ATOM   266  C CZ3 . TRP A 1 32  ? 2.44205   -8.21688  -1.87671  1.000 23.24000 ? 32  TRP A CZ3 1 
ATOM   267  C CH2 . TRP A 1 32  ? 3.00007   -6.93029  -1.85700  1.000 23.19000 ? 32  TRP A CH2 1 
ATOM   268  N N   . ARG A 1 33  ? 4.00476   -13.90728 2.24007   1.000 24.06000 ? 33  ARG A N   1 
ATOM   269  C CA  . ARG A 1 33  ? 3.03167   -14.95268 2.59518   1.000 23.86000 ? 33  ARG A CA  1 
ATOM   270  C C   . ARG A 1 33  ? 2.42741   -14.62972 3.94457   1.000 27.25000 ? 33  ARG A C   1 
ATOM   271  O O   . ARG A 1 33  ? 1.18746   -14.70643 4.10048   1.000 29.32000 ? 33  ARG A O   1 
ATOM   272  C CB  . ARG A 1 33  ? 3.68796   -16.33425 2.55245   1.000 25.85000 ? 33  ARG A CB  1 
ATOM   273  C CG  . ARG A 1 33  ? 4.10396   -16.78619 1.16685   1.000 31.49000 ? 33  ARG A CG  1 
ATOM   274  C CD  . ARG A 1 33  ? 4.58754   -18.22196 1.15512   1.000 33.68000 ? 33  ARG A CD  1 
ATOM   275  N NE  . ARG A 1 33  ? 5.93695   -18.36744 1.67671   1.000 36.30000 ? 33  ARG A NE  1 
ATOM   276  C CZ  . ARG A 1 33  ? 7.04485   -18.09172 0.99996   1.000 34.93000 ? 33  ARG A CZ  1 
ATOM   277  N NH1 . ARG A 1 33  ? 8.23030   -18.29750 1.56123   1.000 37.32000 ? 33  ARG A NH1 1 
ATOM   278  N NH2 . ARG A 1 33  ? 6.97418   -17.63400 -0.24109  1.000 41.89000 ? 33  ARG A NH2 1 
ATOM   279  N N   . GLU A 1 34  ? 3.24105   -14.21682 4.91725   1.000 26.26000 ? 34  GLU A N   1 
ATOM   280  C CA  . GLU A 1 34  ? 2.77934   -13.97842 6.29629   1.000 26.58000 ? 34  GLU A CA  1 
ATOM   281  C C   . GLU A 1 34  ? 1.82676   -12.79494 6.31714   1.000 24.80000 ? 34  GLU A C   1 
ATOM   282  O O   . GLU A 1 34  ? 0.82694   -12.82901 7.08596   1.000 27.70000 ? 34  GLU A O   1 
ATOM   283  C CB  . GLU A 1 34  ? 3.95750   -13.74647 7.24784   1.000 28.80000 ? 34  GLU A CB  1 
ATOM   284  C CG  . GLU A 1 34  ? 3.45622   -13.53543 8.66794   1.000 30.19000 ? 34  GLU A CG  1 
ATOM   285  C CD  . GLU A 1 34  ? 4.44679   -13.61628 9.82875   1.000 32.26000 ? 34  GLU A CD  1 
ATOM   286  O OE1 . GLU A 1 34  ? 5.62844   -13.86176 9.54057   1.000 32.61000 ? 34  GLU A OE1 1 
ATOM   287  O OE2 . GLU A 1 34  ? 3.99410   -13.41858 11.00504  1.000 38.22000 ? 34  GLU A OE2 1 
ATOM   288  N N   . TYR A 1 35  ? 2.23246   -11.71813 5.65573   1.000 22.99000 ? 35  TYR A N   1 
ATOM   289  C CA  . TYR A 1 35  ? 1.52754   -10.43295 5.72697   1.000 21.09000 ? 35  TYR A CA  1 
ATOM   290  C C   . TYR A 1 35  ? 0.78768   -10.25286 4.39933   1.000 24.81000 ? 35  TYR A C   1 
ATOM   291  O O   . TYR A 1 35  ? 1.39816   -10.32618 3.32788   1.000 24.80000 ? 35  TYR A O   1 
ATOM   292  C CB  . TYR A 1 35  ? 2.48546   -9.27485  6.03150   1.000 23.74000 ? 35  TYR A CB  1 
ATOM   293  C CG  . TYR A 1 35  ? 3.10863   -9.39283  7.40520   1.000 22.47000 ? 35  TYR A CG  1 
ATOM   294  C CD1 . TYR A 1 35  ? 2.45512   -8.92550  8.53024   1.000 23.91000 ? 35  TYR A CD1 1 
ATOM   295  C CD2 . TYR A 1 35  ? 4.29153   -10.09291 7.54761   1.000 22.99000 ? 35  TYR A CD2 1 
ATOM   296  C CE1 . TYR A 1 35  ? 2.98905   -9.11350  9.79808   1.000 24.30000 ? 35  TYR A CE1 1 
ATOM   297  C CE2 . TYR A 1 35  ? 4.83792   -10.27187 8.80197   1.000 23.52000 ? 35  TYR A CE2 1 
ATOM   298  C CZ  . TYR A 1 35  ? 4.18000   -9.80107  9.91776   1.000 24.67000 ? 35  TYR A CZ  1 
ATOM   299  O OH  . TYR A 1 35  ? 4.73671   -9.97431  11.16458  1.000 24.65000 ? 35  TYR A OH  1 
ATOM   300  N N   . SER A 1 36  ? -0.50808  -9.99480  4.47680   1.000 24.69000 ? 36  SER A N   1 
ATOM   301  C CA  . SER A 1 36  ? -1.38634  -9.61739  3.35042   1.000 26.06000 ? 36  SER A CA  1 
ATOM   302  C C   . SER A 1 36  ? -0.94512  -8.23567  2.88581   1.000 22.93000 ? 36  SER A C   1 
ATOM   303  O O   . SER A 1 36  ? -0.48137  -7.40225  3.65365   1.000 24.50000 ? 36  SER A O   1 
ATOM   304  C CB  . SER A 1 36  ? -2.81713  -9.66945  3.84284   1.000 23.09000 ? 36  SER A CB  1 
ATOM   305  O OG  . SER A 1 36  ? -3.08994  -8.56162  4.66008   1.000 26.55000 ? 36  SER A OG  1 
ATOM   306  N N   . PRO A 1 37  ? -1.18146  -7.79114  1.62098   1.000 25.88000 ? 37  PRO A N   1 
ATOM   307  C CA  . PRO A 1 37  ? -1.08058  -6.35696  1.33789   1.000 27.08000 ? 37  PRO A CA  1 
ATOM   308  C C   . PRO A 1 37  ? -1.89161  -5.38398  2.18487   1.000 27.60000 ? 37  PRO A C   1 
ATOM   309  O O   . PRO A 1 37  ? -1.50296  -4.31336  2.51046   1.000 28.59000 ? 37  PRO A O   1 
ATOM   310  C CB  . PRO A 1 37  ? -1.56082  -6.29052  -0.11541  1.000 31.41000 ? 37  PRO A CB  1 
ATOM   311  C CG  . PRO A 1 37  ? -1.22478  -7.60572  -0.65547  1.000 27.52000 ? 37  PRO A CG  1 
ATOM   312  C CD  . PRO A 1 37  ? -1.46473  -8.61399  0.45433   1.000 31.20000 ? 37  PRO A CD  1 
ATOM   313  N N   . GLU A 1 38  ? -3.09949  -5.79096  2.61864   1.000 24.79000 ? 38  GLU A N   1 
ATOM   314  C CA  . GLU A 1 38  ? -3.90077  -4.92270  3.49396   1.000 27.22000 ? 38  GLU A CA  1 
ATOM   315  C C   . GLU A 1 38  ? -3.21927  -4.70000  4.87067   1.000 25.99000 ? 38  GLU A C   1 
ATOM   316  O O   . GLU A 1 38  ? -3.28581  -3.61356  5.38723   1.000 30.76000 ? 38  GLU A O   1 
ATOM   317  C CB  . GLU A 1 38  ? -5.32471  -5.49322  3.54853   1.000 28.34000 ? 38  GLU A CB  1 
ATOM   318  C CG  . GLU A 1 38  ? -5.50660  -6.74551  4.32911   1.000 31.41000 ? 38  GLU A CG  1 
ATOM   319  C CD  . GLU A 1 38  ? -6.97369  -6.93373  4.70532   1.000 36.95000 ? 38  GLU A CD  1 
ATOM   320  O OE1 . GLU A 1 38  ? -7.25174  -7.76988  5.58810   1.000 40.26000 ? 38  GLU A OE1 1 
ATOM   321  O OE2 . GLU A 1 38  ? -7.83881  -6.21427  4.10773   1.000 38.21000 ? 38  GLU A OE2 1 
ATOM   322  N N   . GLN A 1 39  ? -2.52442  -5.71560  5.39458   1.000 25.71000 ? 39  GLN A N   1 
ATOM   323  C CA  . GLN A 1 39  ? -1.76716  -5.58498  6.65518   1.000 25.07000 ? 39  GLN A CA  1 
ATOM   324  C C   . GLN A 1 39  ? -0.55374  -4.67746  6.42452   1.000 26.65000 ? 39  GLN A C   1 
ATOM   325  O O   . GLN A 1 39  ? -0.29926  -3.79362  7.23385   1.000 27.83000 ? 39  GLN A O   1 
ATOM   326  C CB  . GLN A 1 39  ? -1.34660  -6.97319  7.07502   1.000 23.36000 ? 39  GLN A CB  1 
ATOM   327  C CG  . GLN A 1 39  ? -2.48139  -7.77929  7.63797   1.000 23.93000 ? 39  GLN A CG  1 
ATOM   328  C CD  . GLN A 1 39  ? -2.15854  -9.20620  7.98031   1.000 24.95000 ? 39  GLN A CD  1 
ATOM   329  O OE1 . GLN A 1 39  ? -1.30388  -9.87437  7.37673   1.000 24.14000 ? 39  GLN A OE1 1 
ATOM   330  N NE2 . GLN A 1 39  ? -2.84998  -9.70411  9.00996   1.000 25.77000 ? 39  GLN A NE2 1 
ATOM   331  N N   . MET A 1 40  ? 0.09342   -4.88206  5.30469   1.000 27.04000 ? 40  MET A N   1 
ATOM   332  C CA  . MET A 1 40  ? 1.26977   -4.05728  4.96920   1.000 30.18000 ? 40  MET A CA  1 
ATOM   333  C C   . MET A 1 40  ? 0.82542   -2.59300  4.89146   1.000 30.56000 ? 40  MET A C   1 
ATOM   334  O O   . MET A 1 40  ? 1.56592   -1.71569  5.33244   1.000 29.48000 ? 40  MET A O   1 
ATOM   335  C CB  . MET A 1 40  ? 1.91476   -4.53905  3.68031   1.000 26.03000 ? 40  MET A CB  1 
ATOM   336  C CG  . MET A 1 40  ? 2.51204   -5.93041  3.75185   1.000 27.73000 ? 40  MET A CG  1 
ATOM   337  S SD  . MET A 1 40  ? 3.12953   -6.50007  2.14144   1.000 34.84000 ? 40  MET A SD  1 
ATOM   338  C CE  . MET A 1 40  ? 4.03961   -8.02235  2.55556   1.000 22.95000 ? 40  MET A CE  1 
ATOM   339  N N   . GLN A 1 41  ? -0.37372  -2.29367  4.36920   1.000 29.77000 ? 41  GLN A N   1 
ATOM   340  C CA  . GLN A 1 41  ? -0.88595  -0.88525  4.32384   1.000 27.20000 ? 41  GLN A CA  1 
ATOM   341  C C   . GLN A 1 41  ? -1.06529  -0.26064  5.71237   1.000 29.22000 ? 41  GLN A C   1 
ATOM   342  O O   . GLN A 1 41  ? -0.72906  0.94390   5.86583   1.000 29.51000 ? 41  GLN A O   1 
ATOM   343  C CB  . GLN A 1 41  ? -2.18061  -0.85366  3.50677   1.000 30.48000 ? 41  GLN A CB  1 
ATOM   344  C CG  . GLN A 1 41  ? -2.65650  0.54608   3.17306   1.000 31.10000 ? 41  GLN A CG  1 
ATOM   345  C CD  . GLN A 1 41  ? -4.02471  0.51905   2.52689   1.000 35.84000 ? 41  GLN A CD  1 
ATOM   346  O OE1 . GLN A 1 41  ? -4.93251  -0.10645  3.06509   1.000 30.93000 ? 41  GLN A OE1 1 
ATOM   347  N NE2 . GLN A 1 41  ? -4.19606  1.11276   1.33451   1.000 31.75000 ? 41  GLN A NE2 1 
ATOM   348  N N   . VAL A 1 42  ? -1.53012  -1.00742  6.71109   1.000 28.58000 ? 42  VAL A N   1 
ATOM   349  C CA  . VAL A 1 42  ? -1.55886  -0.48599  8.10598   1.000 32.48000 ? 42  VAL A CA  1 
ATOM   350  C C   . VAL A 1 42  ? -0.13802  -0.13682  8.51909   1.000 29.05000 ? 42  VAL A C   1 
ATOM   351  O O   . VAL A 1 42  ? 0.07907   0.96726   8.95310   1.000 30.70000 ? 42  VAL A O   1 
ATOM   352  C CB  . VAL A 1 42  ? -2.18546  -1.45585  9.11220   1.000 29.40000 ? 42  VAL A CB  1 
ATOM   353  C CG1 . VAL A 1 42  ? -2.28514  -0.80186  10.47818  1.000 34.52000 ? 42  VAL A CG1 1 
ATOM   354  C CG2 . VAL A 1 42  ? -3.53448  -1.95204  8.62186   1.000 32.78000 ? 42  VAL A CG2 1 
ATOM   355  N N   . LEU A 1 43  ? 0.82079   -1.03877  8.30829   1.000 31.86000 ? 43  LEU A N   1 
ATOM   356  C CA  . LEU A 1 43  ? 2.19604   -0.75980  8.78060   1.000 30.00000 ? 43  LEU A CA  1 
ATOM   357  C C   . LEU A 1 43  ? 2.77142   0.45863   8.05380   1.000 28.55000 ? 43  LEU A C   1 
ATOM   358  O O   . LEU A 1 43  ? 3.33497   1.34612   8.73474   1.000 30.67000 ? 43  LEU A O   1 
ATOM   359  C CB  . LEU A 1 43  ? 3.06813   -1.99417  8.56548   1.000 26.74000 ? 43  LEU A CB  1 
ATOM   360  C CG  . LEU A 1 43  ? 2.57364   -3.31080  9.18201   1.000 27.17000 ? 43  LEU A CG  1 
ATOM   361  C CD1 . LEU A 1 43  ? 3.62236   -4.39366  8.95276   1.000 28.44000 ? 43  LEU A CD1 1 
ATOM   362  C CD2 . LEU A 1 43  ? 2.29409   -3.16158  10.66083  1.000 26.84000 ? 43  LEU A CD2 1 
ATOM   363  N N   . LYS A 1 44  ? 2.55217   0.55378   6.72549   1.000 27.71000 ? 44  LYS A N   1 
ATOM   364  C CA  . LYS A 1 44  ? 3.14689   1.70389   5.97784   1.000 28.82000 ? 44  LYS A CA  1 
ATOM   365  C C   . LYS A 1 44  ? 2.46002   3.02286   6.37230   1.000 31.03000 ? 44  LYS A C   1 
ATOM   366  O O   . LYS A 1 44  ? 3.13879   4.06016   6.41620   1.000 32.09000 ? 44  LYS A O   1 
ATOM   367  C CB  . LYS A 1 44  ? 3.11610   1.44288   4.46924   1.000 33.69000 ? 44  LYS A CB  1 
ATOM   368  C CG  . LYS A 1 44  ? 4.14437   2.18716   3.63596   1.000 41.38000 ? 44  LYS A CG  1 
ATOM   369  C CD  . LYS A 1 44  ? 4.55571   1.48177   2.33664   1.000 43.21000 ? 44  LYS A CD  1 
ATOM   370  C CE  . LYS A 1 44  ? 3.51498   0.61340   1.64228   1.000 40.28000 ? 44  LYS A CE  1 
ATOM   371  N NZ  . LYS A 1 44  ? 4.06260   -0.43673  0.74013   1.000 32.58000 ? 44  LYS A NZ  1 
ATOM   372  N N   . LEU A 1 45  ? 1.15341   3.04863   6.63761   1.000 31.33000 ? 45  LEU A N   1 
ATOM   373  C CA  . LEU A 1 45  ? 0.44657   4.24554   7.15148   1.000 32.14000 ? 45  LEU A CA  1 
ATOM   374  C C   . LEU A 1 45  ? 1.03256   4.70499   8.49588   1.000 32.68000 ? 45  LEU A C   1 
ATOM   375  O O   . LEU A 1 45  ? 1.34558   5.88809   8.61535   1.000 32.83000 ? 45  LEU A O   1 
ATOM   376  C CB  . LEU A 1 45  ? -1.05561  3.96835   7.29582   1.000 33.07000 ? 45  LEU A CB  1 
ATOM   377  C CG  . LEU A 1 45  ? -1.87013  4.25859   6.03928   1.000 36.91000 ? 45  LEU A CG  1 
ATOM   378  C CD1 . LEU A 1 45  ? -3.28948  3.76847   6.21505   1.000 34.23000 ? 45  LEU A CD1 1 
ATOM   379  C CD2 . LEU A 1 45  ? -1.83379  5.74440   5.71522   1.000 36.48000 ? 45  LEU A CD2 1 
ATOM   380  N N   . ILE A 1 46  ? 1.26497   3.78855   9.44115   1.000 31.83000 ? 46  ILE A N   1 
ATOM   381  C CA  . ILE A 1 46  ? 1.84140   4.19250   10.76828  1.000 33.77000 ? 46  ILE A CA  1 
ATOM   382  C C   . ILE A 1 46  ? 3.24983   4.71401   10.53661  1.000 27.98000 ? 46  ILE A C   1 
ATOM   383  O O   . ILE A 1 46  ? 3.55232   5.81462   10.98514  1.000 34.67000 ? 46  ILE A O   1 
ATOM   384  C CB  . ILE A 1 46  ? 1.92718   3.07146   11.81099  1.000 32.44000 ? 46  ILE A CB  1 
ATOM   385  C CG1 . ILE A 1 46  ? 0.58355   2.47137   12.19095  1.000 36.22000 ? 46  ILE A CG1 1 
ATOM   386  C CG2 . ILE A 1 46  ? 2.69846   3.59551   13.02796  1.000 32.97000 ? 46  ILE A CG2 1 
ATOM   387  C CD1 . ILE A 1 46  ? 0.72912   1.15318   12.91053  1.000 34.72000 ? 46  ILE A CD1 1 
ATOM   388  N N   . TYR A 1 47  ? 3.99384   3.97484   9.70872   1.000 30.78000 ? 47  TYR A N   1 
ATOM   389  C CA  . TYR A 1 47  ? 5.39929   4.31584   9.41158   1.000 31.82000 ? 47  TYR A CA  1 
ATOM   390  C C   . TYR A 1 47  ? 5.43978   5.75048   8.90305   1.000 33.56000 ? 47  TYR A C   1 
ATOM   391  O O   . TYR A 1 47  ? 6.23250   6.51605   9.43849   1.000 34.84000 ? 47  TYR A O   1 
ATOM   392  C CB  . TYR A 1 47  ? 6.09271   3.34645   8.45321   1.000 27.97000 ? 47  TYR A CB  1 
ATOM   393  C CG  . TYR A 1 47  ? 7.55348   3.66276   8.25399   1.000 31.89000 ? 47  TYR A CG  1 
ATOM   394  C CD1 . TYR A 1 47  ? 8.45838   3.45718   9.27735   1.000 29.48000 ? 47  TYR A CD1 1 
ATOM   395  C CD2 . TYR A 1 47  ? 8.01903   4.27361   7.09996   1.000 32.83000 ? 47  TYR A CD2 1 
ATOM   396  C CE1 . TYR A 1 47  ? 9.79898   3.76572   9.14413   1.000 29.23000 ? 47  TYR A CE1 1 
ATOM   397  C CE2 . TYR A 1 47  ? 9.36025   4.58093   6.94544   1.000 39.41000 ? 47  TYR A CE2 1 
ATOM   398  C CZ  . TYR A 1 47  ? 10.25083  4.31189   7.96789   1.000 34.34000 ? 47  TYR A CZ  1 
ATOM   399  O OH  . TYR A 1 47  ? 11.58694  4.58718   7.87840   1.000 37.75000 ? 47  TYR A OH  1 
ATOM   400  N N   . LYS A 1 48  ? 4.69014   6.08501   7.82606   1.000 30.97000 ? 48  LYS A N   1 
ATOM   401  C CA  . LYS A 1 48  ? 4.78058   7.39558   7.13117   1.000 36.53000 ? 48  LYS A CA  1 
ATOM   402  C C   . LYS A 1 48  ? 3.94179   8.42972   7.90082   1.000 46.44000 ? 48  LYS A C   1 
ATOM   403  O O   . LYS A 1 48  ? 4.54179   9.16103   8.68909   1.000 47.61000 ? 48  LYS A O   1 
ATOM   404  C CB  . LYS A 1 48  ? 4.38631   7.22531   5.66185   1.000 40.11000 ? 48  LYS A CB  1 
ATOM   405  C CG  . LYS A 1 48  ? 5.52067   6.74031   4.77589   1.000 44.74000 ? 48  LYS A CG  1 
ATOM   406  C CD  . LYS A 1 48  ? 6.22377   7.89075   4.05268   1.000 52.95000 ? 48  LYS A CD  1 
ATOM   407  C CE  . LYS A 1 48  ? 5.55928   8.22572   2.73432   1.000 50.00000 ? 48  LYS A CE  1 
ATOM   408  N NZ  . LYS A 1 48  ? 5.54079   9.68623   2.46088   1.000 52.25000 ? 48  LYS A NZ  1 
ATOM   409  N N   . GLU A 1 49  ? 2.63315   8.49890   7.63463   1.000 45.85000 ? 49  GLU A N   1 
ATOM   410  C CA  . GLU A 1 49  ? 1.59738   9.27521   8.38468   1.000 48.55000 ? 49  GLU A CA  1 
ATOM   411  C C   . GLU A 1 49  ? 1.51414   8.73157   9.83066   1.000 42.54000 ? 49  GLU A C   1 
ATOM   412  O O   . GLU A 1 49  ? 2.38231   9.08311   10.64909  1.000 48.25000 ? 49  GLU A O   1 
ATOM   413  C CB  . GLU A 1 49  ? 0.26071   9.12862   7.63544   1.000 46.83000 ? 49  GLU A CB  1 
ATOM   414  C CG  . GLU A 1 49  ? -0.89138  10.03033  8.08725   1.000 50.88000 ? 49  GLU A CG  1 
ATOM   415  C CD  . GLU A 1 49  ? -0.97837  11.42742  7.46772   1.000 54.29000 ? 49  GLU A CD  1 
ATOM   416  O OE1 . GLU A 1 49  ? -0.96876  11.54803  6.22084   1.000 42.88000 ? 49  GLU A OE1 1 
ATOM   417  O OE2 . GLU A 1 49  ? -1.06899  12.41995  8.24151   1.000 58.39000 ? 49  GLU A OE2 1 
ATOM   418  N N   . ILE A 1 52  ? -1.92734  8.11489   13.68743  1.000 38.38000 ? 52  ILE A N   1 
ATOM   419  C CA  . ILE A 1 52  ? -2.86962  7.04388   13.27588  1.000 35.18000 ? 52  ILE A CA  1 
ATOM   420  C C   . ILE A 1 52  ? -3.66420  6.54799   14.48457  1.000 28.10000 ? 52  ILE A C   1 
ATOM   421  O O   . ILE A 1 52  ? -3.25817  5.70157   15.25679  1.000 30.41000 ? 52  ILE A O   1 
ATOM   422  C CB  . ILE A 1 52  ? -2.18236  5.91611   12.48136  1.000 30.21000 ? 52  ILE A CB  1 
ATOM   423  C CG1 . ILE A 1 52  ? -1.61178  6.42396   11.14879  1.000 36.02000 ? 52  ILE A CG1 1 
ATOM   424  C CG2 . ILE A 1 52  ? -3.09979  4.72101   12.30824  1.000 39.06000 ? 52  ILE A CG2 1 
ATOM   425  C CD1 . ILE A 1 52  ? -2.62641  6.99807   10.14503  1.000 34.15000 ? 52  ILE A CD1 1 
ATOM   426  N N   . THR A 1 53  ? -4.91095  6.99300   14.56167  1.000 29.21000 ? 53  THR A N   1 
ATOM   427  C CA  . THR A 1 53  ? -5.94818  6.37689   15.39982  1.000 29.94000 ? 53  THR A CA  1 
ATOM   428  C C   . THR A 1 53  ? -6.65112  5.29824   14.58059  1.000 27.08000 ? 53  THR A C   1 
ATOM   429  O O   . THR A 1 53  ? -6.59721  5.34840   13.29126  1.000 28.86000 ? 53  THR A O   1 
ATOM   430  C CB  . THR A 1 53  ? -6.97302  7.44240   15.80176  1.000 30.60000 ? 53  THR A CB  1 
ATOM   431  O OG1 . THR A 1 53  ? -7.60480  7.89923   14.59788  1.000 32.03000 ? 53  THR A OG1 1 
ATOM   432  C CG2 . THR A 1 53  ? -6.33588  8.62786   16.49329  1.000 32.94000 ? 53  THR A CG2 1 
ATOM   433  N N   . SER A 1 54  ? -7.36573  4.41803   15.22959  1.000 30.36000 ? 54  SER A N   1 
ATOM   434  C CA  . SER A 1 54  ? -8.20261  3.36319   14.61446  1.000 29.33000 ? 54  SER A CA  1 
ATOM   435  C C   . SER A 1 54  ? -9.18456  3.98478   13.58613  1.000 30.32000 ? 54  SER A C   1 
ATOM   436  O O   . SER A 1 54  ? -9.39247  3.36818   12.52587  1.000 30.18000 ? 54  SER A O   1 
ATOM   437  C CB  . SER A 1 54  ? -8.88852  2.57015   15.66625  1.000 38.12000 ? 54  SER A CB  1 
ATOM   438  O OG  . SER A 1 54  ? -8.01249  1.57545   16.11523  1.000 45.46000 ? 54  SER A OG  1 
ATOM   439  N N   . GLY A 1 55  ? -9.80336  5.11830   13.93624  1.000 28.52000 ? 55  GLY A N   1 
ATOM   440  C CA  . GLY A 1 55  ? -10.82995 5.74786   13.07630  1.000 29.28000 ? 55  GLY A CA  1 
ATOM   441  C C   . GLY A 1 55  ? -10.20510 6.34929   11.82939  1.000 28.09000 ? 55  GLY A C   1 
ATOM   442  O O   . GLY A 1 55  ? -10.77193 6.21184   10.70154  1.000 27.18000 ? 55  GLY A O   1 
ATOM   443  N N   . ARG A 1 56  ? -9.02407  6.93329   11.97155  1.000 27.20000 ? 56  ARG A N   1 
ATOM   444  C CA  . ARG A 1 56  ? -8.34881  7.55512   10.81448  1.000 25.23000 ? 56  ARG A CA  1 
ATOM   445  C C   . ARG A 1 56  ? -7.88894  6.42185   9.88563   1.000 26.57000 ? 56  ARG A C   1 
ATOM   446  O O   . ARG A 1 56  ? -7.99140  6.53204   8.59571   1.000 26.81000 ? 56  ARG A O   1 
ATOM   447  C CB  . ARG A 1 56  ? -7.18849  8.45291   11.24852  1.000 26.24000 ? 56  ARG A CB  1 
ATOM   448  C CG  . ARG A 1 56  ? -6.43151  9.11109   10.10518  1.000 31.75000 ? 56  ARG A CG  1 
ATOM   449  C CD  . ARG A 1 56  ? -5.57041  10.32071  10.48211  1.000 33.32000 ? 56  ARG A CD  1 
ATOM   450  N NE  . ARG A 1 56  ? -4.68543  10.74367  9.42017   1.000 33.96000 ? 56  ARG A NE  1 
ATOM   451  C CZ  . ARG A 1 56  ? -5.07015  11.42574  8.33204   1.000 38.05000 ? 56  ARG A CZ  1 
ATOM   452  N NH1 . ARG A 1 56  ? -6.31744  11.85313  8.20469   1.000 38.29000 ? 56  ARG A NH1 1 
ATOM   453  N NH2 . ARG A 1 56  ? -4.19422  11.69888  7.38101   1.000 40.05000 ? 56  ARG A NH2 1 
ATOM   454  N N   . LEU A 1 57  ? -7.41696  5.34595   10.48372  1.000 26.47000 ? 57  LEU A N   1 
ATOM   455  C CA  . LEU A 1 57  ? -6.88798  4.22294   9.69342   1.000 27.96000 ? 57  LEU A CA  1 
ATOM   456  C C   . LEU A 1 57  ? -8.03921  3.71982   8.82718   1.000 25.71000 ? 57  LEU A C   1 
ATOM   457  O O   . LEU A 1 57  ? -7.81338  3.42062   7.67373   1.000 25.19000 ? 57  LEU A O   1 
ATOM   458  C CB  . LEU A 1 57  ? -6.40564  3.11355   10.62588  1.000 27.01000 ? 57  LEU A CB  1 
ATOM   459  C CG  . LEU A 1 57  ? -5.83839  1.89691   9.91591   1.000 30.97000 ? 57  LEU A CG  1 
ATOM   460  C CD1 . LEU A 1 57  ? -4.63530  2.27481   9.06913   1.000 30.67000 ? 57  LEU A CD1 1 
ATOM   461  C CD2 . LEU A 1 57  ? -5.47163  0.85144   10.93688  1.000 30.46000 ? 57  LEU A CD2 1 
ATOM   462  N N   . ALA A 1 58  ? -9.21693  3.56750   9.40959   1.000 26.60000 ? 58  ALA A N   1 
ATOM   463  C CA  . ALA A 1 58  ? -10.37063 2.96127   8.73164   1.000 25.38000 ? 58  ALA A CA  1 
ATOM   464  C C   . ALA A 1 58  ? -10.67585 3.73696   7.44788   1.000 24.11000 ? 58  ALA A C   1 
ATOM   465  O O   . ALA A 1 58  ? -10.78125 3.09464   6.37153   1.000 25.30000 ? 58  ALA A O   1 
ATOM   466  C CB  . ALA A 1 58  ? -11.56152 2.97347   9.67017   1.000 29.76000 ? 58  ALA A CB  1 
ATOM   467  N N   . ILE A 1 59  ? -10.78910 5.05432   7.59001   1.000 27.00000 ? 59  ILE A N   1 
ATOM   468  C CA  . ILE A 1 59  ? -11.05163 5.97924   6.45492   1.000 23.99000 ? 59  ILE A CA  1 
ATOM   469  C C   . ILE A 1 59  ? -9.94432  5.85940   5.38469   1.000 23.01000 ? 59  ILE A C   1 
ATOM   470  O O   . ILE A 1 59  ? -10.28024 5.74511   4.18669   1.000 24.75000 ? 59  ILE A O   1 
ATOM   471  C CB  . ILE A 1 59  ? -11.23111 7.40272   6.96595   1.000 25.21000 ? 59  ILE A CB  1 
ATOM   472  C CG1 . ILE A 1 59  ? -12.54883 7.43730   7.74323   1.000 28.71000 ? 59  ILE A CG1 1 
ATOM   473  C CG2 . ILE A 1 59  ? -11.24718 8.38659   5.81610   1.000 29.20000 ? 59  ILE A CG2 1 
ATOM   474  C CD1 . ILE A 1 59  ? -12.72216 8.63013   8.60121   1.000 33.83000 ? 59  ILE A CD1 1 
ATOM   475  N N   . LEU A 1 60  ? -8.67648  5.85566   5.79253   1.000 22.60000 ? 60  LEU A N   1 
ATOM   476  C CA  . LEU A 1 60  ? -7.58363  5.81603   4.79949   1.000 22.77000 ? 60  LEU A CA  1 
ATOM   477  C C   . LEU A 1 60  ? -7.53981  4.46060   4.07601   1.000 22.20000 ? 60  LEU A C   1 
ATOM   478  O O   . LEU A 1 60  ? -7.15863  4.40116   2.91045   1.000 25.72000 ? 60  LEU A O   1 
ATOM   479  C CB  . LEU A 1 60  ? -6.26727  6.07653   5.53279   1.000 22.79000 ? 60  LEU A CB  1 
ATOM   480  C CG  . LEU A 1 60  ? -6.11103  7.49430   6.05657   1.000 26.36000 ? 60  LEU A CG  1 
ATOM   481  C CD1 . LEU A 1 60  ? -4.98879  7.60461   7.08179   1.000 30.95000 ? 60  LEU A CD1 1 
ATOM   482  C CD2 . LEU A 1 60  ? -5.89278  8.48035   4.92432   1.000 30.51000 ? 60  LEU A CD2 1 
ATOM   483  N N   . GLN A 1 61  ? -7.94722  3.37872   4.74422   1.000 23.00000 ? 61  GLN A N   1 
ATOM   484  C CA  . GLN A 1 61  ? -7.98265  2.04436   4.12675   1.000 21.99000 ? 61  GLN A CA  1 
ATOM   485  C C   . GLN A 1 61  ? -9.31214  1.71349   3.43351   1.000 21.89000 ? 61  GLN A C   1 
ATOM   486  O O   . GLN A 1 61  ? -9.36070  0.65158   2.81430   1.000 24.82000 ? 61  GLN A O   1 
ATOM   487  C CB  . GLN A 1 61  ? -7.78390  0.98186   5.20300   1.000 23.86000 ? 61  GLN A CB  1 
ATOM   488  C CG  . GLN A 1 61  ? -6.40754  1.00230   5.80625   1.000 26.18000 ? 61  GLN A CG  1 
ATOM   489  C CD  . GLN A 1 61  ? -6.10023  -0.31894  6.45386   1.000 30.62000 ? 61  GLN A CD  1 
ATOM   490  O OE1 . GLN A 1 61  ? -6.63247  -0.64331  7.52513   1.000 31.96000 ? 61  GLN A OE1 1 
ATOM   491  N NE2 . GLN A 1 61  ? -5.30126  -1.12340  5.76448   1.000 27.94000 ? 61  GLN A NE2 1 
ATOM   492  N N   . GLY A 1 62  ? -10.31456 2.56427   3.58130   1.000 22.71000 ? 62  GLY A N   1 
ATOM   493  C CA  . GLY A 1 62  ? -11.64273 2.34179   2.98888   1.000 24.88000 ? 62  GLY A CA  1 
ATOM   494  C C   . GLY A 1 62  ? -12.35600 1.17774   3.64800   1.000 25.99000 ? 62  GLY A C   1 
ATOM   495  O O   . GLY A 1 62  ? -12.93428 0.35953   2.90420   1.000 27.67000 ? 62  GLY A O   1 
ATOM   496  N N   . VAL A 1 63  ? -12.23296 1.07341   4.97638   1.000 25.87000 ? 63  VAL A N   1 
ATOM   497  C CA  . VAL A 1 63  ? -12.83808 -0.01141  5.83608   1.000 26.61000 ? 63  VAL A CA  1 
ATOM   498  C C   . VAL A 1 63  ? -13.83465 0.62038   6.80137   1.000 26.17000 ? 63  VAL A C   1 
ATOM   499  O O   . VAL A 1 63  ? -13.64156 1.72420   7.28406   1.000 27.06000 ? 63  VAL A O   1 
ATOM   500  C CB  . VAL A 1 63  ? -11.70389 -0.72499  6.60787   1.000 28.01000 ? 63  VAL A CB  1 
ATOM   501  C CG1 . VAL A 1 63  ? -12.21369 -1.61948  7.73997   1.000 30.65000 ? 63  VAL A CG1 1 
ATOM   502  C CG2 . VAL A 1 63  ? -10.82199 -1.50063  5.62926   1.000 37.08000 ? 63  VAL A CG2 1 
ATOM   503  N N   . HIS A 1 64  ? -14.93583 -0.05538  7.11354   1.000 25.87000 ? 64  HIS A N   1 
ATOM   504  C CA  . HIS A 1 64  ? -15.83483 0.41259   8.18604   1.000 25.63000 ? 64  HIS A CA  1 
ATOM   505  C C   . HIS A 1 64  ? -15.07122 0.46089   9.51283   1.000 28.20000 ? 64  HIS A C   1 
ATOM   506  O O   . HIS A 1 64  ? -14.33001 -0.51526  9.76441   1.000 28.02000 ? 64  HIS A O   1 
ATOM   507  C CB  . HIS A 1 64  ? -17.01521 -0.56368  8.31396   1.000 25.33000 ? 64  HIS A CB  1 
ATOM   508  C CG  . HIS A 1 64  ? -18.05949 -0.39887  7.25321   1.000 27.46000 ? 64  HIS A CG  1 
ATOM   509  N ND1 . HIS A 1 64  ? -18.71995 0.78747   7.06927   1.000 27.93000 ? 64  HIS A ND1 1 
ATOM   510  C CD2 . HIS A 1 64  ? -18.56835 -1.27398  6.35664   1.000 27.91000 ? 64  HIS A CD2 1 
ATOM   511  C CE1 . HIS A 1 64  ? -19.62711 0.62420   6.10096   1.000 26.81000 ? 64  HIS A CE1 1 
ATOM   512  N NE2 . HIS A 1 64  ? -19.54593 -0.61399  5.65622   1.000 26.65000 ? 64  HIS A NE2 1 
ATOM   513  N N   . LYS A 1 65  ? -15.27169 1.50747   10.30594  1.000 28.79000 ? 65  LYS A N   1 
ATOM   514  C CA  . LYS A 1 65  ? -14.68823 1.64664   11.66731  1.000 31.17000 ? 65  LYS A CA  1 
ATOM   515  C C   . LYS A 1 65  ? -14.98056 0.36377   12.44885  1.000 30.80000 ? 65  LYS A C   1 
ATOM   516  O O   . LYS A 1 65  ? -14.07301 -0.17643  13.08246  1.000 31.33000 ? 65  LYS A O   1 
ATOM   517  C CB  . LYS A 1 65  ? -15.24462 2.88323   12.38208  1.000 34.39000 ? 65  LYS A CB  1 
ATOM   518  C CG  . LYS A 1 65  ? -14.90600 3.00811   13.86176  1.000 40.71000 ? 65  LYS A CG  1 
ATOM   519  C CD  . LYS A 1 65  ? -13.47412 3.34154   14.14479  1.000 39.09000 ? 65  LYS A CD  1 
ATOM   520  C CE  . LYS A 1 65  ? -13.18699 3.52168   15.62590  1.000 41.29000 ? 65  LYS A CE  1 
ATOM   521  N NZ  . LYS A 1 65  ? -13.58436 4.86556   16.10932  1.000 46.70000 ? 65  LYS A NZ  1 
ATOM   522  N N   . SER A 1 66  ? -16.21163 -0.13039  12.40060  1.000 30.09000 ? 66  SER A N   1 
ATOM   523  C CA  . SER A 1 66  ? -16.59950 -1.35607  13.16584  1.000 33.36000 ? 66  SER A CA  1 
ATOM   524  C C   . SER A 1 66  ? -15.66277 -2.53943  12.87546  1.000 33.57000 ? 66  SER A C   1 
ATOM   525  O O   . SER A 1 66  ? -15.55724 -3.40484  13.75919  1.000 38.95000 ? 66  SER A O   1 
ATOM   526  C CB  . SER A 1 66  ? -18.04811 -1.73857  12.89377  1.000 34.17000 ? 66  SER A CB  1 
ATOM   527  O OG  . SER A 1 66  ? -18.27746 -1.99005  11.51435  1.000 35.55000 ? 66  SER A OG  1 
ATOM   528  N N   . ALA A 1 67  ? -15.03328 -2.63754  11.68857  1.000 29.08000 ? 67  ALA A N   1 
ATOM   529  C CA  . ALA A 1 67  ? -14.21875 -3.80932  11.25900  1.000 30.34000 ? 67  ALA A CA  1 
ATOM   530  C C   . ALA A 1 67  ? -12.75334 -3.66530  11.68545  1.000 28.81000 ? 67  ALA A C   1 
ATOM   531  O O   . ALA A 1 67  ? -12.02610 -4.67752  11.67655  1.000 30.25000 ? 67  ALA A O   1 
ATOM   532  C CB  . ALA A 1 67  ? -14.30359 -3.98915  9.77092   1.000 33.27000 ? 67  ALA A CB  1 
ATOM   533  N N   . ILE A 1 68  ? -12.33444 -2.46797  12.05787  1.000 28.64000 ? 68  ILE A N   1 
ATOM   534  C CA  . ILE A 1 68  ? -10.86648 -2.23463  12.13146  1.000 31.36000 ? 68  ILE A CA  1 
ATOM   535  C C   . ILE A 1 68  ? -10.28925 -2.90560  13.39454  1.000 32.00000 ? 68  ILE A C   1 
ATOM   536  O O   . ILE A 1 68  ? -9.17654  -3.46514  13.31315  1.000 32.92000 ? 68  ILE A O   1 
ATOM   537  C CB  . ILE A 1 68  ? -10.57328 -0.73098  11.95643  1.000 31.12000 ? 68  ILE A CB  1 
ATOM   538  C CG1 . ILE A 1 68  ? -9.18612  -0.51154  11.35057  1.000 35.50000 ? 68  ILE A CG1 1 
ATOM   539  C CG2 . ILE A 1 68  ? -10.78502 0.05398   13.23703  1.000 36.37000 ? 68  ILE A CG2 1 
ATOM   540  C CD1 . ILE A 1 68  ? -9.10202  -0.82792  9.90077   1.000 33.67000 ? 68  ILE A CD1 1 
ATOM   541  N N   . SER A 1 69  ? -11.03282 -3.02662  14.50328  1.000 30.38000 ? 69  SER A N   1 
ATOM   542  C CA  . SER A 1 69  ? -10.56068 -3.63277  15.77037  1.000 32.96000 ? 69  SER A CA  1 
ATOM   543  C C   . SER A 1 69  ? -10.00715 -5.02930  15.52484  1.000 35.35000 ? 69  SER A C   1 
ATOM   544  O O   . SER A 1 69  ? -8.86585  -5.29010  15.92758  1.000 35.59000 ? 69  SER A O   1 
ATOM   545  C CB  . SER A 1 69  ? -11.65484 -3.65352  16.81770  1.000 35.55000 ? 69  SER A CB  1 
ATOM   546  O OG  . SER A 1 69  ? -11.16919 -4.24322  18.01864  1.000 40.86000 ? 69  SER A OG  1 
ATOM   547  N N   . ASN A 1 70  ? -10.81470 -5.92925  14.97246  1.000 33.13000 ? 70  ASN A N   1 
ATOM   548  C CA  . ASN A 1 70  ? -10.45256 -7.35972  14.83159  1.000 35.84000 ? 70  ASN A CA  1 
ATOM   549  C C   . ASN A 1 70  ? -9.24201  -7.47059  13.88465  1.000 36.46000 ? 70  ASN A C   1 
ATOM   550  O O   . ASN A 1 70  ? -8.40430  -8.32426  14.12010  1.000 35.67000 ? 70  ASN A O   1 
ATOM   551  C CB  . ASN A 1 70  ? -11.66795 -8.22778  14.49495  1.000 42.41000 ? 70  ASN A CB  1 
ATOM   552  C CG  . ASN A 1 70  ? -12.68247 -8.27636  15.63075  1.000 43.84000 ? 70  ASN A CG  1 
ATOM   553  O OD1 . ASN A 1 70  ? -13.81212 -8.71952  15.43763  1.000 52.31000 ? 70  ASN A OD1 1 
ATOM   554  N ND2 . ASN A 1 70  ? -12.31054 -7.82192  16.81885  1.000 46.99000 ? 70  ASN A ND2 1 
ATOM   555  N N   . ARG A 1 71  ? -9.11363  -6.59735  12.89589  1.000 31.74000 ? 71  ARG A N   1 
ATOM   556  C CA  . ARG A 1 71  ? -7.93353  -6.61182  11.98598  1.000 32.40000 ? 71  ARG A CA  1 
ATOM   557  C C   . ARG A 1 71  ? -6.66865  -6.20964  12.74758  1.000 31.44000 ? 71  ARG A C   1 
ATOM   558  O O   . ARG A 1 71  ? -5.59676  -6.87632  12.54856  1.000 33.01000 ? 71  ARG A O   1 
ATOM   559  C CB  . ARG A 1 71  ? -8.19759  -5.68471  10.81675  1.000 31.64000 ? 71  ARG A CB  1 
ATOM   560  C CG  . ARG A 1 71  ? -9.40317  -6.17168  10.03857  1.000 35.05000 ? 71  ARG A CG  1 
ATOM   561  C CD  . ARG A 1 71  ? -9.59271  -5.48740  8.74484   1.000 33.49000 ? 71  ARG A CD  1 
ATOM   562  N NE  . ARG A 1 71  ? -10.93395 -5.79652  8.27526   1.000 36.07000 ? 71  ARG A NE  1 
ATOM   563  C CZ  . ARG A 1 71  ? -11.42356 -5.35967  7.13946   1.000 38.19000 ? 71  ARG A CZ  1 
ATOM   564  N NH1 . ARG A 1 71  ? -10.66833 -4.60435  6.35811   1.000 38.28000 ? 71  ARG A NH1 1 
ATOM   565  N NH2 . ARG A 1 71  ? -12.67054 -5.67921  6.80011   1.000 34.37000 ? 71  ARG A NH2 1 
ATOM   566  N N   . LEU A 1 72  ? -6.73977  -5.14658  13.54323  1.000 30.89000 ? 72  LEU A N   1 
ATOM   567  C CA  . LEU A 1 72  ? -5.59799  -4.67317  14.37956  1.000 26.88000 ? 72  LEU A CA  1 
ATOM   568  C C   . LEU A 1 72  ? -5.21876  -5.77749  15.38380  1.000 32.34000 ? 72  LEU A C   1 
ATOM   569  O O   . LEU A 1 72  ? -4.01118  -5.97661  15.60934  1.000 28.92000 ? 72  LEU A O   1 
ATOM   570  C CB  . LEU A 1 72  ? -5.92532  -3.33907  15.04146  1.000 26.59000 ? 72  LEU A CB  1 
ATOM   571  C CG  . LEU A 1 72  ? -6.16244  -2.17419  14.09017  1.000 32.13000 ? 72  LEU A CG  1 
ATOM   572  C CD1 . LEU A 1 72  ? -6.54300  -0.91024  14.83375  1.000 34.90000 ? 72  LEU A CD1 1 
ATOM   573  C CD2 . LEU A 1 72  ? -4.91840  -1.93860  13.24692  1.000 31.02000 ? 72  LEU A CD2 1 
ATOM   574  N N   . LYS A 1 73  ? -6.15340  -6.59644  15.81696  1.000 31.47000 ? 73  LYS A N   1 
ATOM   575  C CA  . LYS A 1 73  ? -5.81482  -7.66288  16.78659  1.000 36.11000 ? 73  LYS A CA  1 
ATOM   576  C C   . LYS A 1 73  ? -4.74943  -8.62377  16.26346  1.000 32.59000 ? 73  LYS A C   1 
ATOM   577  O O   . LYS A 1 73  ? -3.88916  -8.98981  17.01682  1.000 31.26000 ? 73  LYS A O   1 
ATOM   578  C CB  . LYS A 1 73  ? -7.08775  -8.43310  17.12411  1.000 37.20000 ? 73  LYS A CB  1 
ATOM   579  C CG  . LYS A 1 73  ? -8.20747  -7.50463  17.53733  1.000 45.71000 ? 73  LYS A CG  1 
ATOM   580  C CD  . LYS A 1 73  ? -8.13973  -7.02174  18.95573  1.000 46.22000 ? 73  LYS A CD  1 
ATOM   581  C CE  . LYS A 1 73  ? -9.38915  -7.42429  19.70891  1.000 47.94000 ? 73  LYS A CE  1 
ATOM   582  N NZ  . LYS A 1 73  ? -9.65871  -6.52002  20.84377  1.000 47.73000 ? 73  LYS A NZ  1 
ATOM   583  N N   . LYS A 1 74  ? -4.85666  -9.01364  15.01182  1.000 29.30000 ? 74  LYS A N   1 
ATOM   584  C CA  . LYS A 1 74  ? -3.90533  -9.96867  14.39400  1.000 32.15000 ? 74  LYS A CA  1 
ATOM   585  C C   . LYS A 1 74  ? -2.51798  -9.31318  14.34719  1.000 27.00000 ? 74  LYS A C   1 
ATOM   586  O O   . LYS A 1 74  ? -1.51065  -10.04065 14.54395  1.000 28.75000 ? 74  LYS A O   1 
ATOM   587  C CB  . LYS A 1 74  ? -4.39780  -10.38346 13.00931  1.000 32.93000 ? 74  LYS A CB  1 
ATOM   588  C CG  . LYS A 1 74  ? -5.74797  -11.10886 13.09246  1.000 38.43000 ? 74  LYS A CG  1 
ATOM   589  C CD  . LYS A 1 74  ? -6.29642  -11.65257 11.81302  1.000 40.23000 ? 74  LYS A CD  1 
ATOM   590  C CE  . LYS A 1 74  ? -7.76610  -12.00682 11.93992  1.000 44.00000 ? 74  LYS A CE  1 
ATOM   591  N NZ  . LYS A 1 74  ? -8.00469  -12.93338 13.06638  1.000 47.43000 ? 74  LYS A NZ  1 
ATOM   592  N N   . LEU A 1 75  ? -2.45987  -8.00182  14.05694  1.000 27.22000 ? 75  LEU A N   1 
ATOM   593  C CA  . LEU A 1 75  ? -1.14777  -7.30879  13.89973  1.000 25.08000 ? 75  LEU A CA  1 
ATOM   594  C C   . LEU A 1 75  ? -0.54870  -7.10213  15.30424  1.000 27.52000 ? 75  LEU A C   1 
ATOM   595  O O   . LEU A 1 75  ? 0.66911   -7.18639  15.45396  1.000 25.77000 ? 75  LEU A O   1 
ATOM   596  C CB  . LEU A 1 75  ? -1.34537  -5.99642  13.14612  1.000 26.36000 ? 75  LEU A CB  1 
ATOM   597  C CG  . LEU A 1 75  ? -1.74664  -6.17151  11.69142  1.000 27.68000 ? 75  LEU A CG  1 
ATOM   598  C CD1 . LEU A 1 75  ? -1.95182  -4.80270  11.06293  1.000 31.34000 ? 75  LEU A CD1 1 
ATOM   599  C CD2 . LEU A 1 75  ? -0.75087  -7.02674  10.91986  1.000 27.48000 ? 75  LEU A CD2 1 
ATOM   600  N N   . ILE A 1 76  ? -1.38805  -6.88566  16.32326  1.000 25.88000 ? 76  ILE A N   1 
ATOM   601  C CA  . ILE A 1 76  ? -0.92785  -6.77539  17.73488  1.000 26.28000 ? 76  ILE A CA  1 
ATOM   602  C C   . ILE A 1 76  ? -0.36570  -8.14225  18.13313  1.000 28.17000 ? 76  ILE A C   1 
ATOM   603  O O   . ILE A 1 76  ? 0.73184   -8.16572  18.80264  1.000 29.09000 ? 76  ILE A O   1 
ATOM   604  C CB  . ILE A 1 76  ? -2.09764  -6.27770  18.62284  1.000 27.53000 ? 76  ILE A CB  1 
ATOM   605  C CG1 . ILE A 1 76  ? -2.42125  -4.81475  18.29830  1.000 30.95000 ? 76  ILE A CG1 1 
ATOM   606  C CG2 . ILE A 1 76  ? -1.80157  -6.50601  20.08932  1.000 30.01000 ? 76  ILE A CG2 1 
ATOM   607  C CD1 . ILE A 1 76  ? -3.78120  -4.32659  18.82115  1.000 34.63000 ? 76  ILE A CD1 1 
ATOM   608  N N   . GLU A 1 77  ? -1.05859  -9.22543  17.81130  1.000 27.33000 ? 77  GLU A N   1 
ATOM   609  C CA  . GLU A 1 77  ? -0.62548  -10.59985 18.17863  1.000 32.66000 ? 77  GLU A CA  1 
ATOM   610  C C   . GLU A 1 77  ? 0.71768   -10.90368 17.50517  1.000 30.94000 ? 77  GLU A C   1 
ATOM   611  O O   . GLU A 1 77  ? 1.58927   -11.54894 18.15257  1.000 32.69000 ? 77  GLU A O   1 
ATOM   612  C CB  . GLU A 1 77  ? -1.71503  -11.59651 17.79090  1.000 38.60000 ? 77  GLU A CB  1 
ATOM   613  C CG  . GLU A 1 77  ? -1.59311  -12.91698 18.52014  1.000 43.97000 ? 77  GLU A CG  1 
ATOM   614  C CD  . GLU A 1 77  ? -1.51264  -12.76117 20.03125  1.000 52.57000 ? 77  GLU A CD  1 
ATOM   615  O OE1 . GLU A 1 77  ? -0.79169  -13.56050 20.65821  1.000 57.10000 ? 77  GLU A OE1 1 
ATOM   616  O OE2 . GLU A 1 77  ? -2.15734  -11.82201 20.58188  1.000 56.35000 ? 77  GLU A OE2 1 
ATOM   617  N N   . LYS A 1 78  ? 0.92844   -10.43610 16.27112  1.000 27.78000 ? 78  LYS A N   1 
ATOM   618  C CA  . LYS A 1 78  ? 2.22478   -10.62676 15.55893  1.000 27.36000 ? 78  LYS A CA  1 
ATOM   619  C C   . LYS A 1 78  ? 3.28919   -9.64560  16.09238  1.000 26.01000 ? 78  LYS A C   1 
ATOM   620  O O   . LYS A 1 78  ? 4.45173   -9.75605  15.68225  1.000 28.13000 ? 78  LYS A O   1 
ATOM   621  C CB  . LYS A 1 78  ? 2.05107   -10.47686 14.04523  1.000 29.37000 ? 78  LYS A CB  1 
ATOM   622  C CG  . LYS A 1 78  ? 1.27829   -11.61275 13.36774  1.000 34.15000 ? 78  LYS A CG  1 
ATOM   623  C CD  . LYS A 1 78  ? 1.03737   -11.31288 11.91406  1.000 33.71000 ? 78  LYS A CD  1 
ATOM   624  C CE  . LYS A 1 78  ? 0.27834   -12.38859 11.18480  1.000 36.11000 ? 78  LYS A CE  1 
ATOM   625  N NZ  . LYS A 1 78  ? 0.89316   -13.70487 11.43426  1.000 37.07000 ? 78  LYS A NZ  1 
ATOM   626  N N   . GLU A 1 79  ? 2.91885   -8.70526  16.93927  1.000 24.84000 ? 79  GLU A N   1 
ATOM   627  C CA  . GLU A 1 79  ? 3.85467   -7.75891  17.59241  1.000 24.69000 ? 79  GLU A CA  1 
ATOM   628  C C   . GLU A 1 79  ? 4.56007   -6.91105  16.53993  1.000 22.70000 ? 79  GLU A C   1 
ATOM   629  O O   . GLU A 1 79  ? 5.68054   -6.50240  16.76967  1.000 21.81000 ? 79  GLU A O   1 
ATOM   630  C CB  . GLU A 1 79  ? 4.86546   -8.48761  18.48178  1.000 30.35000 ? 79  GLU A CB  1 
ATOM   631  C CG  . GLU A 1 79  ? 4.20958   -9.27231  19.58156  1.000 31.91000 ? 79  GLU A CG  1 
ATOM   632  C CD  . GLU A 1 79  ? 5.16384   -10.01764 20.48440  1.000 38.17000 ? 79  GLU A CD  1 
ATOM   633  O OE1 . GLU A 1 79  ? 5.77936   -10.97843 20.01356  1.000 40.02000 ? 79  GLU A OE1 1 
ATOM   634  O OE2 . GLU A 1 79  ? 5.25684   -9.63797  21.63926  1.000 44.68000 ? 79  GLU A OE2 1 
ATOM   635  N N   . VAL A 1 80  ? 3.84025   -6.50980  15.49499  1.000 22.01000 ? 80  VAL A N   1 
ATOM   636  C CA  . VAL A 1 80  ? 4.32374   -5.47548  14.55298  1.000 20.74000 ? 80  VAL A CA  1 
ATOM   637  C C   . VAL A 1 80  ? 3.81012   -4.08697  14.90787  1.000 19.47000 ? 80  VAL A C   1 
ATOM   638  O O   . VAL A 1 80  ? 4.37301   -3.12246  14.36298  1.000 21.46000 ? 80  VAL A O   1 
ATOM   639  C CB  . VAL A 1 80  ? 4.02015   -5.84500  13.08553  1.000 20.13000 ? 80  VAL A CB  1 
ATOM   640  C CG1 . VAL A 1 80  ? 4.91432   -6.99357  12.64409  1.000 21.84000 ? 80  VAL A CG1 1 
ATOM   641  C CG2 . VAL A 1 80  ? 2.55271   -6.18984  12.83908  1.000 21.93000 ? 80  VAL A CG2 1 
ATOM   642  N N   . ILE A 1 81  ? 2.68576   -4.00500  15.60907  1.000 21.11000 ? 81  ILE A N   1 
ATOM   643  C CA  . ILE A 1 81  ? 2.13249   -2.73582  16.13360  1.000 21.57000 ? 81  ILE A CA  1 
ATOM   644  C C   . ILE A 1 81  ? 1.79322   -2.90182  17.60613  1.000 21.53000 ? 81  ILE A C   1 
ATOM   645  O O   . ILE A 1 81  ? 1.61793   -4.03341  18.10461  1.000 23.84000 ? 81  ILE A O   1 
ATOM   646  C CB  . ILE A 1 81  ? 0.90035   -2.26739  15.33856  1.000 23.68000 ? 81  ILE A CB  1 
ATOM   647  C CG1 . ILE A 1 81  ? -0.29521  -3.16557  15.58141  1.000 24.93000 ? 81  ILE A CG1 1 
ATOM   648  C CG2 . ILE A 1 81  ? 1.20300   -2.20691  13.83291  1.000 23.02000 ? 81  ILE A CG2 1 
ATOM   649  C CD1 . ILE A 1 81  ? -1.57163  -2.63761  14.97105  1.000 28.32000 ? 81  ILE A CD1 1 
ATOM   650  N N   . SER A 1 82  ? 1.59532   -1.77094  18.23530  1.000 24.22000 ? 82  SER A N   1 
ATOM   651  C CA  . SER A 1 82  ? 1.05330   -1.69677  19.60715  1.000 29.02000 ? 82  SER A CA  1 
ATOM   652  C C   . SER A 1 82  ? 0.03158   -0.55466  19.64177  1.000 26.97000 ? 82  SER A C   1 
ATOM   653  O O   . SER A 1 82  ? 0.06476   0.28991   18.77745  1.000 27.60000 ? 82  SER A O   1 
ATOM   654  C CB  . SER A 1 82  ? 2.12329   -1.52520  20.63014  1.000 33.90000 ? 82  SER A CB  1 
ATOM   655  O OG  . SER A 1 82  ? 2.46693   -0.18039  20.75372  1.000 36.90000 ? 82  SER A OG  1 
ATOM   656  N N   . ILE A 1 83  ? -0.89285  -0.58250  20.59103  1.000 31.69000 ? 83  ILE A N   1 
ATOM   657  C CA  . ILE A 1 83  ? -1.88012  0.51932   20.72798  1.000 34.63000 ? 83  ILE A CA  1 
ATOM   658  C C   . ILE A 1 83  ? -1.58842  1.22364   22.05774  1.000 42.13000 ? 83  ILE A C   1 
ATOM   659  O O   . ILE A 1 83  ? -1.45122  0.51333   23.04050  1.000 44.33000 ? 83  ILE A O   1 
ATOM   660  C CB  . ILE A 1 83  ? -3.31663  -0.01649  20.63003  1.000 41.44000 ? 83  ILE A CB  1 
ATOM   661  C CG1 . ILE A 1 83  ? -3.50888  -0.86473  19.37740  1.000 39.73000 ? 83  ILE A CG1 1 
ATOM   662  C CG2 . ILE A 1 83  ? -4.31012  1.12974   20.65867  1.000 38.71000 ? 83  ILE A CG2 1 
ATOM   663  C CD1 . ILE A 1 83  ? -4.93637  -0.93515  18.90720  1.000 41.19000 ? 83  ILE A CD1 1 
ATOM   664  N N   . LYS A 1 84  ? -1.42026  2.55336   22.06144  1.000 40.68000 ? 84  LYS A N   1 
ATOM   665  C CA  . LYS A 1 84  ? -0.88088  3.32035   23.22590  1.000 46.15000 ? 84  LYS A CA  1 
ATOM   666  C C   . LYS A 1 84  ? -1.48464  4.71751   23.39860  1.000 52.61000 ? 84  LYS A C   1 
ATOM   667  O O   . LYS A 1 84  ? -1.68876  5.41501   22.42382  1.000 61.05000 ? 84  LYS A O   1 
ATOM   668  C CB  . LYS A 1 84  ? 0.63792   3.44267   23.12292  1.000 49.45000 ? 84  LYS A CB  1 
ATOM   669  C CG  . LYS A 1 84  ? 1.37542   2.24978   22.53913  1.000 47.87000 ? 84  LYS A CG  1 
ATOM   670  C CD  . LYS A 1 84  ? 1.10376   0.99434   23.32177  1.000 51.54000 ? 84  LYS A CD  1 
ATOM   671  C CE  . LYS A 1 84  ? 2.35877   0.17105   23.49756  1.000 50.05000 ? 84  LYS A CE  1 
ATOM   672  N NZ  . LYS A 1 84  ? 2.08397   -1.25852  23.75776  1.000 51.98000 ? 84  LYS A NZ  1 
ATOM   673  N N   . ILE A 1 93  ? -3.35336  5.84269   19.98968  1.000 42.08000 ? 93  ILE A N   1 
ATOM   674  C CA  . ILE A 1 93  ? -2.83558  5.74444   18.60218  1.000 35.80000 ? 93  ILE A CA  1 
ATOM   675  C C   . ILE A 1 93  ? -2.19633  4.38085   18.35679  1.000 34.50000 ? 93  ILE A C   1 
ATOM   676  O O   . ILE A 1 93  ? -1.97475  3.62878   19.29786  1.000 32.59000 ? 93  ILE A O   1 
ATOM   677  C CB  . ILE A 1 93  ? -1.83924  6.87019   18.28923  1.000 33.46000 ? 93  ILE A CB  1 
ATOM   678  C CG1 . ILE A 1 93  ? -0.57846  6.77278   19.13602  1.000 38.91000 ? 93  ILE A CG1 1 
ATOM   679  C CG2 . ILE A 1 93  ? -2.50357  8.23196   18.43253  1.000 40.61000 ? 93  ILE A CG2 1 
ATOM   680  C CD1 . ILE A 1 93  ? 0.48219   7.76892   18.75251  1.000 41.29000 ? 93  ILE A CD1 1 
ATOM   681  N N   . LEU A 1 94  ? -1.99438  4.08751   17.08377  1.000 28.91000 ? 94  LEU A N   1 
ATOM   682  C CA  . LEU A 1 94  ? -1.28544  2.85945   16.67705  1.000 29.07000 ? 94  LEU A CA  1 
ATOM   683  C C   . LEU A 1 94  ? 0.16101   3.26351   16.51236  1.000 26.05000 ? 94  LEU A C   1 
ATOM   684  O O   . LEU A 1 94  ? 0.39623   4.32088   16.01837  1.000 27.45000 ? 94  LEU A O   1 
ATOM   685  C CB  . LEU A 1 94  ? -1.80202  2.40625   15.31939  1.000 26.16000 ? 94  LEU A CB  1 
ATOM   686  C CG  . LEU A 1 94  ? -3.01833  1.50502   15.33506  1.000 34.67000 ? 94  LEU A CG  1 
ATOM   687  C CD1 . LEU A 1 94  ? -4.19205  2.20497   15.97491  1.000 37.49000 ? 94  LEU A CD1 1 
ATOM   688  C CD2 . LEU A 1 94  ? -3.35059  1.11967   13.91029  1.000 35.58000 ? 94  LEU A CD2 1 
ATOM   689  N N   . VAL A 1 95  ? 1.06599   2.38335   16.91009  1.000 23.84000 ? 95  VAL A N   1 
ATOM   690  C CA  . VAL A 1 95  ? 2.51640   2.66534   16.77625  1.000 28.75000 ? 95  VAL A CA  1 
ATOM   691  C C   . VAL A 1 95  ? 3.19681   1.39503   16.26601  1.000 25.77000 ? 95  VAL A C   1 
ATOM   692  O O   . VAL A 1 95  ? 2.83212   0.35036   16.70086  1.000 26.30000 ? 95  VAL A O   1 
ATOM   693  C CB  . VAL A 1 95  ? 3.11466   3.07299   18.14379  1.000 34.01000 ? 95  VAL A CB  1 
ATOM   694  C CG1 . VAL A 1 95  ? 2.81677   4.50634   18.48711  1.000 39.30000 ? 95  VAL A CG1 1 
ATOM   695  C CG2 . VAL A 1 95  ? 2.58877   2.21574   19.27150  1.000 39.47000 ? 95  VAL A CG2 1 
ATOM   696  N N   . LEU A 1 96  ? 4.15539   1.58461   15.37933  1.000 23.32000 ? 96  LEU A N   1 
ATOM   697  C CA  . LEU A 1 96  ? 4.98855   0.45851   14.86847  1.000 23.86000 ? 96  LEU A CA  1 
ATOM   698  C C   . LEU A 1 96  ? 5.93921   0.02462   15.98264  1.000 23.65000 ? 96  LEU A C   1 
ATOM   699  O O   . LEU A 1 96  ? 6.54127   0.88745   16.66123  1.000 24.02000 ? 96  LEU A O   1 
ATOM   700  C CB  . LEU A 1 96  ? 5.86205   0.89245   13.69801  1.000 27.34000 ? 96  LEU A CB  1 
ATOM   701  C CG  . LEU A 1 96  ? 5.34196   0.78906   12.26586  1.000 29.99000 ? 96  LEU A CG  1 
ATOM   702  C CD1 . LEU A 1 96  ? 6.50101   1.02158   11.29511  1.000 28.29000 ? 96  LEU A CD1 1 
ATOM   703  C CD2 . LEU A 1 96  ? 4.69391   -0.52931  11.96811  1.000 26.12000 ? 96  LEU A CD2 1 
ATOM   704  N N   . THR A 1 97  ? 6.18395   -1.27738  16.06890  1.000 21.16000 ? 97  THR A N   1 
ATOM   705  C CA  . THR A 1 97  ? 7.29381   -1.84950  16.86407  1.000 20.85000 ? 97  THR A CA  1 
ATOM   706  C C   . THR A 1 97  ? 8.55080   -1.87540  15.99160  1.000 22.17000 ? 97  THR A C   1 
ATOM   707  O O   . THR A 1 97  ? 8.48810   -1.67476  14.73510  1.000 21.98000 ? 97  THR A O   1 
ATOM   708  C CB  . THR A 1 97  ? 6.89848   -3.21379  17.43103  1.000 22.72000 ? 97  THR A CB  1 
ATOM   709  O OG1 . THR A 1 97  ? 6.89821   -4.08733  16.27987  1.000 21.79000 ? 97  THR A OG1 1 
ATOM   710  C CG2 . THR A 1 97  ? 5.57997   -3.30815  18.18368  1.000 23.34000 ? 97  THR A CG2 1 
ATOM   711  N N   . ALA A 1 98  ? 9.72065   -2.17475  16.57035  1.000 22.01000 ? 98  ALA A N   1 
ATOM   712  C CA  . ALA A 1 98  ? 10.93298  -2.40817  15.76318  1.000 21.00000 ? 98  ALA A CA  1 
ATOM   713  C C   . ALA A 1 98  ? 10.63794  -3.52743  14.72674  1.000 20.72000 ? 98  ALA A C   1 
ATOM   714  O O   . ALA A 1 98  ? 11.08201  -3.41801  13.57962  1.000 20.61000 ? 98  ALA A O   1 
ATOM   715  C CB  . ALA A 1 98  ? 12.12727  -2.76617  16.65525  1.000 23.50000 ? 98  ALA A CB  1 
ATOM   716  N N   . LEU A 1 99  ? 9.99524   -4.61474  15.14898  1.000 18.52000 ? 99  LEU A N   1 
ATOM   717  C CA  . LEU A 1 99  ? 9.68117   -5.70779  14.20537  1.000 18.44000 ? 99  LEU A CA  1 
ATOM   718  C C   . LEU A 1 99  ? 8.80000   -5.18041  13.08561  1.000 20.03000 ? 99  LEU A C   1 
ATOM   719  O O   . LEU A 1 99  ? 9.07218   -5.45216  11.92490  1.000 20.53000 ? 99  LEU A O   1 
ATOM   720  C CB  . LEU A 1 99  ? 9.02565   -6.89634  14.89207  1.000 21.51000 ? 99  LEU A CB  1 
ATOM   721  C CG  . LEU A 1 99  ? 8.55045   -8.01477  13.97871  1.000 18.96000 ? 99  LEU A CG  1 
ATOM   722  C CD1 . LEU A 1 99  ? 9.69725   -8.66997  13.24176  1.000 19.74000 ? 99  LEU A CD1 1 
ATOM   723  C CD2 . LEU A 1 99  ? 7.76416   -9.01813  14.80818  1.000 20.87000 ? 99  LEU A CD2 1 
ATOM   724  N N   . GLY A 1 100 ? 7.80222   -4.38668  13.42338  1.000 20.38000 ? 100 GLY A N   1 
ATOM   725  C CA  . GLY A 1 100 ? 6.92783   -3.86312  12.35726  1.000 21.19000 ? 100 GLY A CA  1 
ATOM   726  C C   . GLY A 1 100 ? 7.69565   -3.04160  11.34480  1.000 21.16000 ? 100 GLY A C   1 
ATOM   727  O O   . GLY A 1 100 ? 7.40784   -3.12450  10.19991  1.000 21.56000 ? 100 GLY A O   1 
ATOM   728  N N   . GLU A 1 101 ? 8.66177   -2.24831  11.81839  1.000 19.33000 ? 101 GLU A N   1 
ATOM   729  C CA  . GLU A 1 101 ? 9.48757   -1.39464  10.92038  1.000 19.15000 ? 101 GLU A CA  1 
ATOM   730  C C   . GLU A 1 101 ? 10.35677  -2.29653  10.03742  1.000 22.68000 ? 101 GLU A C   1 
ATOM   731  O O   . GLU A 1 101 ? 10.48830  -1.99950  8.83372   1.000 22.49000 ? 101 GLU A O   1 
ATOM   732  C CB  . GLU A 1 101 ? 10.34991  -0.43621  11.74402  1.000 23.66000 ? 101 GLU A CB  1 
ATOM   733  C CG  . GLU A 1 101 ? 10.98316  0.66789   10.91839  1.000 25.83000 ? 101 GLU A CG  1 
ATOM   734  C CD  . GLU A 1 101 ? 11.40283  1.89239   11.71358  1.000 29.23000 ? 101 GLU A CD  1 
ATOM   735  O OE1 . GLU A 1 101 ? 10.53598  2.48191   12.38861  1.000 36.88000 ? 101 GLU A OE1 1 
ATOM   736  O OE2 . GLU A 1 101 ? 12.59553  2.25210   11.65711  1.000 28.36000 ? 101 GLU A OE2 1 
ATOM   737  N N   . THR A 1 102 ? 10.92305  -3.35257  10.62793  1.000 19.59000 ? 102 THR A N   1 
ATOM   738  C CA  . THR A 1 102 ? 11.78039  -4.31378  9.90401   1.000 18.76000 ? 102 THR A CA  1 
ATOM   739  C C   . THR A 1 102 ? 10.96501  -5.01429  8.81731   1.000 20.52000 ? 102 THR A C   1 
ATOM   740  O O   . THR A 1 102 ? 11.44182  -5.15758  7.73208   1.000 21.15000 ? 102 THR A O   1 
ATOM   741  C CB  . THR A 1 102 ? 12.38912  -5.29120  10.90777  1.000 20.90000 ? 102 THR A CB  1 
ATOM   742  O OG1 . THR A 1 102 ? 13.18670  -4.50666  11.78013  1.000 22.65000 ? 102 THR A OG1 1 
ATOM   743  C CG2 . THR A 1 102 ? 13.24429  -6.35644  10.26595  1.000 22.10000 ? 102 THR A CG2 1 
ATOM   744  N N   . VAL A 1 103 ? 9.77872   -5.45011  9.17940   1.000 20.16000 ? 103 VAL A N   1 
ATOM   745  C CA  . VAL A 1 103 ? 8.84088   -6.12070  8.25240   1.000 19.24000 ? 103 VAL A CA  1 
ATOM   746  C C   . VAL A 1 103 ? 8.50441   -5.17694  7.09803   1.000 20.79000 ? 103 VAL A C   1 
ATOM   747  O O   . VAL A 1 103 ? 8.59284   -5.57585  5.90949   1.000 22.14000 ? 103 VAL A O   1 
ATOM   748  C CB  . VAL A 1 103 ? 7.61286   -6.66708  8.97428   1.000 20.38000 ? 103 VAL A CB  1 
ATOM   749  C CG1 . VAL A 1 103 ? 6.46025   -6.98316  8.00606   1.000 21.62000 ? 103 VAL A CG1 1 
ATOM   750  C CG2 . VAL A 1 103 ? 8.01434   -7.85647  9.80188   1.000 21.08000 ? 103 VAL A CG2 1 
ATOM   751  N N   . ILE A 1 104 ? 8.07610   -3.96276  7.38300   1.000 19.16000 ? 104 ILE A N   1 
ATOM   752  C CA  . ILE A 1 104 ? 7.53354   -3.17220  6.24041   1.000 24.22000 ? 104 ILE A CA  1 
ATOM   753  C C   . ILE A 1 104 ? 8.70198   -2.71385  5.34727   1.000 22.30000 ? 104 ILE A C   1 
ATOM   754  O O   . ILE A 1 104 ? 8.58398   -2.77944  4.11896   1.000 22.18000 ? 104 ILE A O   1 
ATOM   755  C CB  . ILE A 1 104 ? 6.57680   -2.08423  6.73436   1.000 23.93000 ? 104 ILE A CB  1 
ATOM   756  C CG1 . ILE A 1 104 ? 5.73728   -1.54636  5.57768   1.000 23.84000 ? 104 ILE A CG1 1 
ATOM   757  C CG2 . ILE A 1 104 ? 7.32962   -1.02581  7.44331   1.000 21.32000 ? 104 ILE A CG2 1 
ATOM   758  C CD1 . ILE A 1 104 ? 5.02542   -2.60291  4.72904   1.000 27.48000 ? 104 ILE A CD1 1 
ATOM   759  N N   . LYS A 1 105 ? 9.90729   -2.49763  5.86194   1.000 20.75000 ? 105 LYS A N   1 
ATOM   760  C CA  . LYS A 1 105 ? 11.05399  -2.13639  5.01925   1.000 20.94000 ? 105 LYS A CA  1 
ATOM   761  C C   . LYS A 1 105 ? 11.40501  -3.28253  4.07088   1.000 20.57000 ? 105 LYS A C   1 
ATOM   762  O O   . LYS A 1 105 ? 11.63906  -3.06622  2.86935   1.000 21.23000 ? 105 LYS A O   1 
ATOM   763  C CB  . LYS A 1 105 ? 12.21433  -1.67702  5.88254   1.000 23.35000 ? 105 LYS A CB  1 
ATOM   764  C CG  . LYS A 1 105 ? 11.93419  -0.30693  6.47768   1.000 26.91000 ? 105 LYS A CG  1 
ATOM   765  C CD  . LYS A 1 105 ? 13.09952  0.28519   7.15820   1.000 31.28000 ? 105 LYS A CD  1 
ATOM   766  C CE  . LYS A 1 105 ? 12.82994  1.68059   7.68350   1.000 36.19000 ? 105 LYS A CE  1 
ATOM   767  N NZ  . LYS A 1 105 ? 13.00087  2.70164   6.62529   1.000 44.77000 ? 105 LYS A NZ  1 
ATOM   768  N N   . GLN A 1 106 ? 11.48556  -4.52296  4.56880   1.000 20.26000 ? 106 GLN A N   1 
ATOM   769  C CA  . GLN A 1 106 ? 11.80043  -5.66414  3.70900   1.000 20.74000 ? 106 GLN A CA  1 
ATOM   770  C C   . GLN A 1 106 ? 10.64983  -5.96033  2.75227   1.000 19.69000 ? 106 GLN A C   1 
ATOM   771  O O   . GLN A 1 106 ? 10.92879  -6.28446  1.60011   1.000 21.15000 ? 106 GLN A O   1 
ATOM   772  C CB  . GLN A 1 106 ? 12.23993  -6.88878  4.55474   1.000 20.11000 ? 106 GLN A CB  1 
ATOM   773  C CG  . GLN A 1 106 ? 12.49448  -8.13045  3.74652   1.000 22.48000 ? 106 GLN A CG  1 
ATOM   774  C CD  . GLN A 1 106 ? 13.62524  -8.05663  2.75803   1.000 23.88000 ? 106 GLN A CD  1 
ATOM   775  O OE1 . GLN A 1 106 ? 14.46085  -7.17480  2.80341   1.000 25.36000 ? 106 GLN A OE1 1 
ATOM   776  N NE2 . GLN A 1 106 ? 13.62614  -9.01531  1.82971   1.000 25.68000 ? 106 GLN A NE2 1 
ATOM   777  N N   . SER A 1 107 ? 9.40874   -5.89400  3.21932   1.000 19.36000 ? 107 SER A N   1 
ATOM   778  C CA  . SER A 1 107 ? 8.22172   -6.13862  2.34848   1.000 19.13000 ? 107 SER A CA  1 
ATOM   779  C C   . SER A 1 107 ? 8.28104   -5.14323  1.18375   1.000 19.01000 ? 107 SER A C   1 
ATOM   780  O O   . SER A 1 107 ? 8.09314   -5.57325  0.01436   1.000 19.65000 ? 107 SER A O   1 
ATOM   781  C CB  . SER A 1 107 ? 6.95245   -6.00509  3.11410   1.000 21.90000 ? 107 SER A CB  1 
ATOM   782  O OG  . SER A 1 107 ? 6.80496   -7.04908  4.12091   1.000 27.77000 ? 107 SER A OG  1 
ATOM   783  N N   . ASP A 1 108 ? 8.53863   -3.89749  1.49754   1.000 20.16000 ? 108 ASP A N   1 
ATOM   784  C CA  . ASP A 1 108 ? 8.63785   -2.85598  0.43841   1.000 20.92000 ? 108 ASP A CA  1 
ATOM   785  C C   . ASP A 1 108 ? 9.82493   -3.15656  -0.45724  1.000 20.70000 ? 108 ASP A C   1 
ATOM   786  O O   . ASP A 1 108 ? 9.74691   -2.96144  -1.71715  1.000 20.92000 ? 108 ASP A O   1 
ATOM   787  C CB  . ASP A 1 108 ? 8.69957   -1.46588  1.02353   1.000 18.89000 ? 108 ASP A CB  1 
ATOM   788  C CG  . ASP A 1 108 ? 7.35522   -0.85473  1.30834   1.000 25.00000 ? 108 ASP A CG  1 
ATOM   789  O OD1 . ASP A 1 108 ? 6.32936   -1.52216  1.05977   1.000 26.30000 ? 108 ASP A OD1 1 
ATOM   790  O OD2 . ASP A 1 108 ? 7.39503   0.22393   1.93121   1.000 31.30000 ? 108 ASP A OD2 1 
ATOM   791  N N   . ALA A 1 109 ? 10.95281  -3.57661  0.07192   1.000 21.08000 ? 109 ALA A N   1 
ATOM   792  C CA  . ALA A 1 109 ? 12.12112  -3.80867  -0.79582  1.000 22.40000 ? 109 ALA A CA  1 
ATOM   793  C C   . ALA A 1 109 ? 11.80105  -4.89492  -1.79904  1.000 19.52000 ? 109 ALA A C   1 
ATOM   794  O O   . ALA A 1 109 ? 12.20082  -4.75968  -2.96864  1.000 23.99000 ? 109 ALA A O   1 
ATOM   795  C CB  . ALA A 1 109 ? 13.30447  -4.19362  0.07035   1.000 22.84000 ? 109 ALA A CB  1 
ATOM   796  N N   . VAL A 1 110 ? 11.15360  -5.97843  -1.36899  1.000 20.24000 ? 110 VAL A N   1 
ATOM   797  C CA  . VAL A 1 110 ? 10.74335  -7.13507  -2.20515  1.000 20.81000 ? 110 VAL A CA  1 
ATOM   798  C C   . VAL A 1 110 ? 9.83680   -6.59204  -3.31275  1.000 20.46000 ? 110 VAL A C   1 
ATOM   799  O O   . VAL A 1 110 ? 10.03487  -6.88982  -4.49093  1.000 21.60000 ? 110 VAL A O   1 
ATOM   800  C CB  . VAL A 1 110 ? 10.07264  -8.26013  -1.39602  1.000 22.86000 ? 110 VAL A CB  1 
ATOM   801  C CG1 . VAL A 1 110 ? 9.37755   -9.28193  -2.30547  1.000 25.41000 ? 110 VAL A CG1 1 
ATOM   802  C CG2 . VAL A 1 110 ? 11.13766  -8.93005  -0.55630  1.000 25.85000 ? 110 VAL A CG2 1 
ATOM   803  N N   . LEU A 1 111 ? 8.87028   -5.78651  -2.92293  1.000 19.57000 ? 111 LEU A N   1 
ATOM   804  C CA  . LEU A 1 111 ? 7.89696   -5.22485  -3.88488  1.000 17.74000 ? 111 LEU A CA  1 
ATOM   805  C C   . LEU A 1 111 ? 8.62564   -4.36314  -4.92575  1.000 18.91000 ? 111 LEU A C   1 
ATOM   806  O O   . LEU A 1 111 ? 8.33900   -4.50487  -6.16494  1.000 19.72000 ? 111 LEU A O   1 
ATOM   807  C CB  . LEU A 1 111 ? 6.89929   -4.38672  -3.08217  1.000 18.75000 ? 111 LEU A CB  1 
ATOM   808  C CG  . LEU A 1 111 ? 5.90651   -3.53422  -3.88501  1.000 20.43000 ? 111 LEU A CG  1 
ATOM   809  C CD1 . LEU A 1 111 ? 4.96312   -4.38126  -4.72210  1.000 21.61000 ? 111 LEU A CD1 1 
ATOM   810  C CD2 . LEU A 1 111 ? 5.13028   -2.67229  -2.91249  1.000 20.11000 ? 111 LEU A CD2 1 
ATOM   811  N N   . HIS A 1 112 ? 9.44319   -3.44846  -4.46899  1.000 18.57000 ? 112 HIS A N   1 
ATOM   812  C CA  . HIS A 1 112 ? 10.07949  -2.44724  -5.39113  1.000 19.58000 ? 112 HIS A CA  1 
ATOM   813  C C   . HIS A 1 112 ? 11.03447  -3.20006  -6.32583  1.000 18.97000 ? 112 HIS A C   1 
ATOM   814  O O   . HIS A 1 112 ? 11.13506  -2.84249  -7.52780  1.000 20.82000 ? 112 HIS A O   1 
ATOM   815  C CB  . HIS A 1 112 ? 10.74105  -1.31460  -4.64067  1.000 19.83000 ? 112 HIS A CB  1 
ATOM   816  C CG  . HIS A 1 112 ? 9.75921   -0.54537  -3.80727  1.000 20.12000 ? 112 HIS A CG  1 
ATOM   817  N ND1 . HIS A 1 112 ? 10.11440  0.09146   -2.63716  1.000 21.86000 ? 112 HIS A ND1 1 
ATOM   818  C CD2 . HIS A 1 112 ? 8.42184   -0.34834  -3.95737  1.000 21.60000 ? 112 HIS A CD2 1 
ATOM   819  C CE1 . HIS A 1 112 ? 9.05298   0.66683   -2.14223  1.000 21.61000 ? 112 HIS A CE1 1 
ATOM   820  N NE2 . HIS A 1 112 ? 8.01062   0.41142   -2.87674  1.000 20.19000 ? 112 HIS A NE2 1 
ATOM   821  N N   . GLU A 1 113 ? 11.79668  -4.13783  -5.78490  1.000 19.54000 ? 113 GLU A N   1 
ATOM   822  C CA  . GLU A 1 113 ? 12.73944  -4.90673  -6.64874  1.000 21.91000 ? 113 GLU A CA  1 
ATOM   823  C C   . GLU A 1 113 ? 11.94558  -5.63212  -7.72034  1.000 21.50000 ? 113 GLU A C   1 
ATOM   824  O O   . GLU A 1 113 ? 12.31961  -5.60827  -8.91501  1.000 22.97000 ? 113 GLU A O   1 
ATOM   825  C CB  . GLU A 1 113 ? 13.56943  -5.89658  -5.82861  1.000 24.19000 ? 113 GLU A CB  1 
ATOM   826  C CG  . GLU A 1 113 ? 14.37090  -6.85324  -6.70947  1.000 27.92000 ? 113 GLU A CG  1 
ATOM   827  C CD  . GLU A 1 113 ? 15.07878  -8.00966  -5.99354  1.000 37.56000 ? 113 GLU A CD  1 
ATOM   828  O OE1 . GLU A 1 113 ? 14.67634  -8.39560  -4.87431  1.000 38.88000 ? 113 GLU A OE1 1 
ATOM   829  O OE2 . GLU A 1 113 ? 15.96639  -8.61412  -6.62599  1.000 43.50000 ? 113 GLU A OE2 1 
ATOM   830  N N   . TYR A 1 114 ? 10.85145  -6.29351  -7.34329  1.000 19.39000 ? 114 TYR A N   1 
ATOM   831  C CA  . TYR A 1 114 ? 10.00363  -7.06395  -8.27508  1.000 20.26000 ? 114 TYR A CA  1 
ATOM   832  C C   . TYR A 1 114 ? 9.38712   -6.15746  -9.34680  1.000 20.35000 ? 114 TYR A C   1 
ATOM   833  O O   . TYR A 1 114 ? 9.47054   -6.39934  -10.55968 1.000 20.98000 ? 114 TYR A O   1 
ATOM   834  C CB  . TYR A 1 114 ? 8.91249   -7.84721  -7.55140  1.000 21.31000 ? 114 TYR A CB  1 
ATOM   835  C CG  . TYR A 1 114 ? 8.04116   -8.52234  -8.55372  1.000 22.30000 ? 114 TYR A CG  1 
ATOM   836  C CD1 . TYR A 1 114 ? 8.50387   -9.59401  -9.31061  1.000 24.96000 ? 114 TYR A CD1 1 
ATOM   837  C CD2 . TYR A 1 114 ? 6.84865   -7.93531  -8.94802  1.000 20.54000 ? 114 TYR A CD2 1 
ATOM   838  C CE1 . TYR A 1 114 ? 7.74060   -10.16665 -10.31752 1.000 26.25000 ? 114 TYR A CE1 1 
ATOM   839  C CE2 . TYR A 1 114 ? 6.12475   -8.45504  -9.98347  1.000 22.22000 ? 114 TYR A CE2 1 
ATOM   840  C CZ  . TYR A 1 114 ? 6.55617   -9.56093  -10.69427 1.000 26.69000 ? 114 TYR A CZ  1 
ATOM   841  O OH  . TYR A 1 114 ? 5.76520   -10.02863 -11.70378 1.000 27.84000 ? 114 TYR A OH  1 
ATOM   842  N N   . ILE A 1 115 ? 8.75992   -5.07399  -8.93870  1.000 19.33000 ? 115 ILE A N   1 
ATOM   843  C CA  . ILE A 1 115 ? 8.16431   -4.16113  -9.95255  1.000 18.60000 ? 115 ILE A CA  1 
ATOM   844  C C   . ILE A 1 115 ? 9.24706   -3.60079  -10.87580 1.000 18.47000 ? 115 ILE A C   1 
ATOM   845  O O   . ILE A 1 115 ? 9.01881   -3.49976  -12.09041 1.000 20.41000 ? 115 ILE A O   1 
ATOM   846  C CB  . ILE A 1 115 ? 7.31556   -3.05142  -9.28409  1.000 17.57000 ? 115 ILE A CB  1 
ATOM   847  C CG1 . ILE A 1 115 ? 6.10688   -3.62543  -8.54927  1.000 20.54000 ? 115 ILE A CG1 1 
ATOM   848  C CG2 . ILE A 1 115 ? 6.90617   -1.96690  -10.27381 1.000 19.48000 ? 115 ILE A CG2 1 
ATOM   849  C CD1 . ILE A 1 115 ? 5.02306   -4.19801  -9.35654  1.000 20.16000 ? 115 ILE A CD1 1 
ATOM   850  N N   . GLY A 1 116 ? 10.41921  -3.24990  -10.36325 1.000 20.09000 ? 116 GLY A N   1 
ATOM   851  C CA  . GLY A 1 116 ? 11.48279  -2.73405  -11.23956 1.000 21.47000 ? 116 GLY A CA  1 
ATOM   852  C C   . GLY A 1 116 ? 11.91142  -3.79355  -12.23005 1.000 22.63000 ? 116 GLY A C   1 
ATOM   853  O O   . GLY A 1 116 ? 12.08647  -3.45658  -13.41656 1.000 23.20000 ? 116 GLY A O   1 
ATOM   854  N N   . LYS A 1 117 ? 12.03393  -5.04180  -11.81783 1.000 22.74000 ? 117 LYS A N   1 
ATOM   855  C CA  . LYS A 1 117 ? 12.43447  -6.08018  -12.80688 1.000 23.28000 ? 117 LYS A CA  1 
ATOM   856  C C   . LYS A 1 117 ? 11.29337  -6.33743  -13.80066 1.000 23.30000 ? 117 LYS A C   1 
ATOM   857  O O   . LYS A 1 117 ? 11.53849  -6.36296  -15.04854 1.000 25.57000 ? 117 LYS A O   1 
ATOM   858  C CB  . LYS A 1 117 ? 12.86326  -7.34726  -12.08102 1.000 27.67000 ? 117 LYS A CB  1 
ATOM   859  C CG  . LYS A 1 117 ? 14.24030  -7.26323  -11.44424 1.000 34.21000 ? 117 LYS A CG  1 
ATOM   860  C CD  . LYS A 1 117 ? 14.46003  -8.33763  -10.39578 1.000 38.59000 ? 117 LYS A CD  1 
ATOM   861  C CE  . LYS A 1 117 ? 15.89171  -8.40364  -9.90770  1.000 41.90000 ? 117 LYS A CE  1 
ATOM   862  N NZ  . LYS A 1 117 ? 16.65973  -7.20973  -10.33961 1.000 46.51000 ? 117 LYS A NZ  1 
ATOM   863  N N   . LEU A 1 118 ? 10.01652  -6.32907  -13.41439 1.000 20.64000 ? 118 LEU A N   1 
ATOM   864  C CA  . LEU A 1 118 ? 8.89421   -6.49546  -14.34479 1.000 20.89000 ? 118 LEU A CA  1 
ATOM   865  C C   . LEU A 1 118 ? 8.86317   -5.35302  -15.36264 1.000 23.45000 ? 118 LEU A C   1 
ATOM   866  O O   . LEU A 1 118 ? 8.62045   -5.62347  -16.53986 1.000 22.41000 ? 118 LEU A O   1 
ATOM   867  C CB  . LEU A 1 118 ? 7.57620   -6.57615  -13.56701 1.000 22.80000 ? 118 LEU A CB  1 
ATOM   868  C CG  . LEU A 1 118 ? 6.31685   -6.73426  -14.40888 1.000 21.97000 ? 118 LEU A CG  1 
ATOM   869  C CD1 . LEU A 1 118 ? 6.31879   -8.00674  -15.22787 1.000 24.57000 ? 118 LEU A CD1 1 
ATOM   870  C CD2 . LEU A 1 118 ? 5.08302   -6.65859  -13.54919 1.000 23.78000 ? 118 LEU A CD2 1 
ATOM   871  N N   . MET A 1 119 ? 9.10448   -4.12469  -14.92538 1.000 21.60000 ? 119 MET A N   1 
ATOM   872  C CA  . MET A 1 119 ? 8.95777   -2.95730  -15.81091 1.000 22.17000 ? 119 MET A CA  1 
ATOM   873  C C   . MET A 1 119 ? 10.14789  -2.79881  -16.75521 1.000 21.90000 ? 119 MET A C   1 
ATOM   874  O O   . MET A 1 119 ? 10.00304  -2.07891  -17.73321 1.000 22.61000 ? 119 MET A O   1 
ATOM   875  C CB  . MET A 1 119 ? 8.77573   -1.70367  -14.97817 1.000 20.98000 ? 119 MET A CB  1 
ATOM   876  C CG  . MET A 1 119 ? 7.45081   -1.72215  -14.22367 1.000 24.11000 ? 119 MET A CG  1 
ATOM   877  S SD  . MET A 1 119 ? 5.97218   -1.68080  -15.26807 1.000 24.26000 ? 119 MET A SD  1 
ATOM   878  C CE  . MET A 1 119 ? 4.68494   -2.29916  -14.16886 1.000 24.10000 ? 119 MET A CE  1 
ATOM   879  N N   . THR A 1 120 ? 11.23768  -3.51751  -16.50840 1.000 23.32000 ? 120 THR A N   1 
ATOM   880  C CA  . THR A 1 120 ? 12.45143  -3.45265  -17.36960 1.000 24.41000 ? 120 THR A CA  1 
ATOM   881  C C   . THR A 1 120 ? 12.04827  -3.88695  -18.77655 1.000 23.58000 ? 120 THR A C   1 
ATOM   882  O O   . THR A 1 120 ? 11.39203  -4.93360  -18.95037 1.000 25.54000 ? 120 THR A O   1 
ATOM   883  C CB  . THR A 1 120 ? 13.58937  -4.29842  -16.77717 1.000 25.76000 ? 120 THR A CB  1 
ATOM   884  O OG1 . THR A 1 120 ? 13.96034  -3.69821  -15.54105 1.000 28.80000 ? 120 THR A OG1 1 
ATOM   885  C CG2 . THR A 1 120 ? 14.80136  -4.33150  -17.69231 1.000 29.75000 ? 120 THR A CG2 1 
ATOM   886  N N   . ASN A 1 121 ? 12.37465  -3.03321  -19.72922 1.000 25.96000 ? 121 ASN A N   1 
ATOM   887  C CA  . ASN A 1 121 ? 12.13886  -3.26746  -21.17232 1.000 26.15000 ? 121 ASN A CA  1 
ATOM   888  C C   . ASN A 1 121 ? 10.63322  -3.23280  -21.49193 1.000 28.59000 ? 121 ASN A C   1 
ATOM   889  O O   . ASN A 1 121 ? 10.26317  -3.54808  -22.60977 1.000 29.19000 ? 121 ASN A O   1 
ATOM   890  C CB  . ASN A 1 121 ? 12.72383  -4.61944  -21.60747 1.000 27.96000 ? 121 ASN A CB  1 
ATOM   891  C CG  . ASN A 1 121 ? 14.22553  -4.74809  -21.46467 1.000 33.47000 ? 121 ASN A CG  1 
ATOM   892  O OD1 . ASN A 1 121 ? 14.71501  -5.82221  -21.09873 1.000 38.84000 ? 121 ASN A OD1 1 
ATOM   893  N ND2 . ASN A 1 121 ? 14.95029  -3.67745  -21.70993 1.000 37.83000 ? 121 ASN A ND2 1 
ATOM   894  N N   . LYS A 1 122 ? 9.75176   -2.82729  -20.57103 1.000 23.07000 ? 122 LYS A N   1 
ATOM   895  C CA  . LYS A 1 122 ? 8.31483   -2.66815  -20.88864 1.000 21.47000 ? 122 LYS A CA  1 
ATOM   896  C C   . LYS A 1 122 ? 7.89591   -1.19509  -20.81100 1.000 22.48000 ? 122 LYS A C   1 
ATOM   897  O O   . LYS A 1 122 ? 6.91931   -0.83544  -21.48592 1.000 24.93000 ? 122 LYS A O   1 
ATOM   898  C CB  . LYS A 1 122 ? 7.45340   -3.52144  -19.95790 1.000 20.59000 ? 122 LYS A CB  1 
ATOM   899  C CG  . LYS A 1 122 ? 7.76136   -5.01181  -19.98195 1.000 22.07000 ? 122 LYS A CG  1 
ATOM   900  C CD  . LYS A 1 122 ? 6.78478   -5.79007  -19.19045 1.000 23.02000 ? 122 LYS A CD  1 
ATOM   901  C CE  . LYS A 1 122 ? 7.07153   -7.26653  -19.15706 1.000 27.05000 ? 122 LYS A CE  1 
ATOM   902  N NZ  . LYS A 1 122 ? 8.42000   -7.56449  -18.63362 1.000 28.37000 ? 122 LYS A NZ  1 
ATOM   903  N N   . VAL A 1 123 ? 8.50640   -0.39748  -19.95855 1.000 22.27000 ? 123 VAL A N   1 
ATOM   904  C CA  . VAL A 1 123 ? 8.22235   1.06204   -19.87714 1.000 22.55000 ? 123 VAL A CA  1 
ATOM   905  C C   . VAL A 1 123 ? 9.60838   1.68378   -19.98934 1.000 25.96000 ? 123 VAL A C   1 
ATOM   906  O O   . VAL A 1 123 ? 10.60221  1.06280   -19.49134 1.000 29.39000 ? 123 VAL A O   1 
ATOM   907  C CB  . VAL A 1 123 ? 7.49198   1.49230   -18.58450 1.000 26.73000 ? 123 VAL A CB  1 
ATOM   908  C CG1 . VAL A 1 123 ? 6.11112   0.87735   -18.49591 1.000 26.41000 ? 123 VAL A CG1 1 
ATOM   909  C CG2 . VAL A 1 123 ? 8.30532   1.14135   -17.37857 1.000 26.54000 ? 123 VAL A CG2 1 
ATOM   910  N N   . ASP A 1 124 ? 9.69795   2.86152   -20.58242 1.000 27.02000 ? 124 ASP A N   1 
ATOM   911  C CA  . ASP A 1 124 ? 11.02673  3.50039   -20.67719 1.000 28.01000 ? 124 ASP A CA  1 
ATOM   912  C C   . ASP A 1 124 ? 11.21043  4.54685   -19.58361 1.000 25.61000 ? 124 ASP A C   1 
ATOM   913  O O   . ASP A 1 124 ? 10.28736  4.83075   -18.77220 1.000 24.53000 ? 124 ASP A O   1 
ATOM   914  C CB  . ASP A 1 124 ? 11.28150  4.04148   -22.07175 1.000 32.50000 ? 124 ASP A CB  1 
ATOM   915  C CG  . ASP A 1 124 ? 10.30835  5.08042   -22.55087 1.000 35.13000 ? 124 ASP A CG  1 
ATOM   916  O OD1 . ASP A 1 124 ? 9.80593   5.83692   -21.72001 1.000 32.55000 ? 124 ASP A OD1 1 
ATOM   917  O OD2 . ASP A 1 124 ? 10.05919  5.12263   -23.79762 1.000 41.18000 ? 124 ASP A OD2 1 
ATOM   918  N N   . ASP A 1 125 ? 12.43825  4.98990   -19.46128 1.000 26.70000 ? 125 ASP A N   1 
ATOM   919  C CA  . ASP A 1 125 ? 12.82810  5.96453   -18.41857 1.000 28.11000 ? 125 ASP A CA  1 
ATOM   920  C C   . ASP A 1 125 ? 11.92546  7.17881   -18.51113 1.000 25.88000 ? 125 ASP A C   1 
ATOM   921  O O   . ASP A 1 125 ? 11.48058  7.72347   -17.43473 1.000 26.56000 ? 125 ASP A O   1 
ATOM   922  C CB  . ASP A 1 125 ? 14.28796  6.37777   -18.61315 1.000 28.94000 ? 125 ASP A CB  1 
ATOM   923  C CG  . ASP A 1 125 ? 15.23595  5.23686   -18.31625 1.000 38.59000 ? 125 ASP A CG  1 
ATOM   924  O OD1 . ASP A 1 125 ? 14.82166  4.29042   -17.61330 1.000 39.87000 ? 125 ASP A OD1 1 
ATOM   925  O OD2 . ASP A 1 125 ? 16.36359  5.28263   -18.84138 1.000 40.01000 ? 125 ASP A OD2 1 
ATOM   926  N N   . GLN A 1 126 ? 11.66914  7.68588   -19.70862 1.000 26.36000 ? 126 GLN A N   1 
ATOM   927  C CA  . GLN A 1 126 ? 10.81713  8.86380   -19.92825 1.000 24.95000 ? 126 GLN A CA  1 
ATOM   928  C C   . GLN A 1 126 ? 9.45097   8.62996   -19.25572 1.000 23.80000 ? 126 GLN A C   1 
ATOM   929  O O   . GLN A 1 126 ? 8.92634   9.51970   -18.60443 1.000 23.58000 ? 126 GLN A O   1 
ATOM   930  C CB  . GLN A 1 126 ? 10.65344  9.18303   -21.41194 1.000 32.69000 ? 126 GLN A CB  1 
ATOM   931  C CG  . GLN A 1 126 ? 11.04308  10.61809  -21.73311 1.000 36.83000 ? 126 GLN A CG  1 
ATOM   932  C CD  . GLN A 1 126 ? 10.63698  11.09576  -23.10870 1.000 31.12000 ? 126 GLN A CD  1 
ATOM   933  O OE1 . GLN A 1 126 ? 11.48941  10.94353  -24.00423 1.000 31.15000 ? 126 GLN A OE1 1 
ATOM   934  N NE2 . GLN A 1 126 ? 9.41428   11.66529  -23.22452 1.000 26.24000 ? 126 GLN A NE2 1 
ATOM   935  N N   . GLU A 1 127 ? 8.86868   7.44832   -19.41401 1.000 21.66000 ? 127 GLU A N   1 
ATOM   936  C CA  . GLU A 1 127 ? 7.51988   7.15260   -18.89182 1.000 21.07000 ? 127 GLU A CA  1 
ATOM   937  C C   . GLU A 1 127 ? 7.57164   7.11191   -17.35208 1.000 18.96000 ? 127 GLU A C   1 
ATOM   938  O O   . GLU A 1 127 ? 6.62554   7.62821   -16.71112 1.000 18.90000 ? 127 GLU A O   1 
ATOM   939  C CB  . GLU A 1 127 ? 6.99831   5.80593   -19.40359 1.000 21.68000 ? 127 GLU A CB  1 
ATOM   940  C CG  . GLU A 1 127 ? 6.56120   5.82680   -20.85761 1.000 24.29000 ? 127 GLU A CG  1 
ATOM   941  C CD  . GLU A 1 127 ? 6.24150   4.42131   -21.40564 1.000 23.85000 ? 127 GLU A CD  1 
ATOM   942  O OE1 . GLU A 1 127 ? 7.14960   3.58577   -21.41224 1.000 27.34000 ? 127 GLU A OE1 1 
ATOM   943  O OE2 . GLU A 1 127 ? 5.20635   4.31914   -22.03253 1.000 30.11000 ? 127 GLU A OE2 1 
ATOM   944  N N   . ILE A 1 128 ? 8.60555   6.52467   -16.79215 1.000 18.73000 ? 128 ILE A N   1 
ATOM   945  C CA  . ILE A 1 128 ? 8.74414   6.47382   -15.31931 1.000 18.66000 ? 128 ILE A CA  1 
ATOM   946  C C   . ILE A 1 128 ? 8.85460   7.89128   -14.75443 1.000 19.84000 ? 128 ILE A C   1 
ATOM   947  O O   . ILE A 1 128 ? 8.16355   8.26048   -13.83228 1.000 18.60000 ? 128 ILE A O   1 
ATOM   948  C CB  . ILE A 1 128 ? 9.91535   5.57273   -14.93222 1.000 19.94000 ? 128 ILE A CB  1 
ATOM   949  C CG1 . ILE A 1 128 ? 9.66778   4.13271   -15.35988 1.000 21.17000 ? 128 ILE A CG1 1 
ATOM   950  C CG2 . ILE A 1 128 ? 10.18441  5.72617   -13.44279 1.000 22.68000 ? 128 ILE A CG2 1 
ATOM   951  C CD1 . ILE A 1 128 ? 10.94528  3.29054   -15.34256 1.000 22.25000 ? 128 ILE A CD1 1 
ATOM   952  N N   . GLU A 1 129 ? 9.72012   8.69885   -15.35620 1.000 20.02000 ? 129 GLU A N   1 
ATOM   953  C CA  . GLU A 1 129 ? 9.94481   10.07280  -14.84706 1.000 20.37000 ? 129 GLU A CA  1 
ATOM   954  C C   . GLU A 1 129 ? 8.64110   10.87994  -15.00307 1.000 16.80000 ? 129 GLU A C   1 
ATOM   955  O O   . GLU A 1 129 ? 8.34632   11.68701  -14.13104 1.000 18.78000 ? 129 GLU A O   1 
ATOM   956  C CB  . GLU A 1 129 ? 11.04685  10.78032  -15.63243 1.000 19.73000 ? 129 GLU A CB  1 
ATOM   957  C CG  . GLU A 1 129 ? 12.41111  10.18953  -15.38372 1.000 23.77000 ? 129 GLU A CG  1 
ATOM   958  C CD  . GLU A 1 129 ? 12.98642  10.35267  -13.98586 1.000 23.40000 ? 129 GLU A CD  1 
ATOM   959  O OE1 . GLU A 1 129 ? 12.42944  11.11861  -13.13602 1.000 24.98000 ? 129 GLU A OE1 1 
ATOM   960  O OE2 . GLU A 1 129 ? 14.03901  9.68453   -13.73355 1.000 29.51000 ? 129 GLU A OE2 1 
ATOM   961  N N   . GLN A 1 130 ? 7.88996   10.71643  -16.10187 1.000 17.51000 ? 130 GLN A N   1 
ATOM   962  C CA  . GLN A 1 130 ? 6.62019   11.42947  -16.27355 1.000 18.20000 ? 130 GLN A CA  1 
ATOM   963  C C   . GLN A 1 130 ? 5.64085   11.00350  -15.19768 1.000 19.08000 ? 130 GLN A C   1 
ATOM   964  O O   . GLN A 1 130 ? 4.92675   11.84747  -14.61715 1.000 18.34000 ? 130 GLN A O   1 
ATOM   965  C CB  . GLN A 1 130 ? 5.97649   11.24701  -17.64809 1.000 20.65000 ? 130 GLN A CB  1 
ATOM   966  C CG  . GLN A 1 130 ? 6.57353   12.07911  -18.75399 1.000 27.64000 ? 130 GLN A CG  1 
ATOM   967  C CD  . GLN A 1 130 ? 5.74180   11.89139  -20.00917 1.000 30.59000 ? 130 GLN A CD  1 
ATOM   968  O OE1 . GLN A 1 130 ? 5.91244   10.91109  -20.72699 1.000 37.52000 ? 130 GLN A OE1 1 
ATOM   969  N NE2 . GLN A 1 130 ? 4.88578   12.85641  -20.30382 1.000 30.29000 ? 130 GLN A NE2 1 
ATOM   970  N N   . PHE A 1 131 ? 5.57932   9.70135   -14.93565 1.000 17.45000 ? 131 PHE A N   1 
ATOM   971  C CA  . PHE A 1 131 ? 4.65887   9.16259   -13.90509 1.000 17.27000 ? 131 PHE A CA  1 
ATOM   972  C C   . PHE A 1 131 ? 4.92261   9.82882   -12.53877 1.000 16.91000 ? 131 PHE A C   1 
ATOM   973  O O   . PHE A 1 131 ? 3.96419   10.17167  -11.84703 1.000 17.90000 ? 131 PHE A O   1 
ATOM   974  C CB  . PHE A 1 131 ? 4.79787   7.64047   -13.84994 1.000 16.81000 ? 131 PHE A CB  1 
ATOM   975  C CG  . PHE A 1 131 ? 3.86869   6.89374   -12.90749 1.000 17.72000 ? 131 PHE A CG  1 
ATOM   976  C CD1 . PHE A 1 131 ? 4.10415   6.87524   -11.53860 1.000 16.26000 ? 131 PHE A CD1 1 
ATOM   977  C CD2 . PHE A 1 131 ? 2.74094   6.25301   -13.40223 1.000 18.08000 ? 131 PHE A CD2 1 
ATOM   978  C CE1 . PHE A 1 131 ? 3.22543   6.21310   -10.69347 1.000 16.72000 ? 131 PHE A CE1 1 
ATOM   979  C CE2 . PHE A 1 131 ? 1.88013   5.56962   -12.55826 1.000 18.68000 ? 131 PHE A CE2 1 
ATOM   980  C CZ  . PHE A 1 131 ? 2.13848   5.55381   -11.20482 1.000 20.94000 ? 131 PHE A CZ  1 
ATOM   981  N N   . LEU A 1 132 ? 6.19288   10.04802  -12.17601 1.000 17.38000 ? 132 LEU A N   1 
ATOM   982  C CA  . LEU A 1 132 ? 6.53505   10.67732  -10.88027 1.000 16.87000 ? 132 LEU A CA  1 
ATOM   983  C C   . LEU A 1 132 ? 5.92616   12.07271  -10.82663 1.000 16.75000 ? 132 LEU A C   1 
ATOM   984  O O   . LEU A 1 132 ? 5.33416   12.42121  -9.87158  1.000 18.19000 ? 132 LEU A O   1 
ATOM   985  C CB  . LEU A 1 132 ? 8.03692   10.70521  -10.65661 1.000 17.35000 ? 132 LEU A CB  1 
ATOM   986  C CG  . LEU A 1 132 ? 8.72359   9.34371   -10.63241 1.000 18.05000 ? 132 LEU A CG  1 
ATOM   987  C CD1 . LEU A 1 132 ? 10.20111  9.54168   -10.43854 1.000 22.18000 ? 132 LEU A CD1 1 
ATOM   988  C CD2 . LEU A 1 132 ? 8.15601   8.45887   -9.51400  1.000 20.11000 ? 132 LEU A CD2 1 
ATOM   989  N N   . VAL A 1 133 ? 6.05072   12.85281  -11.91414 1.000 16.90000 ? 133 VAL A N   1 
ATOM   990  C CA  . VAL A 1 133 ? 5.52977   14.24378  -11.85383 1.000 17.26000 ? 133 VAL A CA  1 
ATOM   991  C C   . VAL A 1 133 ? 4.00667   14.17765  -11.79690 1.000 18.84000 ? 133 VAL A C   1 
ATOM   992  O O   . VAL A 1 133 ? 3.39593   14.88136  -10.96946 1.000 18.88000 ? 133 VAL A O   1 
ATOM   993  C CB  . VAL A 1 133 ? 6.02931   15.00514  -13.08831 1.000 15.73000 ? 133 VAL A CB  1 
ATOM   994  C CG1 . VAL A 1 133 ? 5.33652   16.35718  -13.17719 1.000 19.72000 ? 133 VAL A CG1 1 
ATOM   995  C CG2 . VAL A 1 133 ? 7.53503   15.07842  -13.08028 1.000 18.20000 ? 133 VAL A CG2 1 
ATOM   996  N N   . THR A 1 134 ? 3.35051   13.37830  -12.64128 1.000 18.13000 ? 134 THR A N   1 
ATOM   997  C CA  . THR A 1 134 ? 1.88440   13.24792  -12.70636 1.000 17.84000 ? 134 THR A CA  1 
ATOM   998  C C   . THR A 1 134 ? 1.35773   12.83299  -11.31664 1.000 16.88000 ? 134 THR A C   1 
ATOM   999  O O   . THR A 1 134 ? 0.41009   13.41992  -10.81661 1.000 17.84000 ? 134 THR A O   1 
ATOM   1000 C CB  . THR A 1 134 ? 1.52680   12.15812  -13.72783 1.000 18.75000 ? 134 THR A CB  1 
ATOM   1001 O OG1 . THR A 1 134 ? 2.05171   12.58989  -14.99224 1.000 24.47000 ? 134 THR A OG1 1 
ATOM   1002 C CG2 . THR A 1 134 ? 0.03409   11.90948  -13.73650 1.000 22.83000 ? 134 THR A CG2 1 
ATOM   1003 N N   . PHE A 1 135 ? 1.98198   11.83180  -10.71153 1.000 17.10000 ? 135 PHE A N   1 
ATOM   1004 C CA  . PHE A 1 135 ? 1.47153   11.26401  -9.44059  1.000 17.34000 ? 135 PHE A CA  1 
ATOM   1005 C C   . PHE A 1 135 ? 1.74221   12.20015  -8.25800  1.000 17.57000 ? 135 PHE A C   1 
ATOM   1006 O O   . PHE A 1 135 ? 0.93164   12.21584  -7.32227  1.000 18.33000 ? 135 PHE A O   1 
ATOM   1007 C CB  . PHE A 1 135 ? 1.97368   9.83022   -9.25630  1.000 17.50000 ? 135 PHE A CB  1 
ATOM   1008 C CG  . PHE A 1 135 ? 0.89564   8.89687   -9.74850  1.000 16.05000 ? 135 PHE A CG  1 
ATOM   1009 C CD1 . PHE A 1 135 ? 0.58451   8.81076   -11.09182 1.000 17.17000 ? 135 PHE A CD1 1 
ATOM   1010 C CD2 . PHE A 1 135 ? 0.13597   8.14983   -8.85786  1.000 17.78000 ? 135 PHE A CD2 1 
ATOM   1011 C CE1 . PHE A 1 135 ? -0.48806  8.06288   -11.52598 1.000 18.01000 ? 135 PHE A CE1 1 
ATOM   1012 C CE2 . PHE A 1 135 ? -0.94424  7.40676   -9.30387  1.000 18.07000 ? 135 PHE A CE2 1 
ATOM   1013 C CZ  . PHE A 1 135 ? -1.27620  7.38413   -10.63999 1.000 17.52000 ? 135 PHE A CZ  1 
ATOM   1014 N N   . ARG A 1 136 ? 2.87162   12.91937  -8.26494  1.000 17.70000 ? 136 ARG A N   1 
ATOM   1015 C CA  . ARG A 1 136 ? 3.03885   13.93691  -7.18454  1.000 17.58000 ? 136 ARG A CA  1 
ATOM   1016 C C   . ARG A 1 136 ? 1.90001   14.94310  -7.28717  1.000 18.96000 ? 136 ARG A C   1 
ATOM   1017 O O   . ARG A 1 136 ? 1.36375   15.37038  -6.23553  1.000 19.98000 ? 136 ARG A O   1 
ATOM   1018 C CB  . ARG A 1 136 ? 4.39887   14.59602  -7.17313  1.000 18.51000 ? 136 ARG A CB  1 
ATOM   1019 C CG  . ARG A 1 136 ? 5.53475   13.65177  -6.80693  1.000 19.67000 ? 136 ARG A CG  1 
ATOM   1020 C CD  . ARG A 1 136 ? 6.74375   14.46161  -6.40670  1.000 24.49000 ? 136 ARG A CD  1 
ATOM   1021 N NE  . ARG A 1 136 ? 7.32358   15.02194  -7.59597  1.000 24.64000 ? 136 ARG A NE  1 
ATOM   1022 C CZ  . ARG A 1 136 ? 8.32231   14.51528  -8.31122  1.000 24.94000 ? 136 ARG A CZ  1 
ATOM   1023 N NH1 . ARG A 1 136 ? 8.88618   13.38857  -8.01311  1.000 23.71000 ? 136 ARG A NH1 1 
ATOM   1024 N NH2 . ARG A 1 136 ? 8.78599   15.16881  -9.33850  1.000 23.08000 ? 136 ARG A NH2 1 
ATOM   1025 N N   . LYS A 1 137 ? 1.57518   15.36324  -8.51256  1.000 18.33000 ? 137 LYS A N   1 
ATOM   1026 C CA  . LYS A 1 137 ? 0.48919   16.34229  -8.70623  1.000 19.33000 ? 137 LYS A CA  1 
ATOM   1027 C C   . LYS A 1 137 ? -0.83962  15.76998  -8.22888  1.000 19.67000 ? 137 LYS A C   1 
ATOM   1028 O O   . LYS A 1 137 ? -1.56995  16.44812  -7.51300  1.000 20.12000 ? 137 LYS A O   1 
ATOM   1029 C CB  . LYS A 1 137 ? 0.48974   16.83821  -10.14908 1.000 19.87000 ? 137 LYS A CB  1 
ATOM   1030 C CG  . LYS A 1 137 ? -0.68194  17.71245  -10.53014 1.000 21.18000 ? 137 LYS A CG  1 
ATOM   1031 C CD  . LYS A 1 137 ? -0.50900  18.28171  -11.91875 1.000 21.83000 ? 137 LYS A CD  1 
ATOM   1032 C CE  . LYS A 1 137 ? -1.68148  19.17039  -12.24933 1.000 24.27000 ? 137 LYS A CE  1 
ATOM   1033 N NZ  . LYS A 1 137 ? -1.52361  19.81715  -13.57056 1.000 25.90000 ? 137 LYS A NZ  1 
ATOM   1034 N N   . LEU A 1 138 ? -1.14305  14.52392  -8.59881  1.000 17.66000 ? 138 LEU A N   1 
ATOM   1035 C CA  . LEU A 1 138 ? -2.43266  13.93215  -8.26411  1.000 16.20000 ? 138 LEU A CA  1 
ATOM   1036 C C   . LEU A 1 138 ? -2.50837  13.78351  -6.74415  1.000 18.49000 ? 138 LEU A C   1 
ATOM   1037 O O   . LEU A 1 138 ? -3.54934  14.05026  -6.16008  1.000 19.82000 ? 138 LEU A O   1 
ATOM   1038 C CB  . LEU A 1 138 ? -2.49131  12.58841  -8.97680  1.000 19.76000 ? 138 LEU A CB  1 
ATOM   1039 C CG  . LEU A 1 138 ? -3.76300  11.80560  -8.90618  1.000 22.40000 ? 138 LEU A CG  1 
ATOM   1040 C CD1 . LEU A 1 138 ? -4.99915  12.63776  -9.23096  1.000 24.03000 ? 138 LEU A CD1 1 
ATOM   1041 C CD2 . LEU A 1 138 ? -3.63421  10.65628  -9.88263  1.000 23.01000 ? 138 LEU A CD2 1 
ATOM   1042 N N   . LYS A 1 139 ? -1.43292  13.31985  -6.10543  1.000 18.40000 ? 139 LYS A N   1 
ATOM   1043 C CA  . LYS A 1 139 ? -1.38209  13.19260  -4.62712  1.000 19.67000 ? 139 LYS A CA  1 
ATOM   1044 C C   . LYS A 1 139 ? -1.71794  14.53500  -3.97880  1.000 20.17000 ? 139 LYS A C   1 
ATOM   1045 O O   . LYS A 1 139 ? -2.53787  14.60457  -3.05187  1.000 23.12000 ? 139 LYS A O   1 
ATOM   1046 C CB  . LYS A 1 139 ? -0.04440  12.64714  -4.15504  1.000 20.06000 ? 139 LYS A CB  1 
ATOM   1047 C CG  . LYS A 1 139 ? 0.11227   12.54389  -2.64704  1.000 23.35000 ? 139 LYS A CG  1 
ATOM   1048 C CD  . LYS A 1 139 ? 1.52327   12.19345  -2.28244  1.000 25.51000 ? 139 LYS A CD  1 
ATOM   1049 C CE  . LYS A 1 139 ? 1.84867   12.38711  -0.80953  1.000 33.93000 ? 139 LYS A CE  1 
ATOM   1050 N NZ  . LYS A 1 139 ? 3.29412   12.11697  -0.57063  1.000 32.59000 ? 139 LYS A NZ  1 
ATOM   1051 N N   . GLU A 1 140 ? -1.10303  15.60662  -4.47200  1.000 19.66000 ? 140 GLU A N   1 
ATOM   1052 C CA  . GLU A 1 140 ? -1.31364  16.96808  -3.88560  1.000 20.68000 ? 140 GLU A CA  1 
ATOM   1053 C C   . GLU A 1 140 ? -2.76916  17.39604  -4.06598  1.000 22.07000 ? 140 GLU A C   1 
ATOM   1054 O O   . GLU A 1 140 ? -3.34446  18.00992  -3.13054  1.000 22.53000 ? 140 GLU A O   1 
ATOM   1055 C CB  . GLU A 1 140 ? -0.32032  17.96462  -4.46800  1.000 22.71000 ? 140 GLU A CB  1 
ATOM   1056 C CG  . GLU A 1 140 ? -0.49375  19.35016  -3.85167  1.000 30.26000 ? 140 GLU A CG  1 
ATOM   1057 C CD  . GLU A 1 140 ? 0.41487   20.47213  -4.34312  1.000 41.94000 ? 140 GLU A CD  1 
ATOM   1058 O OE1 . GLU A 1 140 ? 0.17466   20.98601  -5.46319  1.000 45.30000 ? 140 GLU A OE1 1 
ATOM   1059 O OE2 . GLU A 1 140 ? 1.32706   20.87727  -3.58429  1.000 48.42000 ? 140 GLU A OE2 1 
ATOM   1060 N N   . ILE A 1 141 ? -3.41439  17.06826  -5.17152  1.000 20.23000 ? 141 ILE A N   1 
ATOM   1061 C CA  . ILE A 1 141 ? -4.82318  17.42906  -5.36809  1.000 18.50000 ? 141 ILE A CA  1 
ATOM   1062 C C   . ILE A 1 141 ? -5.66442  16.67707  -4.35350  1.000 20.24000 ? 141 ILE A C   1 
ATOM   1063 O O   . ILE A 1 141 ? -6.60029  17.25297  -3.76371  1.000 21.92000 ? 141 ILE A O   1 
ATOM   1064 C CB  . ILE A 1 141 ? -5.27530  17.12706  -6.80405  1.000 17.84000 ? 141 ILE A CB  1 
ATOM   1065 C CG1 . ILE A 1 141 ? -4.57621  18.07185  -7.78203  1.000 21.37000 ? 141 ILE A CG1 1 
ATOM   1066 C CG2 . ILE A 1 141 ? -6.79569  17.14521  -6.92042  1.000 20.91000 ? 141 ILE A CG2 1 
ATOM   1067 C CD1 . ILE A 1 141 ? -4.71801  17.65074  -9.21834  1.000 23.56000 ? 141 ILE A CD1 1 
ATOM   1068 N N   . LEU A 1 142 ? -5.41031  15.37281  -4.21869  1.000 19.66000 ? 142 LEU A N   1 
ATOM   1069 C CA  . LEU A 1 142 ? -6.33786  14.53462  -3.42758  1.000 19.28000 ? 142 LEU A CA  1 
ATOM   1070 C C   . LEU A 1 142 ? -6.13271  14.72332  -1.93387  1.000 21.20000 ? 142 LEU A C   1 
ATOM   1071 O O   . LEU A 1 142 ? -7.10884  14.53022  -1.18434  1.000 21.56000 ? 142 LEU A O   1 
ATOM   1072 C CB  . LEU A 1 142 ? -6.09326  13.07263  -3.81812  1.000 17.82000 ? 142 LEU A CB  1 
ATOM   1073 C CG  . LEU A 1 142 ? -6.57415  12.73995  -5.24378  1.000 19.60000 ? 142 LEU A CG  1 
ATOM   1074 C CD1 . LEU A 1 142 ? -5.97780  11.40811  -5.71335  1.000 18.89000 ? 142 LEU A CD1 1 
ATOM   1075 C CD2 . LEU A 1 142 ? -8.08329  12.73282  -5.38465  1.000 19.75000 ? 142 LEU A CD2 1 
ATOM   1076 N N   . LYS A 1 143 ? -4.92714  14.92743  -1.47396  1.000 19.51000 ? 143 LYS A N   1 
ATOM   1077 C CA  . LYS A 1 143 ? -4.61238  14.83684  -0.01351  1.000 21.20000 ? 143 LYS A CA  1 
ATOM   1078 C C   . LYS A 1 143 ? -5.25241  16.01379  0.72935   1.000 23.01000 ? 143 LYS A C   1 
ATOM   1079 O O   . LYS A 1 143 ? -4.85458  17.15277  0.56598   1.000 25.36000 ? 143 LYS A O   1 
ATOM   1080 C CB  . LYS A 1 143 ? -3.11025  14.72105  0.22458   1.000 23.49000 ? 143 LYS A CB  1 
ATOM   1081 C CG  . LYS A 1 143 ? -2.67882  14.49849  1.67113   1.000 27.70000 ? 143 LYS A CG  1 
ATOM   1082 C CD  . LYS A 1 143 ? -1.24175  14.02394  1.73408   1.000 34.11000 ? 143 LYS A CD  1 
ATOM   1083 C CE  . LYS A 1 143 ? -0.45473  14.58037  2.90217   1.000 42.47000 ? 143 LYS A CE  1 
ATOM   1084 N NZ  . LYS A 1 143 ? -0.75263  13.82194  4.12838   1.000 46.75000 ? 143 LYS A NZ  1 
ATOM   1085 N N   . MET A 1 144 ? -6.15118  15.69025  1.63155   1.000 23.58000 ? 144 MET A N   1 
ATOM   1086 C CA  . MET A 1 144 ? -6.83599  16.73825  2.41373   1.000 27.50000 ? 144 MET A CA  1 
ATOM   1087 C C   . MET A 1 144 ? -5.91321  17.27090  3.50417   1.000 34.68000 ? 144 MET A C   1 
ATOM   1088 O O   . MET A 1 144 ? -5.08688  16.53319  3.97798   1.000 32.82000 ? 144 MET A O   1 
ATOM   1089 C CB  . MET A 1 144 ? -8.07945  16.14792  3.06597   1.000 26.89000 ? 144 MET A CB  1 
ATOM   1090 C CG  . MET A 1 144 ? -9.14704  15.90361  2.06111   1.000 25.10000 ? 144 MET A CG  1 
ATOM   1091 S SD  . MET A 1 144 ? -10.54542 15.10264  2.78425   1.000 28.97000 ? 144 MET A SD  1 
ATOM   1092 C CE  . MET A 1 144 ? -11.45421 16.52027  3.38685   1.000 33.49000 ? 144 MET A CE  1 
ATOM   1093 N N   . ASN A 1 145 ? -6.17482  18.51076  3.92337   1.000 37.97000 ? 145 ASN A N   1 
ATOM   1094 C CA  . ASN A 1 145 ? -5.46437  19.23287  5.01441   1.000 48.28000 ? 145 ASN A CA  1 
ATOM   1095 C C   . ASN A 1 145 ? -6.04940  18.87874  6.37857   1.000 48.89000 ? 145 ASN A C   1 
ATOM   1096 O O   . ASN A 1 145 ? -6.31558  17.70765  6.64401   1.000 54.47000 ? 145 ASN A O   1 
ATOM   1097 C CB  . ASN A 1 145 ? -5.68643  20.73987  4.91284   1.000 49.92000 ? 145 ASN A CB  1 
ATOM   1098 C CG  . ASN A 1 145 ? -5.34072  21.29459  3.55075   1.000 52.72000 ? 145 ASN A CG  1 
ATOM   1099 O OD1 . ASN A 1 145 ? -6.11542  22.02328  2.94917   1.000 57.90000 ? 145 ASN A OD1 1 
ATOM   1100 N ND2 . ASN A 1 145 ? -4.17564  20.94358  3.05490   1.000 52.33000 ? 145 ASN A ND2 1 
HETATM 1101 C C1  . PLM B 2 .   ? 1.30261   -2.78108  -3.96636  1.000 37.76000 ? 201 PLM A C1  1 
HETATM 1102 O O1  . PLM B 2 .   ? 1.62165   -1.57228  -4.06414  1.000 40.05000 ? 201 PLM A O1  1 
HETATM 1103 O O2  . PLM B 2 .   ? 1.37612   -3.45389  -2.88231  1.000 39.03000 ? 201 PLM A O2  1 
HETATM 1104 C C2  . PLM B 2 .   ? 0.89911   -3.50539  -5.23827  1.000 32.29000 ? 201 PLM A C2  1 
HETATM 1105 C C3  . PLM B 2 .   ? 0.30262   -2.64908  -6.29677  1.000 37.64000 ? 201 PLM A C3  1 
HETATM 1106 C C4  . PLM B 2 .   ? 1.20373   -2.51421  -7.48738  1.000 35.82000 ? 201 PLM A C4  1 
HETATM 1107 C C5  . PLM B 2 .   ? 0.73714   -1.52255  -8.52507  1.000 34.21000 ? 201 PLM A C5  1 
HETATM 1108 C C6  . PLM B 2 .   ? 1.79830   -0.56015  -8.89847  1.000 32.84000 ? 201 PLM A C6  1 
HETATM 1109 C C7  . PLM B 2 .   ? 1.41810   0.44753   -9.93361  1.000 31.08000 ? 201 PLM A C7  1 
HETATM 1110 C C8  . PLM B 2 .   ? 2.43477   1.54413   -10.07283 1.000 27.32000 ? 201 PLM A C8  1 
HETATM 1111 C C9  . PLM B 2 .   ? 3.75354   1.06252   -10.59162 1.000 34.25000 ? 201 PLM A C9  1 
HETATM 1112 C CA  . PLM B 2 .   ? 4.60954   2.11085   -11.13379 1.000 30.95000 ? 201 PLM A CA  1 
HETATM 1113 C CB  . PLM B 2 .   ? 5.62758   1.52714   -12.06583 1.000 34.44000 ? 201 PLM A CB  1 
HETATM 1114 C CC  . PLM B 2 .   ? 6.45480   2.47517   -12.82205 1.000 34.68000 ? 201 PLM A CC  1 
HETATM 1115 C CD  . PLM B 2 .   ? 5.75370   3.68812   -13.34590 1.000 32.39000 ? 201 PLM A CD  1 
HETATM 1116 C CE  . PLM B 2 .   ? 5.77412   3.83705   -14.83492 1.000 30.86000 ? 201 PLM A CE  1 
HETATM 1117 C CF  . PLM B 2 .   ? 4.55699   3.35973   -15.49049 1.000 32.71000 ? 201 PLM A CF  1 
HETATM 1118 C CG  . PLM B 2 .   ? 4.38643   3.83208   -16.90132 1.000 31.42000 ? 201 PLM A CG  1 
HETATM 1119 O O   . HOH C 3 .   ? 14.23829  0.88023   10.68721  1.000 34.24000 ? 301 HOH A O   1 
HETATM 1120 O O   . HOH C 3 .   ? 1.61033   20.04112  -7.18571  1.000 38.00000 ? 302 HOH A O   1 
HETATM 1121 O O   . HOH C 3 .   ? 7.17118   -14.46107 7.74609   1.000 32.15000 ? 303 HOH A O   1 
HETATM 1122 O O   . HOH C 3 .   ? -5.77106  -9.71641  5.55282   1.000 26.49000 ? 304 HOH A O   1 
HETATM 1123 O O   . HOH C 3 .   ? -0.36379  -14.20486 8.73182   1.000 38.26000 ? 305 HOH A O   1 
HETATM 1124 O O   . HOH C 3 .   ? 13.43491  4.27328   10.50329  1.000 33.71000 ? 306 HOH A O   1 
HETATM 1125 O O   . HOH C 3 .   ? -19.97107 -0.55502  10.32975  1.000 41.61000 ? 307 HOH A O   1 
HETATM 1126 O O   . HOH C 3 .   ? 10.69106  12.99133  -13.20530 1.000 27.12000 ? 308 HOH A O   1 
HETATM 1127 O O   . HOH C 3 .   ? -5.88650  -12.15151 -13.54317 1.000 39.44000 ? 309 HOH A O   1 
HETATM 1128 O O   . HOH C 3 .   ? 0.65476   14.17295  -16.50195 1.000 29.46000 ? 310 HOH A O   1 
HETATM 1129 O O   . HOH C 3 .   ? -14.80341 16.16803  -16.04180 1.000 40.25000 ? 311 HOH A O   1 
HETATM 1130 O O   . HOH C 3 .   ? 16.12754  -6.52520  0.91302   1.000 37.21000 ? 312 HOH A O   1 
HETATM 1131 O O   . HOH C 3 .   ? 2.25608   -5.54563  20.12852  1.000 36.85000 ? 313 HOH A O   1 
HETATM 1132 O O   . HOH C 3 .   ? 6.26655   -15.86897 11.08509  1.000 40.86000 ? 314 HOH A O   1 
HETATM 1133 O O   . HOH C 3 .   ? 4.30064   -16.19310 -4.76723  1.000 36.16000 ? 315 HOH A O   1 
HETATM 1134 O O   . HOH C 3 .   ? -13.05068 -0.64419  -11.19439 1.000 38.66000 ? 316 HOH A O   1 
HETATM 1135 O O   . HOH C 3 .   ? 9.59773   4.86465   13.00243  1.000 31.80000 ? 317 HOH A O   1 
HETATM 1136 O O   . HOH C 3 .   ? 13.32320  11.42870  -10.67121 1.000 38.13000 ? 318 HOH A O   1 
HETATM 1137 O O   . HOH C 3 .   ? -13.09485 6.92807   -21.72171 1.000 30.81000 ? 319 HOH A O   1 
HETATM 1138 O O   . HOH C 3 .   ? -13.36999 -1.49342  15.27680  1.000 35.47000 ? 320 HOH A O   1 
HETATM 1139 O O   . HOH C 3 .   ? 13.01226  1.68384   -18.54733 1.000 38.97000 ? 321 HOH A O   1 
HETATM 1140 O O   . HOH C 3 .   ? -9.10279  10.08737  14.35809  1.000 45.36000 ? 322 HOH A O   1 
HETATM 1141 O O   . HOH C 3 .   ? -11.50314 -6.03671  -13.50925 1.000 43.75000 ? 323 HOH A O   1 
HETATM 1142 O O   . HOH C 3 .   ? 6.92181   -11.91906 -13.20448 1.000 36.44000 ? 324 HOH A O   1 
HETATM 1143 O O   . HOH C 3 .   ? 4.32462   -13.27561 -13.11255 1.000 30.41000 ? 325 HOH A O   1 
HETATM 1144 O O   . HOH C 3 .   ? -10.17771 0.81868   -20.24216 1.000 35.85000 ? 326 HOH A O   1 
HETATM 1145 O O   . HOH C 3 .   ? -2.60673  18.27647  -0.56371  1.000 30.09000 ? 327 HOH A O   1 
HETATM 1146 O O   . HOH C 3 .   ? -8.04289  20.02540  2.73147   1.000 47.42000 ? 328 HOH A O   1 
HETATM 1147 O O   . HOH C 3 .   ? 15.17970  8.18024   -15.65252 1.000 37.56000 ? 329 HOH A O   1 
HETATM 1148 O O   . HOH C 3 .   ? -11.19346 0.20483   -16.93774 1.000 35.60000 ? 330 HOH A O   1 
HETATM 1149 O O   . HOH C 3 .   ? 10.08624  -7.65188  -20.75950 1.000 36.46000 ? 331 HOH A O   1 
HETATM 1150 O O   . HOH C 3 .   ? 4.96452   -3.85379  0.84862   1.000 28.41000 ? 332 HOH A O   1 
HETATM 1151 O O   . HOH C 3 .   ? -0.99875  -2.83292  22.11492  1.000 39.67000 ? 333 HOH A O   1 
HETATM 1152 O O   . HOH C 3 .   ? 13.05068  -11.99547 -1.08377  1.000 30.62000 ? 334 HOH A O   1 
HETATM 1153 O O   . HOH C 3 .   ? -13.71246 -5.20047  14.64376  1.000 37.98000 ? 335 HOH A O   1 
HETATM 1154 O O   . HOH C 3 .   ? 13.60721  -13.57607 2.29924   1.000 29.77000 ? 336 HOH A O   1 
HETATM 1155 O O   . HOH C 3 .   ? -7.35430  19.84056  -4.18731  1.000 27.47000 ? 337 HOH A O   1 
HETATM 1156 O O   . HOH C 3 .   ? -13.47040 5.86867   10.92267  1.000 32.40000 ? 338 HOH A O   1 
HETATM 1157 O O   . HOH C 3 .   ? -10.33106 6.40073   -23.89667 1.000 38.19000 ? 339 HOH A O   1 
HETATM 1158 O O   . HOH C 3 .   ? -0.01462  -2.64000  0.94596   1.000 35.89000 ? 340 HOH A O   1 
HETATM 1159 O O   . HOH C 3 .   ? -14.61574 3.03052   -11.03292 1.000 27.93000 ? 341 HOH A O   1 
HETATM 1160 O O   . HOH C 3 .   ? 11.25832  -7.33104  -17.63379 1.000 31.12000 ? 342 HOH A O   1 
HETATM 1161 O O   . HOH C 3 .   ? 15.80065  -3.79884  11.36810  1.000 31.66000 ? 343 HOH A O   1 
HETATM 1162 O O   . HOH C 3 .   ? -15.73108 5.39551   -19.58190 1.000 39.70000 ? 344 HOH A O   1 
HETATM 1163 O O   . HOH C 3 .   ? 4.36439   -14.13939 13.63105  1.000 38.37000 ? 345 HOH A O   1 
HETATM 1164 O O   . HOH C 3 .   ? -2.74371  -9.89145  -12.45190 1.000 21.74000 ? 346 HOH A O   1 
HETATM 1165 O O   . HOH C 3 .   ? 0.71096   -11.17724 0.80166   1.000 28.66000 ? 347 HOH A O   1 
HETATM 1166 O O   . HOH C 3 .   ? -7.34782  -1.07095  2.03231   1.000 37.40000 ? 348 HOH A O   1 
HETATM 1167 O O   . HOH C 3 .   ? 5.70542   -2.67553  -23.16024 1.000 33.12000 ? 349 HOH A O   1 
HETATM 1168 O O   . HOH C 3 .   ? 2.70106   5.50552   -21.99439 1.000 34.31000 ? 350 HOH A O   1 
HETATM 1169 O O   . HOH C 3 .   ? 6.77805   -11.83621 11.40088  1.000 28.68000 ? 351 HOH A O   1 
HETATM 1170 O O   . HOH C 3 .   ? -7.11225  2.75159   0.67767   1.000 32.88000 ? 352 HOH A O   1 
HETATM 1171 O O   . HOH C 3 .   ? 11.01797  14.08247  -10.58894 1.000 27.22000 ? 353 HOH A O   1 
HETATM 1172 O O   . HOH C 3 .   ? -12.68256 -7.22271  10.76637  1.000 40.70000 ? 354 HOH A O   1 
HETATM 1173 O O   . HOH C 3 .   ? -4.31155  -9.26129  19.75321  1.000 41.04000 ? 355 HOH A O   1 
HETATM 1174 O O   . HOH C 3 .   ? 1.67746   -11.69874 20.93453  1.000 46.02000 ? 356 HOH A O   1 
HETATM 1175 O O   . HOH C 3 .   ? -8.37760  22.28379  1.33823   1.000 53.51000 ? 357 HOH A O   1 
HETATM 1176 O O   . HOH C 3 .   ? -5.02001  -7.90848  10.01733  1.000 33.18000 ? 358 HOH A O   1 
HETATM 1177 O O   . HOH C 3 .   ? 12.07787  -0.48768  1.87378   1.000 30.17000 ? 359 HOH A O   1 
HETATM 1178 O O   . HOH C 3 .   ? 2.78096   15.44836  -3.82323  1.000 29.25000 ? 360 HOH A O   1 
HETATM 1179 O O   . HOH C 3 .   ? 4.39500   17.20691  -9.74481  1.000 22.09000 ? 361 HOH A O   1 
HETATM 1180 O O   . HOH C 3 .   ? 7.13417   17.44750  -9.33776  1.000 23.42000 ? 362 HOH A O   1 
HETATM 1181 O O   . HOH C 3 .   ? -3.02830  21.45362  -15.29718 1.000 37.85000 ? 363 HOH A O   1 
HETATM 1182 O O   . HOH C 3 .   ? 13.47413  -1.44870  -8.25849  1.000 32.27000 ? 364 HOH A O   1 
HETATM 1183 O O   . HOH C 3 .   ? 12.23799  0.13996   -0.77918  1.000 28.18000 ? 365 HOH A O   1 
HETATM 1184 O O   . HOH C 3 .   ? 3.07790   -14.52294 -1.89189  1.000 37.47000 ? 366 HOH A O   1 
HETATM 1185 O O   . HOH C 3 .   ? 5.59345   -11.97495 14.34101  1.000 30.55000 ? 367 HOH A O   1 
HETATM 1186 O O   . HOH C 3 .   ? -14.32107 4.29022   6.28359   1.000 28.29000 ? 368 HOH A O   1 
HETATM 1187 O O   . HOH C 3 .   ? -1.15284  19.28467  -7.30589  1.000 31.24000 ? 369 HOH A O   1 
HETATM 1188 O O   . HOH C 3 .   ? 12.11258  -0.71804  -14.17057 1.000 29.46000 ? 370 HOH A O   1 
HETATM 1189 O O   . HOH C 3 .   ? 14.95084  -4.77921  4.25433   1.000 27.01000 ? 371 HOH A O   1 
HETATM 1190 O O   . HOH C 3 .   ? -11.36575 2.49859   -23.63409 1.000 37.80000 ? 372 HOH A O   1 
HETATM 1191 O O   . HOH C 3 .   ? -0.19141  -14.58725 13.92400  1.000 44.56000 ? 373 HOH A O   1 
HETATM 1192 O O   . HOH C 3 .   ? 11.64847  -9.13505  -5.22177  1.000 28.12000 ? 374 HOH A O   1 
HETATM 1193 O O   . HOH C 3 .   ? 6.49745   -12.08852 17.47741  1.000 38.84000 ? 375 HOH A O   1 
HETATM 1194 O O   . HOH C 3 .   ? 9.47834   -6.23300  -23.21471 1.000 39.38000 ? 376 HOH A O   1 
HETATM 1195 O O   . HOH C 3 .   ? 3.96976   8.18253   -17.64087 1.000 25.38000 ? 377 HOH A O   1 
HETATM 1196 O O   . HOH C 3 .   ? -1.98291  2.04191   -0.24577  1.000 29.51000 ? 378 HOH A O   1 
HETATM 1197 O O   . HOH C 3 .   ? 14.59296  -3.98983  -9.60418  1.000 32.60000 ? 379 HOH A O   1 
HETATM 1198 O O   . HOH C 3 .   ? 8.10215   -10.04400 21.87041  1.000 34.09000 ? 380 HOH A O   1 
HETATM 1199 O O   . HOH C 3 .   ? 2.00322   -12.05569 -18.16291 1.000 42.32000 ? 381 HOH A O   1 
HETATM 1200 O O   . HOH C 3 .   ? -18.50449 1.21529   11.27392  1.000 37.41000 ? 382 HOH A O   1 
HETATM 1201 O O   . HOH C 3 .   ? -4.51508  -4.40333  -2.76411  1.000 38.05000 ? 383 HOH A O   1 
HETATM 1202 O O   . HOH C 3 .   ? 14.22172  -4.82215  6.96548   1.000 24.84000 ? 384 HOH A O   1 
HETATM 1203 O O   . HOH C 3 .   ? -10.37926 6.60060   16.37637  1.000 37.50000 ? 385 HOH A O   1 
HETATM 1204 O O   . HOH C 3 .   ? 14.36606  3.95427   -21.38554 1.000 35.21000 ? 386 HOH A O   1 
HETATM 1205 O O   . HOH C 3 .   ? 4.03876   -12.70856 -17.47959 1.000 44.02000 ? 387 HOH A O   1 
HETATM 1206 O O   . HOH C 3 .   ? 5.36637   4.15749   14.71482  1.000 31.57000 ? 388 HOH A O   1 
HETATM 1207 O O   . HOH C 3 .   ? 13.81605  -0.54907  -19.19469 1.000 38.16000 ? 389 HOH A O   1 
HETATM 1208 O O   . HOH C 3 .   ? 9.35659   1.21978   14.76145  1.000 27.31000 ? 390 HOH A O   1 
HETATM 1209 O O   . HOH C 3 .   ? -2.15148  -12.92245 14.55533  1.000 42.63000 ? 391 HOH A O   1 
HETATM 1210 O O   . HOH C 3 .   ? 5.72696   -14.92116 -1.30700  1.000 36.51000 ? 392 HOH A O   1 
HETATM 1211 O O   . HOH C 3 .   ? 7.55486   3.67537   16.37723  0.50  31.64000 ? 393 HOH A O   1 
HETATM 1212 O O   . HOH C 3 .   ? 2.37965   9.94315   -16.32230 1.000 25.50000 ? 394 HOH A O   1 
HETATM 1213 O O   . HOH C 3 .   ? 14.06531  -7.80440  -15.72305 1.000 35.78000 ? 395 HOH A O   1 
HETATM 1214 O O   . HOH C 3 .   ? -16.98974 3.89377   9.73866   1.000 33.45000 ? 396 HOH A O   1 
HETATM 1215 O O   . HOH C 3 .   ? 5.25295   6.41350   -24.20364 1.000 36.43000 ? 397 HOH A O   1 
HETATM 1216 O O   . HOH C 3 .   ? -10.59782 -0.68518  0.40253   1.000 39.15000 ? 398 HOH A O   1 
HETATM 1217 O O   . HOH C 3 .   ? 12.62572  6.48154   9.99217   1.000 44.99000 ? 399 HOH A O   1 
HETATM 1218 O O   . HOH C 3 .   ? -2.85387  -12.61659 9.85877   1.000 35.18000 ? 400 HOH A O   1 
HETATM 1219 O O   . HOH C 3 .   ? -7.48696  -3.83301  18.21027  1.000 44.10000 ? 401 HOH A O   1 
HETATM 1220 O O   . HOH C 3 .   ? 5.49795   -0.33752  21.03375  1.000 34.84000 ? 402 HOH A O   1 
HETATM 1221 O O   . HOH C 3 .   ? 11.99382  -0.05929  -21.98339 1.000 39.65000 ? 403 HOH A O   1 
HETATM 1222 O O   . HOH C 3 .   ? -14.75045 -5.93396  17.17073  1.000 46.54000 ? 404 HOH A O   1 
HETATM 1223 O O   . HOH C 3 .   ? 12.11226  0.13350   -16.93461 1.000 31.18000 ? 405 HOH A O   1 
HETATM 1224 O O   . HOH C 3 .   ? -7.67698  -3.73056  6.73923   1.000 43.87000 ? 406 HOH A O   1 
HETATM 1225 O O   . HOH C 3 .   ? 4.95926   13.57610  -2.92491  1.000 35.44000 ? 407 HOH A O   1 
HETATM 1226 O O   . HOH C 3 .   ? 3.03478   18.07002  -7.33948  1.000 27.90000 ? 408 HOH A O   1 
HETATM 1227 O O   . HOH C 3 .   ? 6.25975   -16.81343 6.59404   1.000 40.46000 ? 409 HOH A O   1 
HETATM 1228 O O   . HOH C 3 .   ? -5.63225  -5.85092  7.80695   1.000 39.81000 ? 410 HOH A O   1 
HETATM 1229 O O   . HOH C 3 .   ? 6.77994   5.14522   12.49396  1.000 31.96000 ? 411 HOH A O   1 
HETATM 1230 O O   . HOH C 3 .   ? -15.47713 -7.15537  8.20286   1.000 41.77000 ? 412 HOH A O   1 
HETATM 1231 O O   . HOH C 3 .   ? 15.19205  -2.84096  -11.84519 1.000 42.05000 ? 413 HOH A O   1 
HETATM 1232 O O   . HOH C 3 .   ? -12.57478 -1.61351  -7.76167  1.000 33.60000 ? 414 HOH A O   1 
HETATM 1233 O O   . HOH C 3 .   ? 3.69396   17.82810  -4.88537  1.000 37.88000 ? 415 HOH A O   1 
HETATM 1234 O O   . HOH C 3 .   ? -8.89495  -1.49289  18.78832  1.000 48.01000 ? 416 HOH A O   1 
HETATM 1235 O O   . HOH C 3 .   ? -15.02606 3.08014   -18.19082 1.000 38.06000 ? 417 HOH A O   1 
HETATM 1236 O O   . HOH C 3 .   ? 10.98149  -11.94892 -5.26788  1.000 35.55000 ? 418 HOH A O   1 
HETATM 1237 O O   . HOH C 3 .   ? 5.12233   -10.55417 -17.94326 1.000 41.55000 ? 419 HOH A O   1 
HETATM 1238 O O   . HOH C 3 .   ? -0.48970  -13.88911 16.01953  1.000 45.24000 ? 420 HOH A O   1 
HETATM 1239 O O   . HOH C 3 .   ? 0.18449   -15.55971 -0.43717  1.000 41.64000 ? 421 HOH A O   1 
HETATM 1240 O O   . HOH C 3 .   ? -5.82761  -11.29373 19.92838  1.000 48.11000 ? 422 HOH A O   1 
HETATM 1241 O O   . HOH C 3 .   ? 14.24112  11.24278  -26.57313 1.000 44.96000 ? 423 HOH A O   1 
HETATM 1242 O O   . HOH C 3 .   ? -6.08962  -11.37175 7.96159   1.000 40.68000 ? 424 HOH A O   1 
HETATM 1243 O O   . HOH C 3 .   ? 10.01614  0.30126   -23.38538 1.000 41.35000 ? 425 HOH A O   1 
HETATM 1244 O O   . HOH C 3 .   ? 12.28906  -9.80944  -7.88022  1.000 32.43000 ? 426 HOH A O   1 
HETATM 1245 O O   . HOH C 3 .   ? 1.26780   15.92068  -1.40964  1.000 35.56000 ? 427 HOH A O   1 
HETATM 1246 O O   . HOH C 3 .   ? 10.70758  2.69521   0.24576   1.000 38.54000 ? 428 HOH A O   1 
HETATM 1247 O O   . HOH C 3 .   ? 6.79218   -11.63618 -16.19592 1.000 43.69000 ? 429 HOH A O   1 
HETATM 1248 O O   . HOH C 3 .   ? -4.25015  -12.93722 16.69115  1.000 46.05000 ? 430 HOH A O   1 
HETATM 1249 O O   . HOH C 3 .   ? 5.94331   8.51068   -23.97734 1.000 38.37000 ? 431 HOH A O   1 
HETATM 1250 O O   . HOH C 3 .   ? -3.21471  -13.63597 12.05380  1.000 41.01000 ? 432 HOH A O   1 
HETATM 1251 O O   . HOH C 3 .   ? -16.55602 3.75943   5.05628   1.000 41.03000 ? 433 HOH A O   1 
HETATM 1252 O O   . HOH C 3 .   ? -0.93588  24.03905  -13.86413 1.000 40.89000 ? 434 HOH A O   1 
HETATM 1253 O O   . HOH C 3 .   ? -15.13730 5.52044   8.67062   1.000 35.08000 ? 435 HOH A O   1 
HETATM 1254 O O   . HOH C 3 .   ? 14.12644  0.59164   2.99626   1.000 43.10000 ? 436 HOH A O   1 
HETATM 1255 O O   . HOH C 3 .   ? -12.81967 8.63246   -23.71973 1.000 41.04000 ? 437 HOH A O   1 
HETATM 1256 O O   . HOH C 3 .   ? -0.98307  -16.92059 -4.55598  1.000 41.56000 ? 438 HOH A O   1 
HETATM 1257 O O   . HOH C 3 .   ? -0.01070  17.79737  -0.17366  1.000 37.25000 ? 439 HOH A O   1 
HETATM 1258 O O   . HOH C 3 .   ? -5.22194  21.38246  -5.43002  1.000 32.10000 ? 440 HOH A O   1 
HETATM 1259 O O   . HOH C 3 .   ? -7.13499  -1.52904  -1.10330  0.50  41.67000 ? 441 HOH A O   1 
HETATM 1260 O O   . HOH C 3 .   ? 8.24235   5.54350   3.79431   1.000 46.19000 ? 442 HOH A O   1 
HETATM 1261 O O   . HOH C 3 .   ? -1.81876  -16.58121 -1.98642  1.000 31.89000 ? 443 HOH A O   1 
# 
